data_7C4I
# 
_entry.id   7C4I 
# 
_audit_conform.dict_name       mmcif_pdbx.dic 
_audit_conform.dict_version    5.380 
_audit_conform.dict_location   http://mmcif.pdb.org/dictionaries/ascii/mmcif_pdbx.dic 
# 
loop_
_database_2.database_id 
_database_2.database_code 
_database_2.pdbx_database_accession 
_database_2.pdbx_DOI 
PDB   7C4I         pdb_00007c4i 10.2210/pdb7c4i/pdb 
WWPDB D_1300016967 ?            ?                   
# 
_pdbx_database_status.status_code                     REL 
_pdbx_database_status.status_code_sf                  REL 
_pdbx_database_status.status_code_mr                  ? 
_pdbx_database_status.entry_id                        7C4I 
_pdbx_database_status.recvd_initial_deposition_date   2020-05-18 
_pdbx_database_status.SG_entry                        N 
_pdbx_database_status.deposit_site                    PDBJ 
_pdbx_database_status.process_site                    PDBJ 
_pdbx_database_status.status_code_cs                  ? 
_pdbx_database_status.status_code_nmr_data            ? 
_pdbx_database_status.methods_development_category    ? 
_pdbx_database_status.pdb_format_compatible           Y 
# 
loop_
_audit_author.name 
_audit_author.pdbx_ordinal 
_audit_author.identifier_ORCID 
'Wang, F.' 1 0000-0002-4384-5834 
'Lin, D.'  2 0000-0003-1705-5297 
'Lv, Z.'   3 0000-0003-4936-8466 
'Zhu, B.'  4 0000-0002-4418-8223 
# 
_citation.abstract                  ? 
_citation.abstract_id_CAS           ? 
_citation.book_id_ISBN              ? 
_citation.book_publisher            ? 
_citation.book_publisher_city       ? 
_citation.book_title                ? 
_citation.coordinate_linkage        ? 
_citation.country                   ? 
_citation.database_id_Medline       ? 
_citation.details                   ? 
_citation.id                        primary 
_citation.journal_abbrev            'To Be Published' 
_citation.journal_id_ASTM           ? 
_citation.journal_id_CSD            0353 
_citation.journal_id_ISSN           ? 
_citation.journal_full              ? 
_citation.journal_issue             ? 
_citation.journal_volume            ? 
_citation.language                  ? 
_citation.page_first                ? 
_citation.page_last                 ? 
_citation.title                     'High resolution structure of BRPF1 Bromo Domain from Biortus' 
_citation.year                      ? 
_citation.database_id_CSD           ? 
_citation.pdbx_database_id_DOI      ? 
_citation.pdbx_database_id_PubMed   ? 
_citation.unpublished_flag          ? 
# 
loop_
_citation_author.citation_id 
_citation_author.name 
_citation_author.ordinal 
_citation_author.identifier_ORCID 
primary 'Wang, F.' 1 0000-0002-4384-5834 
primary 'Lin, D.'  2 0000-0003-1705-5297 
primary 'Lv, Z.'   3 0000-0003-4936-8466 
primary 'Zhu, B.'  4 0000-0002-4418-8223 
# 
_cell.angle_alpha                  90.000 
_cell.angle_alpha_esd              ? 
_cell.angle_beta                   90.000 
_cell.angle_beta_esd               ? 
_cell.angle_gamma                  120.000 
_cell.angle_gamma_esd              ? 
_cell.entry_id                     7C4I 
_cell.details                      ? 
_cell.formula_units_Z              ? 
_cell.length_a                     60.601 
_cell.length_a_esd                 ? 
_cell.length_b                     60.601 
_cell.length_b_esd                 ? 
_cell.length_c                     59.169 
_cell.length_c_esd                 ? 
_cell.volume                       ? 
_cell.volume_esd                   ? 
_cell.Z_PDB                        6 
_cell.reciprocal_angle_alpha       ? 
_cell.reciprocal_angle_beta        ? 
_cell.reciprocal_angle_gamma       ? 
_cell.reciprocal_angle_alpha_esd   ? 
_cell.reciprocal_angle_beta_esd    ? 
_cell.reciprocal_angle_gamma_esd   ? 
_cell.reciprocal_length_a          ? 
_cell.reciprocal_length_b          ? 
_cell.reciprocal_length_c          ? 
_cell.reciprocal_length_a_esd      ? 
_cell.reciprocal_length_b_esd      ? 
_cell.reciprocal_length_c_esd      ? 
_cell.pdbx_unique_axis             ? 
# 
_symmetry.entry_id                         7C4I 
_symmetry.cell_setting                     ? 
_symmetry.Int_Tables_number                154 
_symmetry.space_group_name_Hall            ? 
_symmetry.space_group_name_H-M             'P 32 2 1' 
_symmetry.pdbx_full_space_group_name_H-M   ? 
# 
loop_
_entity.id 
_entity.type 
_entity.src_method 
_entity.pdbx_description 
_entity.formula_weight 
_entity.pdbx_number_of_molecules 
_entity.pdbx_ec 
_entity.pdbx_mutation 
_entity.pdbx_fragment 
_entity.details 
1 polymer     man Peregrin        15629.786 1   ? ? ? ? 
2 non-polymer syn 'POTASSIUM ION' 39.098    4   ? ? ? ? 
3 non-polymer syn GLYCEROL        92.094    6   ? ? ? ? 
4 water       nat water           18.015    151 ? ? ? ? 
# 
_entity_name_com.entity_id   1 
_entity_name_com.name        'Bromodomain and PHD finger-containing protein 1,Protein Br140' 
# 
_entity_poly.entity_id                      1 
_entity_poly.type                           'polypeptide(L)' 
_entity_poly.nstd_linkage                   no 
_entity_poly.nstd_monomer                   no 
_entity_poly.pdbx_seq_one_letter_code       
;MGGSHHHHHHENLYFQGMEMQLTPFLILLRKTLEQLQEKDTGNIFSEPVPLSEVPDYLDHIKKPMDFFTMKQNLEAYRYL
NFDDFEEDFNLIVSNCLKYNAKDTIFYRAAVRLREQGGAVLRQARRQAEKMG
;
_entity_poly.pdbx_seq_one_letter_code_can   
;MGGSHHHHHHENLYFQGMEMQLTPFLILLRKTLEQLQEKDTGNIFSEPVPLSEVPDYLDHIKKPMDFFTMKQNLEAYRYL
NFDDFEEDFNLIVSNCLKYNAKDTIFYRAAVRLREQGGAVLRQARRQAEKMG
;
_entity_poly.pdbx_strand_id                 A 
_entity_poly.pdbx_target_identifier         ? 
# 
loop_
_entity_poly_seq.entity_id 
_entity_poly_seq.num 
_entity_poly_seq.mon_id 
_entity_poly_seq.hetero 
1 1   MET n 
1 2   GLY n 
1 3   GLY n 
1 4   SER n 
1 5   HIS n 
1 6   HIS n 
1 7   HIS n 
1 8   HIS n 
1 9   HIS n 
1 10  HIS n 
1 11  GLU n 
1 12  ASN n 
1 13  LEU n 
1 14  TYR n 
1 15  PHE n 
1 16  GLN n 
1 17  GLY n 
1 18  MET n 
1 19  GLU n 
1 20  MET n 
1 21  GLN n 
1 22  LEU n 
1 23  THR n 
1 24  PRO n 
1 25  PHE n 
1 26  LEU n 
1 27  ILE n 
1 28  LEU n 
1 29  LEU n 
1 30  ARG n 
1 31  LYS n 
1 32  THR n 
1 33  LEU n 
1 34  GLU n 
1 35  GLN n 
1 36  LEU n 
1 37  GLN n 
1 38  GLU n 
1 39  LYS n 
1 40  ASP n 
1 41  THR n 
1 42  GLY n 
1 43  ASN n 
1 44  ILE n 
1 45  PHE n 
1 46  SER n 
1 47  GLU n 
1 48  PRO n 
1 49  VAL n 
1 50  PRO n 
1 51  LEU n 
1 52  SER n 
1 53  GLU n 
1 54  VAL n 
1 55  PRO n 
1 56  ASP n 
1 57  TYR n 
1 58  LEU n 
1 59  ASP n 
1 60  HIS n 
1 61  ILE n 
1 62  LYS n 
1 63  LYS n 
1 64  PRO n 
1 65  MET n 
1 66  ASP n 
1 67  PHE n 
1 68  PHE n 
1 69  THR n 
1 70  MET n 
1 71  LYS n 
1 72  GLN n 
1 73  ASN n 
1 74  LEU n 
1 75  GLU n 
1 76  ALA n 
1 77  TYR n 
1 78  ARG n 
1 79  TYR n 
1 80  LEU n 
1 81  ASN n 
1 82  PHE n 
1 83  ASP n 
1 84  ASP n 
1 85  PHE n 
1 86  GLU n 
1 87  GLU n 
1 88  ASP n 
1 89  PHE n 
1 90  ASN n 
1 91  LEU n 
1 92  ILE n 
1 93  VAL n 
1 94  SER n 
1 95  ASN n 
1 96  CYS n 
1 97  LEU n 
1 98  LYS n 
1 99  TYR n 
1 100 ASN n 
1 101 ALA n 
1 102 LYS n 
1 103 ASP n 
1 104 THR n 
1 105 ILE n 
1 106 PHE n 
1 107 TYR n 
1 108 ARG n 
1 109 ALA n 
1 110 ALA n 
1 111 VAL n 
1 112 ARG n 
1 113 LEU n 
1 114 ARG n 
1 115 GLU n 
1 116 GLN n 
1 117 GLY n 
1 118 GLY n 
1 119 ALA n 
1 120 VAL n 
1 121 LEU n 
1 122 ARG n 
1 123 GLN n 
1 124 ALA n 
1 125 ARG n 
1 126 ARG n 
1 127 GLN n 
1 128 ALA n 
1 129 GLU n 
1 130 LYS n 
1 131 MET n 
1 132 GLY n 
# 
_entity_src_gen.entity_id                          1 
_entity_src_gen.pdbx_src_id                        1 
_entity_src_gen.pdbx_alt_source_flag               sample 
_entity_src_gen.pdbx_seq_type                      'Biological sequence' 
_entity_src_gen.pdbx_beg_seq_num                   1 
_entity_src_gen.pdbx_end_seq_num                   132 
_entity_src_gen.gene_src_common_name               Human 
_entity_src_gen.gene_src_genus                     ? 
_entity_src_gen.pdbx_gene_src_gene                 'BRPF1, BR140' 
_entity_src_gen.gene_src_species                   ? 
_entity_src_gen.gene_src_strain                    ? 
_entity_src_gen.gene_src_tissue                    ? 
_entity_src_gen.gene_src_tissue_fraction           ? 
_entity_src_gen.gene_src_details                   ? 
_entity_src_gen.pdbx_gene_src_fragment             ? 
_entity_src_gen.pdbx_gene_src_scientific_name      'Homo sapiens' 
_entity_src_gen.pdbx_gene_src_ncbi_taxonomy_id     9606 
_entity_src_gen.pdbx_gene_src_variant              ? 
_entity_src_gen.pdbx_gene_src_cell_line            ? 
_entity_src_gen.pdbx_gene_src_atcc                 ? 
_entity_src_gen.pdbx_gene_src_organ                ? 
_entity_src_gen.pdbx_gene_src_organelle            ? 
_entity_src_gen.pdbx_gene_src_cell                 ? 
_entity_src_gen.pdbx_gene_src_cellular_location    ? 
_entity_src_gen.host_org_common_name               ? 
_entity_src_gen.pdbx_host_org_scientific_name      'Escherichia coli' 
_entity_src_gen.pdbx_host_org_ncbi_taxonomy_id     562 
_entity_src_gen.host_org_genus                     ? 
_entity_src_gen.pdbx_host_org_gene                 ? 
_entity_src_gen.pdbx_host_org_organ                ? 
_entity_src_gen.host_org_species                   ? 
_entity_src_gen.pdbx_host_org_tissue               ? 
_entity_src_gen.pdbx_host_org_tissue_fraction      ? 
_entity_src_gen.pdbx_host_org_strain               ? 
_entity_src_gen.pdbx_host_org_variant              ? 
_entity_src_gen.pdbx_host_org_cell_line            ? 
_entity_src_gen.pdbx_host_org_atcc                 ? 
_entity_src_gen.pdbx_host_org_culture_collection   ? 
_entity_src_gen.pdbx_host_org_cell                 ? 
_entity_src_gen.pdbx_host_org_organelle            ? 
_entity_src_gen.pdbx_host_org_cellular_location    ? 
_entity_src_gen.pdbx_host_org_vector_type          ? 
_entity_src_gen.pdbx_host_org_vector               ? 
_entity_src_gen.host_org_details                   ? 
_entity_src_gen.expression_system_id               ? 
_entity_src_gen.plasmid_name                       ? 
_entity_src_gen.plasmid_details                    ? 
_entity_src_gen.pdbx_description                   ? 
# 
_struct_ref.id                         1 
_struct_ref.db_name                    UNP 
_struct_ref.db_code                    BRPF1_HUMAN 
_struct_ref.pdbx_db_accession          P55201 
_struct_ref.pdbx_db_isoform            ? 
_struct_ref.entity_id                  1 
_struct_ref.pdbx_seq_one_letter_code   
;MEMQLTPFLILLRKTLEQLQEKDTGNIFSEPVPLSEVPDYLDHIKKPMDFFTMKQNLEAYRYLNFDDFEEDFNLIVSNCL
KYNAKDTIFYRAAVRLREQGGAVLRQARRQAEKMG
;
_struct_ref.pdbx_align_begin           626 
# 
_struct_ref_seq.align_id                      1 
_struct_ref_seq.ref_id                        1 
_struct_ref_seq.pdbx_PDB_id_code              7C4I 
_struct_ref_seq.pdbx_strand_id                A 
_struct_ref_seq.seq_align_beg                 18 
_struct_ref_seq.pdbx_seq_align_beg_ins_code   ? 
_struct_ref_seq.seq_align_end                 132 
_struct_ref_seq.pdbx_seq_align_end_ins_code   ? 
_struct_ref_seq.pdbx_db_accession             P55201 
_struct_ref_seq.db_align_beg                  626 
_struct_ref_seq.pdbx_db_align_beg_ins_code    ? 
_struct_ref_seq.db_align_end                  740 
_struct_ref_seq.pdbx_db_align_end_ins_code    ? 
_struct_ref_seq.pdbx_auth_seq_align_beg       626 
_struct_ref_seq.pdbx_auth_seq_align_end       740 
# 
loop_
_struct_ref_seq_dif.align_id 
_struct_ref_seq_dif.pdbx_pdb_id_code 
_struct_ref_seq_dif.mon_id 
_struct_ref_seq_dif.pdbx_pdb_strand_id 
_struct_ref_seq_dif.seq_num 
_struct_ref_seq_dif.pdbx_pdb_ins_code 
_struct_ref_seq_dif.pdbx_seq_db_name 
_struct_ref_seq_dif.pdbx_seq_db_accession_code 
_struct_ref_seq_dif.db_mon_id 
_struct_ref_seq_dif.pdbx_seq_db_seq_num 
_struct_ref_seq_dif.details 
_struct_ref_seq_dif.pdbx_auth_seq_num 
_struct_ref_seq_dif.pdbx_ordinal 
1 7C4I MET A 1  ? UNP P55201 ? ? 'initiating methionine' 609 1  
1 7C4I GLY A 2  ? UNP P55201 ? ? 'expression tag'        610 2  
1 7C4I GLY A 3  ? UNP P55201 ? ? 'expression tag'        611 3  
1 7C4I SER A 4  ? UNP P55201 ? ? 'expression tag'        612 4  
1 7C4I HIS A 5  ? UNP P55201 ? ? 'expression tag'        613 5  
1 7C4I HIS A 6  ? UNP P55201 ? ? 'expression tag'        614 6  
1 7C4I HIS A 7  ? UNP P55201 ? ? 'expression tag'        615 7  
1 7C4I HIS A 8  ? UNP P55201 ? ? 'expression tag'        616 8  
1 7C4I HIS A 9  ? UNP P55201 ? ? 'expression tag'        617 9  
1 7C4I HIS A 10 ? UNP P55201 ? ? 'expression tag'        618 10 
1 7C4I GLU A 11 ? UNP P55201 ? ? 'expression tag'        619 11 
1 7C4I ASN A 12 ? UNP P55201 ? ? 'expression tag'        620 12 
1 7C4I LEU A 13 ? UNP P55201 ? ? 'expression tag'        621 13 
1 7C4I TYR A 14 ? UNP P55201 ? ? 'expression tag'        622 14 
1 7C4I PHE A 15 ? UNP P55201 ? ? 'expression tag'        623 15 
1 7C4I GLN A 16 ? UNP P55201 ? ? 'expression tag'        624 16 
1 7C4I GLY A 17 ? UNP P55201 ? ? 'cloning artifact'      625 17 
# 
loop_
_chem_comp.id 
_chem_comp.type 
_chem_comp.mon_nstd_flag 
_chem_comp.name 
_chem_comp.pdbx_synonyms 
_chem_comp.formula 
_chem_comp.formula_weight 
ALA 'L-peptide linking' y ALANINE         ?                               'C3 H7 N O2'     89.093  
ARG 'L-peptide linking' y ARGININE        ?                               'C6 H15 N4 O2 1' 175.209 
ASN 'L-peptide linking' y ASPARAGINE      ?                               'C4 H8 N2 O3'    132.118 
ASP 'L-peptide linking' y 'ASPARTIC ACID' ?                               'C4 H7 N O4'     133.103 
CYS 'L-peptide linking' y CYSTEINE        ?                               'C3 H7 N O2 S'   121.158 
GLN 'L-peptide linking' y GLUTAMINE       ?                               'C5 H10 N2 O3'   146.144 
GLU 'L-peptide linking' y 'GLUTAMIC ACID' ?                               'C5 H9 N O4'     147.129 
GLY 'peptide linking'   y GLYCINE         ?                               'C2 H5 N O2'     75.067  
GOL non-polymer         . GLYCEROL        'GLYCERIN; PROPANE-1,2,3-TRIOL' 'C3 H8 O3'       92.094  
HIS 'L-peptide linking' y HISTIDINE       ?                               'C6 H10 N3 O2 1' 156.162 
HOH non-polymer         . WATER           ?                               'H2 O'           18.015  
ILE 'L-peptide linking' y ISOLEUCINE      ?                               'C6 H13 N O2'    131.173 
K   non-polymer         . 'POTASSIUM ION' ?                               'K 1'            39.098  
LEU 'L-peptide linking' y LEUCINE         ?                               'C6 H13 N O2'    131.173 
LYS 'L-peptide linking' y LYSINE          ?                               'C6 H15 N2 O2 1' 147.195 
MET 'L-peptide linking' y METHIONINE      ?                               'C5 H11 N O2 S'  149.211 
PHE 'L-peptide linking' y PHENYLALANINE   ?                               'C9 H11 N O2'    165.189 
PRO 'L-peptide linking' y PROLINE         ?                               'C5 H9 N O2'     115.130 
SER 'L-peptide linking' y SERINE          ?                               'C3 H7 N O3'     105.093 
THR 'L-peptide linking' y THREONINE       ?                               'C4 H9 N O3'     119.119 
TYR 'L-peptide linking' y TYROSINE        ?                               'C9 H11 N O3'    181.189 
VAL 'L-peptide linking' y VALINE          ?                               'C5 H11 N O2'    117.146 
# 
_exptl.absorpt_coefficient_mu     ? 
_exptl.absorpt_correction_T_max   ? 
_exptl.absorpt_correction_T_min   ? 
_exptl.absorpt_correction_type    ? 
_exptl.absorpt_process_details    ? 
_exptl.entry_id                   7C4I 
_exptl.crystals_number            1 
_exptl.details                    ? 
_exptl.method                     'X-RAY DIFFRACTION' 
_exptl.method_details             ? 
# 
_exptl_crystal.colour                      ? 
_exptl_crystal.density_diffrn              ? 
_exptl_crystal.density_Matthews            2.01 
_exptl_crystal.density_method              ? 
_exptl_crystal.density_percent_sol         38.71 
_exptl_crystal.description                 ? 
_exptl_crystal.F_000                       ? 
_exptl_crystal.id                          1 
_exptl_crystal.preparation                 ? 
_exptl_crystal.size_max                    ? 
_exptl_crystal.size_mid                    ? 
_exptl_crystal.size_min                    ? 
_exptl_crystal.size_rad                    ? 
_exptl_crystal.colour_lustre               ? 
_exptl_crystal.colour_modifier             ? 
_exptl_crystal.colour_primary              ? 
_exptl_crystal.density_meas                ? 
_exptl_crystal.density_meas_esd            ? 
_exptl_crystal.density_meas_gt             ? 
_exptl_crystal.density_meas_lt             ? 
_exptl_crystal.density_meas_temp           ? 
_exptl_crystal.density_meas_temp_esd       ? 
_exptl_crystal.density_meas_temp_gt        ? 
_exptl_crystal.density_meas_temp_lt        ? 
_exptl_crystal.pdbx_crystal_image_url      ? 
_exptl_crystal.pdbx_crystal_image_format   ? 
_exptl_crystal.pdbx_mosaicity              ? 
_exptl_crystal.pdbx_mosaicity_esd          ? 
# 
_exptl_crystal_grow.apparatus       ? 
_exptl_crystal_grow.atmosphere      ? 
_exptl_crystal_grow.crystal_id      1 
_exptl_crystal_grow.details         ? 
_exptl_crystal_grow.method          'VAPOR DIFFUSION, SITTING DROP' 
_exptl_crystal_grow.method_ref      ? 
_exptl_crystal_grow.pH              ? 
_exptl_crystal_grow.pressure        ? 
_exptl_crystal_grow.pressure_esd    ? 
_exptl_crystal_grow.seeding         ? 
_exptl_crystal_grow.seeding_ref     ? 
_exptl_crystal_grow.temp            293 
_exptl_crystal_grow.temp_details    ? 
_exptl_crystal_grow.temp_esd        ? 
_exptl_crystal_grow.time            ? 
_exptl_crystal_grow.pdbx_details    '0.2 M Potassium fluoride, 20 %(w/v) PEG 3350' 
_exptl_crystal_grow.pdbx_pH_range   ? 
# 
_diffrn.ambient_environment              ? 
_diffrn.ambient_temp                     100 
_diffrn.ambient_temp_details             ? 
_diffrn.ambient_temp_esd                 ? 
_diffrn.crystal_id                       1 
_diffrn.crystal_support                  ? 
_diffrn.crystal_treatment                ? 
_diffrn.details                          ? 
_diffrn.id                               1 
_diffrn.ambient_pressure                 ? 
_diffrn.ambient_pressure_esd             ? 
_diffrn.ambient_pressure_gt              ? 
_diffrn.ambient_pressure_lt              ? 
_diffrn.ambient_temp_gt                  ? 
_diffrn.ambient_temp_lt                  ? 
_diffrn.pdbx_serial_crystal_experiment   N 
# 
_diffrn_detector.details                      ? 
_diffrn_detector.detector                     PIXEL 
_diffrn_detector.diffrn_id                    1 
_diffrn_detector.type                         'DECTRIS EIGER X 16M' 
_diffrn_detector.area_resol_mean              ? 
_diffrn_detector.dtime                        ? 
_diffrn_detector.pdbx_frames_total            ? 
_diffrn_detector.pdbx_collection_time_total   ? 
_diffrn_detector.pdbx_collection_date         2020-04-09 
_diffrn_detector.pdbx_frequency               ? 
# 
_diffrn_radiation.collimation                      ? 
_diffrn_radiation.diffrn_id                        1 
_diffrn_radiation.filter_edge                      ? 
_diffrn_radiation.inhomogeneity                    ? 
_diffrn_radiation.monochromator                    ? 
_diffrn_radiation.polarisn_norm                    ? 
_diffrn_radiation.polarisn_ratio                   ? 
_diffrn_radiation.probe                            ? 
_diffrn_radiation.type                             ? 
_diffrn_radiation.xray_symbol                      ? 
_diffrn_radiation.wavelength_id                    1 
_diffrn_radiation.pdbx_monochromatic_or_laue_m_l   M 
_diffrn_radiation.pdbx_wavelength_list             ? 
_diffrn_radiation.pdbx_wavelength                  ? 
_diffrn_radiation.pdbx_diffrn_protocol             'SINGLE WAVELENGTH' 
_diffrn_radiation.pdbx_analyzer                    ? 
_diffrn_radiation.pdbx_scattering_type             x-ray 
# 
_diffrn_radiation_wavelength.id           1 
_diffrn_radiation_wavelength.wavelength   0.97936 
_diffrn_radiation_wavelength.wt           1.0 
# 
_diffrn_source.current                     ? 
_diffrn_source.details                     ? 
_diffrn_source.diffrn_id                   1 
_diffrn_source.power                       ? 
_diffrn_source.size                        ? 
_diffrn_source.source                      SYNCHROTRON 
_diffrn_source.target                      ? 
_diffrn_source.type                        'NSLS-II BEAMLINE 17-ID-2' 
_diffrn_source.voltage                     ? 
_diffrn_source.take-off_angle              ? 
_diffrn_source.pdbx_wavelength_list        0.97936 
_diffrn_source.pdbx_wavelength             ? 
_diffrn_source.pdbx_synchrotron_beamline   17-ID-2 
_diffrn_source.pdbx_synchrotron_site       NSLS-II 
# 
_reflns.B_iso_Wilson_estimate            ? 
_reflns.entry_id                         7C4I 
_reflns.data_reduction_details           ? 
_reflns.data_reduction_method            ? 
_reflns.d_resolution_high                1.37 
_reflns.d_resolution_low                 39.293 
_reflns.details                          ? 
_reflns.limit_h_max                      ? 
_reflns.limit_h_min                      ? 
_reflns.limit_k_max                      ? 
_reflns.limit_k_min                      ? 
_reflns.limit_l_max                      ? 
_reflns.limit_l_min                      ? 
_reflns.number_all                       ? 
_reflns.number_obs                       26865 
_reflns.observed_criterion               ? 
_reflns.observed_criterion_F_max         ? 
_reflns.observed_criterion_F_min         ? 
_reflns.observed_criterion_I_max         ? 
_reflns.observed_criterion_I_min         ? 
_reflns.observed_criterion_sigma_F       ? 
_reflns.observed_criterion_sigma_I       ? 
_reflns.percent_possible_obs             100 
_reflns.R_free_details                   ? 
_reflns.Rmerge_F_all                     ? 
_reflns.Rmerge_F_obs                     ? 
_reflns.Friedel_coverage                 ? 
_reflns.number_gt                        ? 
_reflns.threshold_expression             ? 
_reflns.pdbx_redundancy                  7.8 
_reflns.pdbx_Rmerge_I_obs                0.074 
_reflns.pdbx_Rmerge_I_all                ? 
_reflns.pdbx_Rsym_value                  ? 
_reflns.pdbx_netI_over_av_sigmaI         ? 
_reflns.pdbx_netI_over_sigmaI            12.3 
_reflns.pdbx_res_netI_over_av_sigmaI_2   ? 
_reflns.pdbx_res_netI_over_sigmaI_2      ? 
_reflns.pdbx_chi_squared                 ? 
_reflns.pdbx_scaling_rejects             ? 
_reflns.pdbx_d_res_high_opt              ? 
_reflns.pdbx_d_res_low_opt               ? 
_reflns.pdbx_d_res_opt_method            ? 
_reflns.phase_calculation_details        ? 
_reflns.pdbx_Rrim_I_all                  ? 
_reflns.pdbx_Rpim_I_all                  ? 
_reflns.pdbx_d_opt                       ? 
_reflns.pdbx_number_measured_all         ? 
_reflns.pdbx_diffrn_id                   1 
_reflns.pdbx_ordinal                     1 
_reflns.pdbx_CC_half                     0.998 
_reflns.pdbx_CC_star                     ? 
_reflns.pdbx_R_split                     ? 
# 
_reflns_shell.d_res_high                  1.37 
_reflns_shell.d_res_low                   1.39 
_reflns_shell.meanI_over_sigI_all         ? 
_reflns_shell.meanI_over_sigI_obs         ? 
_reflns_shell.number_measured_all         ? 
_reflns_shell.number_measured_obs         ? 
_reflns_shell.number_possible             ? 
_reflns_shell.number_unique_all           ? 
_reflns_shell.number_unique_obs           1349 
_reflns_shell.percent_possible_all        ? 
_reflns_shell.percent_possible_obs        ? 
_reflns_shell.Rmerge_F_all                ? 
_reflns_shell.Rmerge_F_obs                ? 
_reflns_shell.Rmerge_I_all                ? 
_reflns_shell.Rmerge_I_obs                ? 
_reflns_shell.meanI_over_sigI_gt          ? 
_reflns_shell.meanI_over_uI_all           ? 
_reflns_shell.meanI_over_uI_gt            ? 
_reflns_shell.number_measured_gt          ? 
_reflns_shell.number_unique_gt            ? 
_reflns_shell.percent_possible_gt         ? 
_reflns_shell.Rmerge_F_gt                 ? 
_reflns_shell.Rmerge_I_gt                 ? 
_reflns_shell.pdbx_redundancy             ? 
_reflns_shell.pdbx_Rsym_value             ? 
_reflns_shell.pdbx_chi_squared            ? 
_reflns_shell.pdbx_netI_over_sigmaI_all   ? 
_reflns_shell.pdbx_netI_over_sigmaI_obs   ? 
_reflns_shell.pdbx_Rrim_I_all             ? 
_reflns_shell.pdbx_Rpim_I_all             ? 
_reflns_shell.pdbx_rejects                ? 
_reflns_shell.pdbx_ordinal                1 
_reflns_shell.pdbx_diffrn_id              1 
_reflns_shell.pdbx_CC_half                0.797 
_reflns_shell.pdbx_CC_star                ? 
_reflns_shell.pdbx_R_split                ? 
# 
_refine.aniso_B[1][1]                            -0.552 
_refine.aniso_B[1][2]                            -0.276 
_refine.aniso_B[1][3]                            0.000 
_refine.aniso_B[2][2]                            -0.552 
_refine.aniso_B[2][3]                            0.000 
_refine.aniso_B[3][3]                            1.792 
_refine.B_iso_max                                ? 
_refine.B_iso_mean                               20.364 
_refine.B_iso_min                                ? 
_refine.correlation_coeff_Fo_to_Fc               0.974 
_refine.correlation_coeff_Fo_to_Fc_free          0.964 
_refine.details                                  'Hydrogens have been added in their riding positions' 
_refine.diff_density_max                         ? 
_refine.diff_density_max_esd                     ? 
_refine.diff_density_min                         ? 
_refine.diff_density_min_esd                     ? 
_refine.diff_density_rms                         ? 
_refine.diff_density_rms_esd                     ? 
_refine.entry_id                                 7C4I 
_refine.pdbx_refine_id                           'X-RAY DIFFRACTION' 
_refine.ls_abs_structure_details                 ? 
_refine.ls_abs_structure_Flack                   ? 
_refine.ls_abs_structure_Flack_esd               ? 
_refine.ls_abs_structure_Rogers                  ? 
_refine.ls_abs_structure_Rogers_esd              ? 
_refine.ls_d_res_high                            1.370 
_refine.ls_d_res_low                             39.293 
_refine.ls_extinction_coef                       ? 
_refine.ls_extinction_coef_esd                   ? 
_refine.ls_extinction_expression                 ? 
_refine.ls_extinction_method                     ? 
_refine.ls_goodness_of_fit_all                   ? 
_refine.ls_goodness_of_fit_all_esd               ? 
_refine.ls_goodness_of_fit_obs                   ? 
_refine.ls_goodness_of_fit_obs_esd               ? 
_refine.ls_hydrogen_treatment                    ? 
_refine.ls_matrix_type                           ? 
_refine.ls_number_constraints                    ? 
_refine.ls_number_parameters                     ? 
_refine.ls_number_reflns_all                     ? 
_refine.ls_number_reflns_obs                     26832 
_refine.ls_number_reflns_R_free                  1367 
_refine.ls_number_reflns_R_work                  25465 
_refine.ls_number_restraints                     ? 
_refine.ls_percent_reflns_obs                    99.944 
_refine.ls_percent_reflns_R_free                 5.095 
_refine.ls_R_factor_all                          0.168 
_refine.ls_R_factor_obs                          ? 
_refine.ls_R_factor_R_free                       0.1937 
_refine.ls_R_factor_R_free_error                 ? 
_refine.ls_R_factor_R_free_error_details         ? 
_refine.ls_R_factor_R_work                       0.1663 
_refine.ls_R_Fsqd_factor_obs                     ? 
_refine.ls_R_I_factor_obs                        ? 
_refine.ls_redundancy_reflns_all                 ? 
_refine.ls_redundancy_reflns_obs                 ? 
_refine.ls_restrained_S_all                      ? 
_refine.ls_restrained_S_obs                      ? 
_refine.ls_shift_over_esd_max                    ? 
_refine.ls_shift_over_esd_mean                   ? 
_refine.ls_structure_factor_coef                 ? 
_refine.ls_weighting_details                     ? 
_refine.ls_weighting_scheme                      ? 
_refine.ls_wR_factor_all                         ? 
_refine.ls_wR_factor_obs                         ? 
_refine.ls_wR_factor_R_free                      0.203 
_refine.ls_wR_factor_R_work                      0.174 
_refine.occupancy_max                            ? 
_refine.occupancy_min                            ? 
_refine.solvent_model_details                    'MASK BULK SOLVENT' 
_refine.solvent_model_param_bsol                 ? 
_refine.solvent_model_param_ksol                 ? 
_refine.pdbx_R_complete                          ? 
_refine.ls_R_factor_gt                           ? 
_refine.ls_goodness_of_fit_gt                    ? 
_refine.ls_goodness_of_fit_ref                   ? 
_refine.ls_shift_over_su_max                     ? 
_refine.ls_shift_over_su_max_lt                  ? 
_refine.ls_shift_over_su_mean                    ? 
_refine.ls_shift_over_su_mean_lt                 ? 
_refine.pdbx_ls_sigma_I                          ? 
_refine.pdbx_ls_sigma_F                          ? 
_refine.pdbx_ls_sigma_Fsqd                       ? 
_refine.pdbx_data_cutoff_high_absF               ? 
_refine.pdbx_data_cutoff_high_rms_absF           ? 
_refine.pdbx_data_cutoff_low_absF                ? 
_refine.pdbx_isotropic_thermal_model             ? 
_refine.pdbx_ls_cross_valid_method               'FREE R-VALUE' 
_refine.pdbx_method_to_determine_struct          'MOLECULAR REPLACEMENT' 
_refine.pdbx_starting_model                      5ewc 
_refine.pdbx_stereochemistry_target_values       ? 
_refine.pdbx_R_Free_selection_details            ? 
_refine.pdbx_stereochem_target_val_spec_case     ? 
_refine.pdbx_overall_ESU_R                       0.057 
_refine.pdbx_overall_ESU_R_Free                  0.059 
_refine.pdbx_solvent_vdw_probe_radii             1.200 
_refine.pdbx_solvent_ion_probe_radii             0.800 
_refine.pdbx_solvent_shrinkage_radii             0.800 
_refine.pdbx_real_space_R                        ? 
_refine.pdbx_density_correlation                 ? 
_refine.pdbx_pd_number_of_powder_patterns        ? 
_refine.pdbx_pd_number_of_points                 ? 
_refine.pdbx_pd_meas_number_of_points            ? 
_refine.pdbx_pd_proc_ls_prof_R_factor            ? 
_refine.pdbx_pd_proc_ls_prof_wR_factor           ? 
_refine.pdbx_pd_Marquardt_correlation_coeff      ? 
_refine.pdbx_pd_Fsqrd_R_factor                   ? 
_refine.pdbx_pd_ls_matrix_band_width             ? 
_refine.pdbx_overall_phase_error                 ? 
_refine.pdbx_overall_SU_R_free_Cruickshank_DPI   ? 
_refine.pdbx_overall_SU_R_free_Blow_DPI          ? 
_refine.pdbx_overall_SU_R_Blow_DPI               ? 
_refine.pdbx_TLS_residual_ADP_flag               ? 
_refine.pdbx_diffrn_id                           1 
_refine.overall_SU_B                             1.094 
_refine.overall_SU_ML                            0.043 
_refine.overall_SU_R_Cruickshank_DPI             ? 
_refine.overall_SU_R_free                        ? 
_refine.overall_FOM_free_R_set                   ? 
_refine.overall_FOM_work_R_set                   ? 
_refine.pdbx_average_fsc_overall                 ? 
_refine.pdbx_average_fsc_work                    0.9304 
_refine.pdbx_average_fsc_free                    0.9254 
# 
_refine_hist.pdbx_refine_id                   'X-RAY DIFFRACTION' 
_refine_hist.cycle_id                         LAST 
_refine_hist.details                          ? 
_refine_hist.d_res_high                       1.370 
_refine_hist.d_res_low                        39.293 
_refine_hist.number_atoms_solvent             151 
_refine_hist.number_atoms_total               1151 
_refine_hist.number_reflns_all                ? 
_refine_hist.number_reflns_obs                ? 
_refine_hist.number_reflns_R_free             ? 
_refine_hist.number_reflns_R_work             ? 
_refine_hist.R_factor_all                     ? 
_refine_hist.R_factor_obs                     ? 
_refine_hist.R_factor_R_free                  ? 
_refine_hist.R_factor_R_work                  ? 
_refine_hist.pdbx_number_residues_total       ? 
_refine_hist.pdbx_B_iso_mean_ligand           ? 
_refine_hist.pdbx_B_iso_mean_solvent          ? 
_refine_hist.pdbx_number_atoms_protein        960 
_refine_hist.pdbx_number_atoms_nucleic_acid   0 
_refine_hist.pdbx_number_atoms_ligand         40 
_refine_hist.pdbx_number_atoms_lipid          ? 
_refine_hist.pdbx_number_atoms_carb           ? 
_refine_hist.pdbx_pseudo_atom_details         ? 
# 
loop_
_refine_ls_restr.pdbx_refine_id 
_refine_ls_restr.criterion 
_refine_ls_restr.dev_ideal 
_refine_ls_restr.dev_ideal_target 
_refine_ls_restr.number 
_refine_ls_restr.rejects 
_refine_ls_restr.type 
_refine_ls_restr.weight 
_refine_ls_restr.pdbx_restraint_function 
'X-RAY DIFFRACTION' ? 0.006  0.013  1093 ? r_bond_refined_d               ? ? 
'X-RAY DIFFRACTION' ? 0.001  0.017  1028 ? r_bond_other_d                 ? ? 
'X-RAY DIFFRACTION' ? 1.356  1.660  1470 ? r_angle_refined_deg            ? ? 
'X-RAY DIFFRACTION' ? 1.412  1.583  2394 ? r_angle_other_deg              ? ? 
'X-RAY DIFFRACTION' ? 4.881  5.000  132  ? r_dihedral_angle_1_deg         ? ? 
'X-RAY DIFFRACTION' ? 31.250 21.831 71   ? r_dihedral_angle_2_deg         ? ? 
'X-RAY DIFFRACTION' ? 12.019 15.000 205  ? r_dihedral_angle_3_deg         ? ? 
'X-RAY DIFFRACTION' ? 22.408 15.000 11   ? r_dihedral_angle_4_deg         ? ? 
'X-RAY DIFFRACTION' ? 0.072  0.200  131  ? r_chiral_restr                 ? ? 
'X-RAY DIFFRACTION' ? 0.006  0.020  1231 ? r_gen_planes_refined           ? ? 
'X-RAY DIFFRACTION' ? 0.002  0.020  242  ? r_gen_planes_other             ? ? 
'X-RAY DIFFRACTION' ? 0.274  0.200  265  ? r_nbd_refined                  ? ? 
'X-RAY DIFFRACTION' ? 0.206  0.200  869  ? r_symmetry_nbd_other           ? ? 
'X-RAY DIFFRACTION' ? 0.172  0.200  520  ? r_nbtor_refined                ? ? 
'X-RAY DIFFRACTION' ? 0.077  0.200  372  ? r_symmetry_nbtor_other         ? ? 
'X-RAY DIFFRACTION' ? 0.131  0.200  94   ? r_xyhbond_nbd_refined          ? ? 
'X-RAY DIFFRACTION' ? 0.183  0.200  6    ? r_metal_ion_refined            ? ? 
'X-RAY DIFFRACTION' ? 0.196  0.200  19   ? r_symmetry_nbd_refined         ? ? 
'X-RAY DIFFRACTION' ? 0.236  0.200  47   ? r_nbd_other                    ? ? 
'X-RAY DIFFRACTION' ? 0.130  0.200  16   ? r_symmetry_xyhbond_nbd_refined ? ? 
'X-RAY DIFFRACTION' ? 1.030  1.764  501  ? r_mcbond_it                    ? ? 
'X-RAY DIFFRACTION' ? 1.028  1.761  499  ? r_mcbond_other                 ? ? 
'X-RAY DIFFRACTION' ? 1.484  2.642  636  ? r_mcangle_it                   ? ? 
'X-RAY DIFFRACTION' ? 1.485  2.642  636  ? r_mcangle_other                ? ? 
'X-RAY DIFFRACTION' ? 2.136  2.261  592  ? r_scbond_it                    ? ? 
'X-RAY DIFFRACTION' ? 2.134  2.263  593  ? r_scbond_other                 ? ? 
'X-RAY DIFFRACTION' ? 3.347  3.231  832  ? r_scangle_it                   ? ? 
'X-RAY DIFFRACTION' ? 3.345  3.234  833  ? r_scangle_other                ? ? 
'X-RAY DIFFRACTION' ? 5.896  23.529 1328 ? r_lrange_it                    ? ? 
'X-RAY DIFFRACTION' ? 5.751  22.896 1295 ? r_lrange_other                 ? ? 
# 
loop_
_refine_ls_shell.pdbx_refine_id 
_refine_ls_shell.d_res_high 
_refine_ls_shell.d_res_low 
_refine_ls_shell.number_reflns_all 
_refine_ls_shell.number_reflns_obs 
_refine_ls_shell.number_reflns_R_free 
_refine_ls_shell.number_reflns_R_work 
_refine_ls_shell.percent_reflns_obs 
_refine_ls_shell.percent_reflns_R_free 
_refine_ls_shell.R_factor_all 
_refine_ls_shell.R_factor_obs 
_refine_ls_shell.R_factor_R_free 
_refine_ls_shell.R_factor_R_free_error 
_refine_ls_shell.R_factor_R_work 
_refine_ls_shell.redundancy_reflns_all 
_refine_ls_shell.redundancy_reflns_obs 
_refine_ls_shell.wR_factor_all 
_refine_ls_shell.wR_factor_obs 
_refine_ls_shell.wR_factor_R_free 
_refine_ls_shell.wR_factor_R_work 
_refine_ls_shell.pdbx_R_complete 
_refine_ls_shell.pdbx_total_number_of_bins_used 
_refine_ls_shell.pdbx_phase_error 
_refine_ls_shell.pdbx_fsc_work 
_refine_ls_shell.pdbx_fsc_free 
'X-RAY DIFFRACTION' 1.370 1.406  . . 108 1846 100.0000 . . . 0.270 . 0.246 . . . . . . . . . . . 
'X-RAY DIFFRACTION' 1.406 1.444  . . 79  1831 100.0000 . . . 0.226 . 0.230 . . . . . . . . . . . 
'X-RAY DIFFRACTION' 1.444 1.486  . . 84  1786 100.0000 . . . 0.238 . 0.220 . . . . . . . . . . . 
'X-RAY DIFFRACTION' 1.486 1.532  . . 96  1687 99.8880  . . . 0.226 . 0.198 . . . . . . . . . . . 
'X-RAY DIFFRACTION' 1.532 1.582  . . 94  1671 100.0000 . . . 0.195 . 0.187 . . . . . . . . . . . 
'X-RAY DIFFRACTION' 1.582 1.637  . . 92  1592 100.0000 . . . 0.186 . 0.177 . . . . . . . . . . . 
'X-RAY DIFFRACTION' 1.637 1.699  . . 78  1554 100.0000 . . . 0.223 . 0.173 . . . . . . . . . . . 
'X-RAY DIFFRACTION' 1.699 1.768  . . 82  1490 100.0000 . . . 0.182 . 0.167 . . . . . . . . . . . 
'X-RAY DIFFRACTION' 1.768 1.847  . . 73  1464 100.0000 . . . 0.201 . 0.158 . . . . . . . . . . . 
'X-RAY DIFFRACTION' 1.847 1.937  . . 61  1377 99.9305  . . . 0.168 . 0.163 . . . . . . . . . . . 
'X-RAY DIFFRACTION' 1.937 2.042  . . 80  1316 100.0000 . . . 0.202 . 0.163 . . . . . . . . . . . 
'X-RAY DIFFRACTION' 2.042 2.165  . . 86  1235 100.0000 . . . 0.179 . 0.159 . . . . . . . . . . . 
'X-RAY DIFFRACTION' 2.165 2.314  . . 66  1147 99.9176  . . . 0.182 . 0.156 . . . . . . . . . . . 
'X-RAY DIFFRACTION' 2.314 2.499  . . 52  1121 100.0000 . . . 0.198 . 0.156 . . . . . . . . . . . 
'X-RAY DIFFRACTION' 2.499 2.737  . . 64  1005 100.0000 . . . 0.209 . 0.159 . . . . . . . . . . . 
'X-RAY DIFFRACTION' 2.737 3.059  . . 54  912  99.8966  . . . 0.206 . 0.162 . . . . . . . . . . . 
'X-RAY DIFFRACTION' 3.059 3.531  . . 41  829  100.0000 . . . 0.188 . 0.153 . . . . . . . . . . . 
'X-RAY DIFFRACTION' 3.531 4.319  . . 33  706  99.8649  . . . 0.129 . 0.146 . . . . . . . . . . . 
'X-RAY DIFFRACTION' 4.319 6.088  . . 30  561  99.6627  . . . 0.204 . 0.174 . . . . . . . . . . . 
'X-RAY DIFFRACTION' 6.088 39.293 . . 14  335  99.1477  . . . 0.282 . 0.190 . . . . . . . . . . . 
# 
_struct.entry_id                     7C4I 
_struct.title                        'High resolution structure of BRPF1 Bromo Domain from Biortus' 
_struct.pdbx_model_details           ? 
_struct.pdbx_formula_weight          ? 
_struct.pdbx_formula_weight_method   ? 
_struct.pdbx_model_type_details      ? 
_struct.pdbx_CASP_flag               N 
# 
_struct_keywords.entry_id        7C4I 
_struct_keywords.text            'DNA BINDING PROTEIN' 
_struct_keywords.pdbx_keywords   'DNA BINDING PROTEIN' 
# 
loop_
_struct_asym.id 
_struct_asym.pdbx_blank_PDB_chainid_flag 
_struct_asym.pdbx_modified 
_struct_asym.entity_id 
_struct_asym.details 
A N N 1 ? 
B N N 2 ? 
C N N 2 ? 
D N N 2 ? 
E N N 2 ? 
F N N 3 ? 
G N N 3 ? 
H N N 3 ? 
I N N 3 ? 
J N N 3 ? 
K N N 3 ? 
L N N 4 ? 
# 
loop_
_struct_conf.conf_type_id 
_struct_conf.id 
_struct_conf.pdbx_PDB_helix_id 
_struct_conf.beg_label_comp_id 
_struct_conf.beg_label_asym_id 
_struct_conf.beg_label_seq_id 
_struct_conf.pdbx_beg_PDB_ins_code 
_struct_conf.end_label_comp_id 
_struct_conf.end_label_asym_id 
_struct_conf.end_label_seq_id 
_struct_conf.pdbx_end_PDB_ins_code 
_struct_conf.beg_auth_comp_id 
_struct_conf.beg_auth_asym_id 
_struct_conf.beg_auth_seq_id 
_struct_conf.end_auth_comp_id 
_struct_conf.end_auth_asym_id 
_struct_conf.end_auth_seq_id 
_struct_conf.pdbx_PDB_helix_class 
_struct_conf.details 
_struct_conf.pdbx_PDB_helix_length 
HELX_P HELX_P1 AA1 GLN A 21  ? ASP A 40  ? GLN A 629 ASP A 648 1 ? 20 
HELX_P HELX_P2 AA2 ASP A 56  ? ILE A 61  ? ASP A 664 ILE A 669 1 ? 6  
HELX_P HELX_P3 AA3 ASP A 66  ? ALA A 76  ? ASP A 674 ALA A 684 1 ? 11 
HELX_P HELX_P4 AA4 ASN A 81  ? ASN A 100 ? ASN A 689 ASN A 708 1 ? 20 
HELX_P HELX_P5 AA5 THR A 104 ? LYS A 130 ? THR A 712 LYS A 738 1 ? 27 
# 
_struct_conf_type.id          HELX_P 
_struct_conf_type.criteria    ? 
_struct_conf_type.reference   ? 
# 
loop_
_struct_conn.id 
_struct_conn.conn_type_id 
_struct_conn.pdbx_leaving_atom_flag 
_struct_conn.pdbx_PDB_id 
_struct_conn.ptnr1_label_asym_id 
_struct_conn.ptnr1_label_comp_id 
_struct_conn.ptnr1_label_seq_id 
_struct_conn.ptnr1_label_atom_id 
_struct_conn.pdbx_ptnr1_label_alt_id 
_struct_conn.pdbx_ptnr1_PDB_ins_code 
_struct_conn.pdbx_ptnr1_standard_comp_id 
_struct_conn.ptnr1_symmetry 
_struct_conn.ptnr2_label_asym_id 
_struct_conn.ptnr2_label_comp_id 
_struct_conn.ptnr2_label_seq_id 
_struct_conn.ptnr2_label_atom_id 
_struct_conn.pdbx_ptnr2_label_alt_id 
_struct_conn.pdbx_ptnr2_PDB_ins_code 
_struct_conn.ptnr1_auth_asym_id 
_struct_conn.ptnr1_auth_comp_id 
_struct_conn.ptnr1_auth_seq_id 
_struct_conn.ptnr2_auth_asym_id 
_struct_conn.ptnr2_auth_comp_id 
_struct_conn.ptnr2_auth_seq_id 
_struct_conn.ptnr2_symmetry 
_struct_conn.pdbx_ptnr3_label_atom_id 
_struct_conn.pdbx_ptnr3_label_seq_id 
_struct_conn.pdbx_ptnr3_label_comp_id 
_struct_conn.pdbx_ptnr3_label_asym_id 
_struct_conn.pdbx_ptnr3_label_alt_id 
_struct_conn.pdbx_ptnr3_PDB_ins_code 
_struct_conn.details 
_struct_conn.pdbx_dist_value 
_struct_conn.pdbx_value_order 
_struct_conn.pdbx_role 
metalc1 metalc ? ? B K . K ? ? ? 6_554 A SER 94 OG  B ? A K 201 A SER 702 1_555 ? ? ? ? ? ? ? 3.474 ? ? 
metalc2 metalc ? ? E K . K ? ? ? 1_555 A GLN 37 O   A ? A K 204 A GLN 645 1_555 ? ? ? ? ? ? ? 2.781 ? ? 
metalc3 metalc ? ? E K . K ? ? ? 1_555 A GLN 37 O   B ? A K 204 A GLN 645 1_555 ? ? ? ? ? ? ? 2.512 ? ? 
metalc4 metalc ? ? E K . K ? ? ? 1_555 A ASP 40 O   ? ? A K 204 A ASP 648 1_555 ? ? ? ? ? ? ? 2.664 ? ? 
metalc5 metalc ? ? E K . K ? ? ? 1_555 A ASN 43 OD1 ? ? A K 204 A ASN 651 1_555 ? ? ? ? ? ? ? 2.564 ? ? 
# 
_struct_conn_type.id          metalc 
_struct_conn_type.criteria    ? 
_struct_conn_type.reference   ? 
# 
loop_
_struct_site.id 
_struct_site.pdbx_evidence_code 
_struct_site.pdbx_auth_asym_id 
_struct_site.pdbx_auth_comp_id 
_struct_site.pdbx_auth_seq_id 
_struct_site.pdbx_auth_ins_code 
_struct_site.pdbx_num_residues 
_struct_site.details 
AC1 Software A K   201 ? 2 'binding site for residue K A 201'   
AC2 Software A K   202 ? 2 'binding site for residue K A 202'   
AC3 Software A K   204 ? 6 'binding site for residue K A 204'   
AC4 Software A GOL 205 ? 7 'binding site for residue GOL A 205' 
AC5 Software A GOL 206 ? 7 'binding site for residue GOL A 206' 
AC6 Software A GOL 207 ? 7 'binding site for residue GOL A 207' 
AC7 Software A GOL 208 ? 6 'binding site for residue GOL A 208' 
AC8 Software A GOL 209 ? 2 'binding site for residue GOL A 209' 
AC9 Software A GOL 210 ? 9 'binding site for residue GOL A 210' 
# 
loop_
_struct_site_gen.id 
_struct_site_gen.site_id 
_struct_site_gen.pdbx_num_res 
_struct_site_gen.label_comp_id 
_struct_site_gen.label_asym_id 
_struct_site_gen.label_seq_id 
_struct_site_gen.pdbx_auth_ins_code 
_struct_site_gen.auth_comp_id 
_struct_site_gen.auth_asym_id 
_struct_site_gen.auth_seq_id 
_struct_site_gen.label_atom_id 
_struct_site_gen.label_alt_id 
_struct_site_gen.symmetry 
_struct_site_gen.details 
1  AC1 2 SER A 94  ? SER A 702 . ? 6_554 ? 
2  AC1 2 ARG A 114 ? ARG A 722 . ? 1_555 ? 
3  AC2 2 HOH L .   ? HOH A 408 . ? 6_554 ? 
4  AC2 2 HOH L .   ? HOH A 411 . ? 1_555 ? 
5  AC3 6 GLN A 37  ? GLN A 645 . ? 1_555 ? 
6  AC3 6 ASP A 40  ? ASP A 648 . ? 1_555 ? 
7  AC3 6 ASN A 43  ? ASN A 651 . ? 1_555 ? 
8  AC3 6 GOL I .   ? GOL A 208 . ? 1_555 ? 
9  AC3 6 HOH L .   ? HOH A 333 . ? 1_555 ? 
10 AC3 6 HOH L .   ? HOH A 420 . ? 1_555 ? 
11 AC4 7 ASP A 83  ? ASP A 691 . ? 6_554 ? 
12 AC4 7 GLU A 86  ? GLU A 694 . ? 1_555 ? 
13 AC4 7 GLU A 86  ? GLU A 694 . ? 6_554 ? 
14 AC4 7 ARG A 122 ? ARG A 730 . ? 1_555 ? 
15 AC4 7 ARG A 125 ? ARG A 733 . ? 6_554 ? 
16 AC4 7 ARG A 125 ? ARG A 733 . ? 1_555 ? 
17 AC4 7 HOH L .   ? HOH A 404 . ? 1_555 ? 
18 AC5 7 THR A 41  ? THR A 649 . ? 2_544 ? 
19 AC5 7 ASN A 43  ? ASN A 651 . ? 2_544 ? 
20 AC5 7 ASP A 83  ? ASP A 691 . ? 6_554 ? 
21 AC5 7 ARG A 122 ? ARG A 730 . ? 1_555 ? 
22 AC5 7 ARG A 126 ? ARG A 734 . ? 1_555 ? 
23 AC5 7 GLU A 129 ? GLU A 737 . ? 1_555 ? 
24 AC5 7 HOH L .   ? HOH A 349 . ? 1_555 ? 
25 AC6 7 ARG A 125 ? ARG A 733 . ? 1_555 ? 
26 AC6 7 ALA A 128 ? ALA A 736 . ? 1_555 ? 
27 AC6 7 GLU A 129 ? GLU A 737 . ? 6_554 ? 
28 AC6 7 GLU A 129 ? GLU A 737 . ? 1_555 ? 
29 AC6 7 HOH L .   ? HOH A 304 . ? 1_555 ? 
30 AC6 7 HOH L .   ? HOH A 309 . ? 1_555 ? 
31 AC6 7 HOH L .   ? HOH A 372 . ? 1_555 ? 
32 AC7 6 GLN A 37  ? GLN A 645 . ? 1_555 ? 
33 AC7 6 GLU A 38  ? GLU A 646 . ? 1_555 ? 
34 AC7 6 GLN A 123 ? GLN A 731 . ? 3_655 ? 
35 AC7 6 K   E .   ? K   A 204 . ? 1_555 ? 
36 AC7 6 HOH L .   ? HOH A 305 . ? 1_555 ? 
37 AC7 6 HOH L .   ? HOH A 311 . ? 3_655 ? 
38 AC8 2 GLU A 47  ? GLU A 655 . ? 1_555 ? 
39 AC8 2 PHE A 68  ? PHE A 676 . ? 1_555 ? 
40 AC9 9 GLY A 17  ? GLY A 625 . ? 1_555 ? 
41 AC9 9 MET A 20  ? MET A 628 . ? 1_555 ? 
42 AC9 9 ILE A 44  ? ILE A 652 . ? 4_545 ? 
43 AC9 9 LEU A 80  ? LEU A 688 . ? 1_555 ? 
44 AC9 9 ASN A 81  ? ASN A 689 . ? 1_555 ? 
45 AC9 9 ILE A 105 ? ILE A 713 . ? 4_545 ? 
46 AC9 9 HOH L .   ? HOH A 304 . ? 1_555 ? 
47 AC9 9 HOH L .   ? HOH A 312 . ? 1_555 ? 
48 AC9 9 HOH L .   ? HOH A 321 . ? 1_555 ? 
# 
_atom_sites.entry_id                    7C4I 
_atom_sites.Cartn_transf_matrix[1][1]   ? 
_atom_sites.Cartn_transf_matrix[1][2]   ? 
_atom_sites.Cartn_transf_matrix[1][3]   ? 
_atom_sites.Cartn_transf_matrix[2][1]   ? 
_atom_sites.Cartn_transf_matrix[2][2]   ? 
_atom_sites.Cartn_transf_matrix[2][3]   ? 
_atom_sites.Cartn_transf_matrix[3][1]   ? 
_atom_sites.Cartn_transf_matrix[3][2]   ? 
_atom_sites.Cartn_transf_matrix[3][3]   ? 
_atom_sites.Cartn_transf_vector[1]      ? 
_atom_sites.Cartn_transf_vector[2]      ? 
_atom_sites.Cartn_transf_vector[3]      ? 
_atom_sites.fract_transf_matrix[1][1]   0.00736321 
_atom_sites.fract_transf_matrix[1][2]   0.00682923 
_atom_sites.fract_transf_matrix[1][3]   -0.01619233 
_atom_sites.fract_transf_matrix[2][1]   0.01391135 
_atom_sites.fract_transf_matrix[2][2]   0.01300647 
_atom_sites.fract_transf_matrix[2][3]   0.00060084 
_atom_sites.fract_transf_matrix[3][1]   0.01154156 
_atom_sites.fract_transf_matrix[3][2]   -0.01234643 
_atom_sites.fract_transf_matrix[3][3]   0.00004115 
_atom_sites.fract_transf_vector[1]      0.046211 
_atom_sites.fract_transf_vector[2]      -0.429313 
_atom_sites.fract_transf_vector[3]      0.014407 
_atom_sites.solution_primary            ? 
_atom_sites.solution_secondary          ? 
_atom_sites.solution_hydrogens          ? 
_atom_sites.special_details             ? 
# 
loop_
_atom_type.symbol 
_atom_type.pdbx_scat_Z 
_atom_type.pdbx_N_electrons 
_atom_type.scat_Cromer_Mann_a1 
_atom_type.scat_Cromer_Mann_b1 
_atom_type.scat_Cromer_Mann_a2 
_atom_type.scat_Cromer_Mann_b2 
_atom_type.scat_Cromer_Mann_a3 
_atom_type.scat_Cromer_Mann_b3 
_atom_type.scat_Cromer_Mann_a4 
_atom_type.scat_Cromer_Mann_b4 
_atom_type.scat_Cromer_Mann_c 
C 6  6  2.310  20.844 1.020 10.208 1.589 0.569   0.865 51.651 0.216   
H 1  1  0.493  10.511 0.323 26.126 0.140 3.142   0.041 57.800 0.003   
K 19 19 8.219  12.795 7.440 0.775  1.052 213.187 0.866 41.684 1.693   
N 7  7  12.222 0.006  3.135 9.893  2.014 28.997  1.167 0.583  -11.538 
O 8  8  3.049  13.277 2.287 5.701  1.546 0.324   0.867 32.909 0.251   
S 16 16 6.905  1.468  5.203 22.215 1.438 0.254   1.586 56.172 1.050   
# 
loop_
_atom_site.group_PDB 
_atom_site.id 
_atom_site.type_symbol 
_atom_site.label_atom_id 
_atom_site.label_alt_id 
_atom_site.label_comp_id 
_atom_site.label_asym_id 
_atom_site.label_entity_id 
_atom_site.label_seq_id 
_atom_site.pdbx_PDB_ins_code 
_atom_site.Cartn_x 
_atom_site.Cartn_y 
_atom_site.Cartn_z 
_atom_site.occupancy 
_atom_site.B_iso_or_equiv 
_atom_site.pdbx_formal_charge 
_atom_site.auth_seq_id 
_atom_site.auth_comp_id 
_atom_site.auth_asym_id 
_atom_site.auth_atom_id 
_atom_site.pdbx_PDB_model_num 
ATOM   1    N N   . GLY A 1 17  ? -18.689 -9.612  -6.071  1.000 23.108 ? 625 GLY A N   1 
ATOM   2    C CA  . GLY A 1 17  ? -19.922 -10.409 -6.017  1.000 21.327 ? 625 GLY A CA  1 
ATOM   3    C C   . GLY A 1 17  ? -19.672 -11.860 -6.353  1.000 20.227 ? 625 GLY A C   1 
ATOM   4    O O   . GLY A 1 17  ? -18.499 -12.275 -6.392  1.000 18.740 ? 625 GLY A O   1 
ATOM   5    N N   . MET A 1 18  ? -20.750 -12.609 -6.589  1.000 19.630 ? 626 MET A N   1 
ATOM   6    C CA  . MET A 1 18  ? -20.714 -14.085 -6.744  1.000 21.192 ? 626 MET A CA  1 
ATOM   7    C C   . MET A 1 18  ? -20.025 -14.477 -8.058  1.000 20.869 ? 626 MET A C   1 
ATOM   8    O O   . MET A 1 18  ? -19.600 -15.641 -8.153  1.000 21.596 ? 626 MET A O   1 
ATOM   9    C CB  . MET A 1 18  ? -22.124 -14.683 -6.705  1.000 22.255 ? 626 MET A CB  1 
ATOM   10   C CG  . MET A 1 18  ? -22.721 -14.731 -5.330  0.800 23.356 ? 626 MET A CG  1 
ATOM   11   S SD  . MET A 1 18  ? -24.439 -15.278 -5.427  0.600 24.703 ? 626 MET A SD  1 
ATOM   12   C CE  . MET A 1 18  ? -24.684 -15.889 -3.762  1.000 28.420 ? 626 MET A CE  1 
ATOM   13   N N   . GLU A 1 19  ? -19.848 -13.565 -9.020  1.000 20.289 ? 627 GLU A N   1 
ATOM   14   C CA  . GLU A 1 19  ? -19.214 -13.898 -10.327 1.000 21.274 ? 627 GLU A CA  1 
ATOM   15   C C   . GLU A 1 19  ? -17.691 -13.691 -10.282 1.000 19.190 ? 627 GLU A C   1 
ATOM   16   O O   . GLU A 1 19  ? -16.996 -14.205 -11.178 1.000 21.422 ? 627 GLU A O   1 
ATOM   17   C CB  . GLU A 1 19  ? -19.837 -13.078 -11.459 1.000 24.968 ? 627 GLU A CB  1 
ATOM   18   C CG  . GLU A 1 19  ? -21.329 -13.313 -11.616 1.000 29.976 ? 627 GLU A CG  1 
ATOM   19   C CD  . GLU A 1 19  ? -21.675 -14.652 -12.249 0.700 32.638 ? 627 GLU A CD  1 
ATOM   20   O OE1 . GLU A 1 19  ? -21.408 -14.812 -13.458 0.500 35.548 ? 627 GLU A OE1 1 
ATOM   21   O OE2 . GLU A 1 19  ? -22.200 -15.534 -11.532 0.500 34.789 ? 627 GLU A OE2 1 
ATOM   22   N N   . MET A 1 20  ? -17.161 -12.979 -9.287  1.000 17.190 ? 628 MET A N   1 
ATOM   23   C CA  . MET A 1 20  ? -15.715 -12.649 -9.250  1.000 16.261 ? 628 MET A CA  1 
ATOM   24   C C   . MET A 1 20  ? -14.898 -13.931 -9.044  1.000 16.060 ? 628 MET A C   1 
ATOM   25   O O   . MET A 1 20  ? -15.225 -14.715 -8.145  1.000 14.768 ? 628 MET A O   1 
ATOM   26   C CB  . MET A 1 20  ? -15.391 -11.653 -8.139  1.000 17.197 ? 628 MET A CB  1 
ATOM   27   C CG  . MET A 1 20  ? -13.944 -11.279 -8.083  1.000 16.994 ? 628 MET A CG  1 
ATOM   28   S SD  . MET A 1 20  ? -13.562 -10.117 -6.744  0.600 14.379 ? 628 MET A SD  1 
ATOM   29   C CE  . MET A 1 20  ? -14.110 -8.585  -7.492  1.000 18.252 ? 628 MET A CE  1 
ATOM   30   N N   . GLN A 1 21  ? -13.852 -14.113 -9.833  1.000 15.929 ? 629 GLN A N   1 
ATOM   31   C CA  . GLN A 1 21  ? -12.984 -15.304 -9.785  1.000 16.268 ? 629 GLN A CA  1 
ATOM   32   C C   . GLN A 1 21  ? -11.663 -14.942 -9.112  1.000 16.133 ? 629 GLN A C   1 
ATOM   33   O O   . GLN A 1 21  ? -11.159 -13.806 -9.295  1.000 15.861 ? 629 GLN A O   1 
ATOM   34   C CB  . GLN A 1 21  ? -12.745 -15.825 -11.196 1.000 17.863 ? 629 GLN A CB  1 
ATOM   35   C CG  . GLN A 1 21  ? -13.979 -16.431 -11.824 1.000 20.043 ? 629 GLN A CG  1 
ATOM   36   C CD  . GLN A 1 21  ? -13.712 -16.710 -13.275 1.000 23.668 ? 629 GLN A CD  1 
ATOM   37   O OE1 . GLN A 1 21  ? -13.490 -15.790 -14.059 1.000 26.236 ? 629 GLN A OE1 1 
ATOM   38   N NE2 . GLN A 1 21  ? -13.641 -17.987 -13.611 1.000 26.359 ? 629 GLN A NE2 1 
ATOM   39   N N   . LEU A 1 22  ? -11.117 -15.877 -8.352  1.000 15.046 ? 630 LEU A N   1 
ATOM   40   C CA  . LEU A 1 22  ? -9.892  -15.706 -7.554  1.000 15.865 ? 630 LEU A CA  1 
ATOM   41   C C   . LEU A 1 22  ? -8.751  -15.268 -8.472  1.000 15.502 ? 630 LEU A C   1 
ATOM   42   O O   . LEU A 1 22  ? -8.130  -14.237 -8.184  1.000 15.027 ? 630 LEU A O   1 
ATOM   43   C CB  . LEU A 1 22  ? -9.550  -17.019 -6.841  1.000 18.203 ? 630 LEU A CB  1 
ATOM   44   C CG  . LEU A 1 22  ? -8.267  -16.978 -6.021  1.000 20.928 ? 630 LEU A CG  1 
ATOM   45   C CD1 . LEU A 1 22  ? -8.422  -16.055 -4.829  1.000 23.102 ? 630 LEU A CD1 1 
ATOM   46   C CD2 . LEU A 1 22  ? -7.846  -18.386 -5.588  1.000 23.503 ? 630 LEU A CD2 1 
ATOM   47   N N   . THR A 1 23  ? -8.450  -16.018 -9.531  1.000 15.898 ? 631 THR A N   1 
ATOM   48   C CA  . THR A 1 23  ? -7.196  -15.772 -10.291 1.000 16.779 ? 631 THR A CA  1 
ATOM   49   C C   . THR A 1 23  ? -7.239  -14.382 -10.932 1.000 15.707 ? 631 THR A C   1 
ATOM   50   O O   . THR A 1 23  ? -6.282  -13.614 -10.779 1.000 15.400 ? 631 THR A O   1 
ATOM   51   C CB  . THR A 1 23  ? -6.884  -16.923 -11.255 1.000 18.823 ? 631 THR A CB  1 
ATOM   52   O OG1 . THR A 1 23  ? -6.518  -18.011 -10.411 1.000 20.434 ? 631 THR A OG1 1 
ATOM   53   C CG2 . THR A 1 23  ? -5.745  -16.587 -12.196 1.000 20.294 ? 631 THR A CG2 1 
ATOM   54   N N   . PRO A 1 24  ? -8.284  -14.001 -11.693 1.000 15.916 ? 632 PRO A N   1 
ATOM   55   C CA  . PRO A 1 24  ? -8.334  -12.650 -12.267 1.000 15.844 ? 632 PRO A CA  1 
ATOM   56   C C   . PRO A 1 24  ? -8.230  -11.552 -11.192 1.000 15.885 ? 632 PRO A C   1 
ATOM   57   O O   . PRO A 1 24  ? -7.575  -10.537 -11.413 1.000 15.932 ? 632 PRO A O   1 
ATOM   58   C CB  . PRO A 1 24  ? -9.666  -12.619 -13.012 1.000 17.291 ? 632 PRO A CB  1 
ATOM   59   C CG  . PRO A 1 24  ? -9.888  -14.089 -13.382 1.000 17.882 ? 632 PRO A CG  1 
ATOM   60   C CD  . PRO A 1 24  ? -9.372  -14.865 -12.186 1.000 16.821 ? 632 PRO A CD  1 
ATOM   61   N N   . PHE A 1 25  ? -8.845  -11.762 -10.038 1.000 14.712 ? 633 PHE A N   1 
ATOM   62   C CA  . PHE A 1 25  ? -8.773  -10.760 -8.953  1.000 15.704 ? 633 PHE A CA  1 
ATOM   63   C C   . PHE A 1 25  ? -7.320  -10.635 -8.474  1.000 15.145 ? 633 PHE A C   1 
ATOM   64   O O   . PHE A 1 25  ? -6.815  -9.504  -8.320  1.000 14.517 ? 633 PHE A O   1 
ATOM   65   C CB  . PHE A 1 25  ? -9.728  -11.118 -7.821  1.000 15.801 ? 633 PHE A CB  1 
ATOM   66   C CG  . PHE A 1 25  ? -9.668  -10.107 -6.711  1.000 16.685 ? 633 PHE A CG  1 
ATOM   67   C CD1 . PHE A 1 25  ? -10.214 -8.849  -6.901  1.000 18.775 ? 633 PHE A CD1 1 
ATOM   68   C CD2 . PHE A 1 25  ? -9.102  -10.419 -5.493  1.000 16.913 ? 633 PHE A CD2 1 
ATOM   69   C CE1 . PHE A 1 25  ? -10.148 -7.897  -5.902  1.000 19.676 ? 633 PHE A CE1 1 
ATOM   70   C CE2 . PHE A 1 25  ? -9.020  -9.450  -4.498  1.000 17.591 ? 633 PHE A CE2 1 
ATOM   71   C CZ  . PHE A 1 25  ? -9.572  -8.213  -4.704  1.000 18.432 ? 633 PHE A CZ  1 
ATOM   72   N N   . LEU A 1 26  ? -6.621  -11.744 -8.229  1.000 14.981 ? 634 LEU A N   1 
ATOM   73   C CA  . LEU A 1 26  ? -5.227  -11.701 -7.734  1.000 16.316 ? 634 LEU A CA  1 
ATOM   74   C C   . LEU A 1 26  ? -4.299  -11.081 -8.784  1.000 15.771 ? 634 LEU A C   1 
ATOM   75   O O   . LEU A 1 26  ? -3.375  -10.359 -8.407  1.000 15.893 ? 634 LEU A O   1 
ATOM   76   C CB  . LEU A 1 26  ? -4.745  -13.096 -7.329  1.000 17.986 ? 634 LEU A CB  1 
ATOM   77   C CG  . LEU A 1 26  ? -5.485  -13.721 -6.153  1.000 20.741 ? 634 LEU A CG  1 
ATOM   78   C CD1 . LEU A 1 26  ? -4.934  -15.105 -5.892  1.000 22.981 ? 634 LEU A CD1 1 
ATOM   79   C CD2 . LEU A 1 26  ? -5.397  -12.855 -4.899  1.000 22.781 ? 634 LEU A CD2 1 
ATOM   80   N N   A ILE A 1 27  ? -4.522  -11.337 -10.068 0.500 15.375 ? 635 ILE A N   1 
ATOM   81   N N   B ILE A 1 27  ? -4.533  -11.372 -10.062 0.500 16.172 ? 635 ILE A N   1 
ATOM   82   C CA  A ILE A 1 27  ? -3.700  -10.712 -11.147 0.500 16.077 ? 635 ILE A CA  1 
ATOM   83   C CA  B ILE A 1 27  ? -3.795  -10.753 -11.204 0.500 17.451 ? 635 ILE A CA  1 
ATOM   84   C C   A ILE A 1 27  ? -3.942  -9.201  -11.137 0.500 15.732 ? 635 ILE A C   1 
ATOM   85   C C   B ILE A 1 27  ? -3.948  -9.235  -11.096 0.500 16.459 ? 635 ILE A C   1 
ATOM   86   O O   A ILE A 1 27  ? -2.983  -8.445  -11.366 0.500 15.657 ? 635 ILE A O   1 
ATOM   87   O O   B ILE A 1 27  ? -2.930  -8.525  -11.147 0.500 16.357 ? 635 ILE A O   1 
ATOM   88   C CB  A ILE A 1 27  ? -4.040  -11.301 -12.523 0.500 17.126 ? 635 ILE A CB  1 
ATOM   89   C CB  B ILE A 1 27  ? -4.326  -11.280 -12.551 0.500 19.595 ? 635 ILE A CB  1 
ATOM   90   C CG1 A ILE A 1 27  ? -3.606  -12.758 -12.659 0.500 17.718 ? 635 ILE A CG1 1 
ATOM   91   C CG1 B ILE A 1 27  ? -4.000  -12.762 -12.734 0.500 21.351 ? 635 ILE A CG1 1 
ATOM   92   C CG2 A ILE A 1 27  ? -3.449  -10.438 -13.626 0.500 17.883 ? 635 ILE A CG2 1 
ATOM   93   C CG2 B ILE A 1 27  ? -3.817  -10.433 -13.708 0.500 20.084 ? 635 ILE A CG2 1 
ATOM   94   C CD1 A ILE A 1 27  ? -4.293  -13.459 -13.807 0.500 17.133 ? 635 ILE A CD1 1 
ATOM   95   C CD1 B ILE A 1 27  ? -2.978  -13.275 -11.756 0.500 21.892 ? 635 ILE A CD1 1 
ATOM   96   N N   . LEU A 1 28  ? -5.181  -8.771  -10.917 1.000 15.434 ? 636 LEU A N   1 
ATOM   97   C CA  . LEU A 1 28  ? -5.492  -7.324  -10.798 1.000 15.507 ? 636 LEU A CA  1 
ATOM   98   C C   . LEU A 1 28  ? -4.735  -6.758  -9.591  1.000 14.540 ? 636 LEU A C   1 
ATOM   99   O O   . LEU A 1 28  ? -4.091  -5.696  -9.736  1.000 14.909 ? 636 LEU A O   1 
ATOM   100  C CB  . LEU A 1 28  ? -6.995  -7.092  -10.670 1.000 15.739 ? 636 LEU A CB  1 
ATOM   101  C CG  . LEU A 1 28  ? -7.399  -5.650  -10.356 1.000 16.604 ? 636 LEU A CG  1 
ATOM   102  C CD1 . LEU A 1 28  ? -6.966  -4.708  -11.474 1.000 17.331 ? 636 LEU A CD1 1 
ATOM   103  C CD2 . LEU A 1 28  ? -8.884  -5.553  -10.078 1.000 17.403 ? 636 LEU A CD2 1 
ATOM   104  N N   . LEU A 1 29  ? -4.785  -7.401  -8.434  1.000 14.286 ? 637 LEU A N   1 
ATOM   105  C CA  . LEU A 1 29  ? -4.048  -6.880  -7.255  1.000 14.288 ? 637 LEU A CA  1 
ATOM   106  C C   . LEU A 1 29  ? -2.544  -6.861  -7.525  1.000 14.276 ? 637 LEU A C   1 
ATOM   107  O O   . LEU A 1 29  ? -1.885  -5.892  -7.105  1.000 14.189 ? 637 LEU A O   1 
ATOM   108  C CB  . LEU A 1 29  ? -4.374  -7.664  -5.983  1.000 14.703 ? 637 LEU A CB  1 
ATOM   109  C CG  . LEU A 1 29  ? -5.791  -7.513  -5.434  1.000 16.740 ? 637 LEU A CG  1 
ATOM   110  C CD1 . LEU A 1 29  ? -5.871  -8.052  -4.022  1.000 17.056 ? 637 LEU A CD1 1 
ATOM   111  C CD2 . LEU A 1 29  ? -6.276  -6.085  -5.480  1.000 17.004 ? 637 LEU A CD2 1 
ATOM   112  N N   . ARG A 1 30  ? -1.974  -7.869  -8.182  1.000 15.277 ? 638 ARG A N   1 
ATOM   113  C CA  . ARG A 1 30  ? -0.519  -7.880  -8.464  1.000 17.148 ? 638 ARG A CA  1 
ATOM   114  C C   . ARG A 1 30  ? -0.166  -6.665  -9.329  1.000 15.682 ? 638 ARG A C   1 
ATOM   115  O O   . ARG A 1 30  ? 0.822   -5.971  -9.035  1.000 15.589 ? 638 ARG A O   1 
ATOM   116  C CB  . ARG A 1 30  ? -0.122  -9.193  -9.147  1.000 20.550 ? 638 ARG A CB  1 
ATOM   117  C CG  . ARG A 1 30  ? 1.370   -9.446  -9.274  1.000 27.077 ? 638 ARG A CG  1 
ATOM   118  C CD  . ARG A 1 30  ? 1.608   -10.903 -9.653  1.000 32.791 ? 638 ARG A CD  1 
ATOM   119  N NE  . ARG A 1 30  ? 1.015   -11.812 -8.669  1.000 38.233 ? 638 ARG A NE  1 
ATOM   120  C CZ  . ARG A 1 30  ? 0.130   -12.784 -8.912  1.000 42.154 ? 638 ARG A CZ  1 
ATOM   121  N NH1 . ARG A 1 30  ? -0.295  -13.045 -10.138 1.000 46.012 ? 638 ARG A NH1 1 
ATOM   122  N NH2 . ARG A 1 30  ? -0.325  -13.517 -7.910  1.000 46.233 ? 638 ARG A NH2 1 
ATOM   123  N N   . LYS A 1 31  ? -0.959  -6.376  -10.358 1.000 15.356 ? 639 LYS A N   1 
ATOM   124  C CA  . LYS A 1 31  ? -0.678  -5.244  -11.272 1.000 16.379 ? 639 LYS A CA  1 
ATOM   125  C C   . LYS A 1 31  ? -0.855  -3.937  -10.492 1.000 15.763 ? 639 LYS A C   1 
ATOM   126  O O   . LYS A 1 31  ? -0.022  -3.011  -10.642 1.000 15.546 ? 639 LYS A O   1 
ATOM   127  C CB  . LYS A 1 31  ? -1.632  -5.283  -12.466 1.000 18.244 ? 639 LYS A CB  1 
ATOM   128  C CG  . LYS A 1 31  ? -1.562  -4.086  -13.396 1.000 21.233 ? 639 LYS A CG  1 
ATOM   129  C CD  . LYS A 1 31  ? -2.497  -4.230  -14.573 1.000 24.062 ? 639 LYS A CD  1 
ATOM   130  C CE  . LYS A 1 31  ? -2.567  -2.994  -15.443 1.000 28.237 ? 639 LYS A CE  1 
ATOM   131  N NZ  . LYS A 1 31  ? -3.519  -3.192  -16.565 1.000 31.601 ? 639 LYS A NZ  1 
ATOM   132  N N   . THR A 1 32  ? -1.866  -3.870  -9.629  1.000 15.339 ? 640 THR A N   1 
ATOM   133  C CA  . THR A 1 32  ? -2.147  -2.635  -8.855  1.000 14.759 ? 640 THR A CA  1 
ATOM   134  C C   . THR A 1 32  ? -1.003  -2.390  -7.871  1.000 14.264 ? 640 THR A C   1 
ATOM   135  O O   . THR A 1 32  ? -0.564  -1.229  -7.712  1.000 13.886 ? 640 THR A O   1 
ATOM   136  C CB  . THR A 1 32  ? -3.497  -2.724  -8.147  1.000 14.409 ? 640 THR A CB  1 
ATOM   137  O OG1 . THR A 1 32  ? -4.503  -3.072  -9.103  1.000 15.017 ? 640 THR A OG1 1 
ATOM   138  C CG2 . THR A 1 32  ? -3.843  -1.412  -7.480  1.000 14.544 ? 640 THR A CG2 1 
ATOM   139  N N   . LEU A 1 33  ? -0.500  -3.436  -7.236  1.000 14.159 ? 641 LEU A N   1 
ATOM   140  C CA  . LEU A 1 33  ? 0.625   -3.312  -6.286  1.000 14.255 ? 641 LEU A CA  1 
ATOM   141  C C   . LEU A 1 33  ? 1.849   -2.794  -7.048  1.000 14.847 ? 641 LEU A C   1 
ATOM   142  O O   . LEU A 1 33  ? 2.530   -1.899  -6.543  1.000 15.167 ? 641 LEU A O   1 
ATOM   143  C CB  . LEU A 1 33  ? 0.910   -4.661  -5.628  1.000 15.369 ? 641 LEU A CB  1 
ATOM   144  C CG  . LEU A 1 33  ? 2.004   -4.660  -4.566  1.000 17.259 ? 641 LEU A CG  1 
ATOM   145  C CD1 . LEU A 1 33  ? 1.768   -3.592  -3.510  1.000 19.141 ? 641 LEU A CD1 1 
ATOM   146  C CD2 . LEU A 1 33  ? 2.100   -6.033  -3.923  1.000 17.753 ? 641 LEU A CD2 1 
ATOM   147  N N   . GLU A 1 34  ? 2.118   -3.312  -8.242  1.000 14.809 ? 642 GLU A N   1 
ATOM   148  C CA  . GLU A 1 34  ? 3.267   -2.830  -9.047  1.000 17.169 ? 642 GLU A CA  1 
ATOM   149  C C   . GLU A 1 34  ? 3.057   -1.345  -9.359  1.000 15.751 ? 642 GLU A C   1 
ATOM   150  O O   . GLU A 1 34  ? 4.033   -0.565  -9.313  1.000 15.727 ? 642 GLU A O   1 
ATOM   151  C CB  . GLU A 1 34  ? 3.390   -3.671  -10.315 1.000 19.634 ? 642 GLU A CB  1 
ATOM   152  C CG  . GLU A 1 34  ? 3.941   -5.057  -10.048 1.000 23.926 ? 642 GLU A CG  1 
ATOM   153  C CD  . GLU A 1 34  ? 3.778   -6.065  -11.173 1.000 29.128 ? 642 GLU A CD  1 
ATOM   154  O OE1 . GLU A 1 34  ? 3.175   -5.713  -12.205 1.000 33.615 ? 642 GLU A OE1 1 
ATOM   155  O OE2 . GLU A 1 34  ? 4.250   -7.215  -10.997 1.000 35.749 ? 642 GLU A OE2 1 
ATOM   156  N N   . GLN A 1 35  ? 1.847   -0.943  -9.715  1.000 14.177 ? 643 GLN A N   1 
ATOM   157  C CA  . GLN A 1 35  ? 1.549   0.472   -10.053 1.000 15.261 ? 643 GLN A CA  1 
ATOM   158  C C   . GLN A 1 35  ? 1.746   1.372   -8.830  1.000 15.259 ? 643 GLN A C   1 
ATOM   159  O O   . GLN A 1 35  ? 2.278   2.488   -8.984  1.000 15.348 ? 643 GLN A O   1 
ATOM   160  C CB  . GLN A 1 35  ? 0.140   0.619   -10.622 1.000 16.168 ? 643 GLN A CB  1 
ATOM   161  C CG  . GLN A 1 35  ? -0.027  0.002   -12.000 1.000 16.950 ? 643 GLN A CG  1 
ATOM   162  C CD  . GLN A 1 35  ? -1.462  -0.014  -12.468 1.000 19.424 ? 643 GLN A CD  1 
ATOM   163  O OE1 . GLN A 1 35  ? -2.399  -0.096  -11.679 1.000 19.960 ? 643 GLN A OE1 1 
ATOM   164  N NE2 . GLN A 1 35  ? -1.649  0.051   -13.781 1.000 23.402 ? 643 GLN A NE2 1 
ATOM   165  N N   . LEU A 1 36  ? 1.334   0.932   -7.650  1.000 14.411 ? 644 LEU A N   1 
ATOM   166  C CA  . LEU A 1 36  ? 1.499   1.729   -6.411  1.000 14.896 ? 644 LEU A CA  1 
ATOM   167  C C   . LEU A 1 36  ? 2.984   1.873   -6.103  1.000 15.444 ? 644 LEU A C   1 
ATOM   168  O O   . LEU A 1 36  ? 3.437   2.979   -5.779  1.000 15.795 ? 644 LEU A O   1 
ATOM   169  C CB  . LEU A 1 36  ? 0.755   1.062   -5.254  1.000 15.191 ? 644 LEU A CB  1 
ATOM   170  C CG  . LEU A 1 36  ? -0.768  1.065   -5.342  1.000 15.526 ? 644 LEU A CG  1 
ATOM   171  C CD1 . LEU A 1 36  ? -1.355  0.194   -4.247  1.000 16.116 ? 644 LEU A CD1 1 
ATOM   172  C CD2 . LEU A 1 36  ? -1.321  2.479   -5.235  1.000 16.016 ? 644 LEU A CD2 1 
ATOM   173  N N   A GLN A 1 37  ? 3.763   0.799   -6.225  0.500 16.005 ? 645 GLN A N   1 
ATOM   174  N N   B GLN A 1 37  ? 3.717   0.772   -6.187  0.500 15.744 ? 645 GLN A N   1 
ATOM   175  C CA  A GLN A 1 37  ? 5.230   0.840   -5.992  0.500 16.945 ? 645 GLN A CA  1 
ATOM   176  C CA  B GLN A 1 37  ? 5.145   0.747   -5.817  0.500 16.414 ? 645 GLN A CA  1 
ATOM   177  C C   A GLN A 1 37  ? 5.877   1.774   -7.017  0.500 16.925 ? 645 GLN A C   1 
ATOM   178  C C   B GLN A 1 37  ? 5.926   1.604   -6.817  0.500 16.363 ? 645 GLN A C   1 
ATOM   179  O O   A GLN A 1 37  ? 6.771   2.545   -6.641  0.500 16.671 ? 645 GLN A O   1 
ATOM   180  O O   B GLN A 1 37  ? 6.949   2.190   -6.403  0.500 17.002 ? 645 GLN A O   1 
ATOM   181  C CB  A GLN A 1 37  ? 5.814   -0.565  -6.060  0.500 18.131 ? 645 GLN A CB  1 
ATOM   182  C CB  B GLN A 1 37  ? 5.648   -0.687  -5.738  0.500 17.412 ? 645 GLN A CB  1 
ATOM   183  C CG  A GLN A 1 37  ? 5.372   -1.419  -4.889  0.500 18.970 ? 645 GLN A CG  1 
ATOM   184  C CG  B GLN A 1 37  ? 7.061   -0.723  -5.204  0.500 17.756 ? 645 GLN A CG  1 
ATOM   185  C CD  A GLN A 1 37  ? 6.400   -2.450  -4.501  0.500 20.673 ? 645 GLN A CD  1 
ATOM   186  C CD  B GLN A 1 37  ? 7.462   -2.000  -4.518  0.500 18.952 ? 645 GLN A CD  1 
ATOM   187  O OE1 A GLN A 1 37  ? 6.197   -3.644  -4.696  0.500 23.121 ? 645 GLN A OE1 1 
ATOM   188  O OE1 B GLN A 1 37  ? 6.857   -3.053  -4.704  0.500 19.298 ? 645 GLN A OE1 1 
ATOM   189  N NE2 A GLN A 1 37  ? 7.496   -1.991  -3.910  0.500 22.168 ? 645 GLN A NE2 1 
ATOM   190  N NE2 B GLN A 1 37  ? 8.504   -1.898  -3.711  0.500 18.205 ? 645 GLN A NE2 1 
ATOM   191  N N   A GLU A 1 38  ? 5.431   1.749   -8.268  0.500 17.000 ? 646 GLU A N   1 
ATOM   192  N N   B GLU A 1 38  ? 5.452   1.711   -8.065  0.500 16.497 ? 646 GLU A N   1 
ATOM   193  C CA  A GLU A 1 38  ? 5.989   2.643   -9.317  0.500 19.215 ? 646 GLU A CA  1 
ATOM   194  C CA  B GLU A 1 38  ? 6.055   2.574   -9.121  0.500 18.658 ? 646 GLU A CA  1 
ATOM   195  C C   A GLU A 1 38  ? 5.821   4.105   -8.877  0.500 18.252 ? 646 GLU A C   1 
ATOM   196  C C   B GLU A 1 38  ? 5.902   4.050   -8.730  0.500 18.001 ? 646 GLU A C   1 
ATOM   197  O O   A GLU A 1 38  ? 6.657   4.943   -9.287  0.500 18.822 ? 646 GLU A O   1 
ATOM   198  O O   B GLU A 1 38  ? 6.832   4.833   -9.020  0.500 18.696 ? 646 GLU A O   1 
ATOM   199  C CB  A GLU A 1 38  ? 5.330   2.388   -10.674 0.500 20.989 ? 646 GLU A CB  1 
ATOM   200  C CB  B GLU A 1 38  ? 5.405   2.312   -10.484 0.500 20.565 ? 646 GLU A CB  1 
ATOM   201  C CG  A GLU A 1 38  ? 5.947   1.223   -11.432 0.500 23.900 ? 646 GLU A CG  1 
ATOM   202  C CG  B GLU A 1 38  ? 5.985   3.142   -11.619 0.500 23.119 ? 646 GLU A CG  1 
ATOM   203  C CD  A GLU A 1 38  ? 5.145   0.749   -12.635 0.500 26.222 ? 646 GLU A CD  1 
ATOM   204  C CD  B GLU A 1 38  ? 5.417   2.809   -12.992 0.500 25.534 ? 646 GLU A CD  1 
ATOM   205  O OE1 A GLU A 1 38  ? 4.046   1.299   -12.874 0.500 28.032 ? 646 GLU A OE1 1 
ATOM   206  O OE1 B GLU A 1 38  ? 6.178   2.883   -13.978 0.500 28.533 ? 646 GLU A OE1 1 
ATOM   207  O OE2 A GLU A 1 38  ? 5.616   -0.177  -13.325 0.500 30.059 ? 646 GLU A OE2 1 
ATOM   208  O OE2 B GLU A 1 38  ? 4.213   2.491   -13.079 0.500 29.705 ? 646 GLU A OE2 1 
ATOM   209  N N   . LYS A 1 39  ? 4.794   4.429   -8.083  1.000 16.510 ? 647 LYS A N   1 
ATOM   210  C CA  . LYS A 1 39  ? 4.568   5.833   -7.626  1.000 16.962 ? 647 LYS A CA  1 
ATOM   211  C C   . LYS A 1 39  ? 5.504   6.173   -6.460  1.000 16.584 ? 647 LYS A C   1 
ATOM   212  O O   . LYS A 1 39  ? 5.760   7.369   -6.256  1.000 17.430 ? 647 LYS A O   1 
ATOM   213  C CB  . LYS A 1 39  ? 3.122   6.073   -7.189  1.000 17.197 ? 647 LYS A CB  1 
ATOM   214  C CG  . LYS A 1 39  ? 2.093   5.886   -8.285  1.000 18.679 ? 647 LYS A CG  1 
ATOM   215  C CD  . LYS A 1 39  ? 2.365   6.715   -9.499  1.000 20.474 ? 647 LYS A CD  1 
ATOM   216  C CE  . LYS A 1 39  ? 1.207   6.665   -10.470 1.000 22.008 ? 647 LYS A CE  1 
ATOM   217  N NZ  . LYS A 1 39  ? 1.435   7.532   -11.646 1.000 26.499 ? 647 LYS A NZ  1 
ATOM   218  N N   . ASP A 1 40  ? 6.000   5.186   -5.716  1.000 15.480 ? 648 ASP A N   1 
ATOM   219  C CA  . ASP A 1 40  ? 6.999   5.389   -4.632  1.000 15.570 ? 648 ASP A CA  1 
ATOM   220  C C   . ASP A 1 40  ? 8.367   5.423   -5.308  1.000 15.280 ? 648 ASP A C   1 
ATOM   221  O O   . ASP A 1 40  ? 9.166   4.475   -5.160  1.000 15.583 ? 648 ASP A O   1 
ATOM   222  C CB  . ASP A 1 40  ? 6.906   4.294   -3.563  1.000 16.318 ? 648 ASP A CB  1 
ATOM   223  C CG  . ASP A 1 40  ? 7.968   4.354   -2.471  1.000 16.364 ? 648 ASP A CG  1 
ATOM   224  O OD1 . ASP A 1 40  ? 8.546   5.457   -2.248  1.000 17.215 ? 648 ASP A OD1 1 
ATOM   225  O OD2 . ASP A 1 40  ? 8.223   3.290   -1.841  1.000 17.916 ? 648 ASP A OD2 1 
ATOM   226  N N   . THR A 1 41  ? 8.671   6.521   -5.989  1.000 16.096 ? 649 THR A N   1 
ATOM   227  C CA  . THR A 1 41  ? 9.882   6.610   -6.833  1.000 17.171 ? 649 THR A CA  1 
ATOM   228  C C   . THR A 1 41  ? 11.110  6.735   -5.927  1.000 17.857 ? 649 THR A C   1 
ATOM   229  O O   . THR A 1 41  ? 12.226  6.449   -6.419  1.000 19.613 ? 649 THR A O   1 
ATOM   230  C CB  . THR A 1 41  ? 9.803   7.772   -7.820  1.000 17.939 ? 649 THR A CB  1 
ATOM   231  O OG1 . THR A 1 41  ? 9.650   8.956   -7.044  1.000 18.770 ? 649 THR A OG1 1 
ATOM   232  C CG2 . THR A 1 41  ? 8.667   7.618   -8.806  1.000 17.718 ? 649 THR A CG2 1 
ATOM   233  N N   . GLY A 1 42  ? 10.923  7.152   -4.674  1.000 16.992 ? 650 GLY A N   1 
ATOM   234  C CA  . GLY A 1 42  ? 12.001  7.244   -3.674  1.000 17.609 ? 650 GLY A CA  1 
ATOM   235  C C   . GLY A 1 42  ? 12.376  5.893   -3.105  1.000 18.894 ? 650 GLY A C   1 
ATOM   236  O O   . GLY A 1 42  ? 13.358  5.813   -2.365  1.000 20.145 ? 650 GLY A O   1 
ATOM   237  N N   . ASN A 1 43  ? 11.551  4.870   -3.330  1.000 16.927 ? 651 ASN A N   1 
ATOM   238  C CA  . ASN A 1 43  ? 11.737  3.523   -2.746  1.000 17.786 ? 651 ASN A CA  1 
ATOM   239  C C   . ASN A 1 43  ? 11.761  3.623   -1.215  1.000 18.697 ? 651 ASN A C   1 
ATOM   240  O O   . ASN A 1 43  ? 12.476  2.831   -0.592  1.000 22.204 ? 651 ASN A O   1 
ATOM   241  C CB  . ASN A 1 43  ? 12.975  2.835   -3.339  1.000 19.555 ? 651 ASN A CB  1 
ATOM   242  C CG  . ASN A 1 43  ? 12.856  2.629   -4.835  1.000 20.641 ? 651 ASN A CG  1 
ATOM   243  O OD1 . ASN A 1 43  ? 11.880  2.041   -5.299  1.000 22.458 ? 651 ASN A OD1 1 
ATOM   244  N ND2 . ASN A 1 43  ? 13.838  3.094   -5.603  1.000 21.220 ? 651 ASN A ND2 1 
ATOM   245  N N   . ILE A 1 44  ? 10.984  4.547   -0.637  1.000 18.028 ? 652 ILE A N   1 
ATOM   246  C CA  . ILE A 1 44  ? 10.924  4.796   0.834   1.000 19.198 ? 652 ILE A CA  1 
ATOM   247  C C   . ILE A 1 44  ? 10.238  3.616   1.518   1.000 18.074 ? 652 ILE A C   1 
ATOM   248  O O   . ILE A 1 44  ? 10.607  3.316   2.661   1.000 20.400 ? 652 ILE A O   1 
ATOM   249  C CB  . ILE A 1 44  ? 10.162  6.102   1.165   1.000 20.903 ? 652 ILE A CB  1 
ATOM   250  C CG1 . ILE A 1 44  ? 10.789  7.338   0.518   1.000 22.820 ? 652 ILE A CG1 1 
ATOM   251  C CG2 . ILE A 1 44  ? 10.020  6.262   2.679   1.000 21.959 ? 652 ILE A CG2 1 
ATOM   252  C CD1 . ILE A 1 44  ? 10.016  8.601   0.765   1.000 24.160 ? 652 ILE A CD1 1 
ATOM   253  N N   . PHE A 1 45  ? 9.242   3.002   0.870   1.000 17.123 ? 653 PHE A N   1 
ATOM   254  C CA  . PHE A 1 45  ? 8.294   2.066   1.527   1.000 17.772 ? 653 PHE A CA  1 
ATOM   255  C C   . PHE A 1 45  ? 8.468   0.651   0.980   1.000 17.004 ? 653 PHE A C   1 
ATOM   256  O O   . PHE A 1 45  ? 7.591   -0.197  1.215   1.000 17.806 ? 653 PHE A O   1 
ATOM   257  C CB  . PHE A 1 45  ? 6.855   2.567   1.366   1.000 17.384 ? 653 PHE A CB  1 
ATOM   258  C CG  . PHE A 1 45  ? 6.675   4.008   1.769   1.000 17.433 ? 653 PHE A CG  1 
ATOM   259  C CD1 . PHE A 1 45  ? 6.886   4.402   3.081   1.000 18.128 ? 653 PHE A CD1 1 
ATOM   260  C CD2 . PHE A 1 45  ? 6.319   4.961   0.838   1.000 18.830 ? 653 PHE A CD2 1 
ATOM   261  C CE1 . PHE A 1 45  ? 6.740   5.729   3.451   1.000 19.786 ? 653 PHE A CE1 1 
ATOM   262  C CE2 . PHE A 1 45  ? 6.193   6.295   1.201   1.000 18.924 ? 653 PHE A CE2 1 
ATOM   263  C CZ  . PHE A 1 45  ? 6.391   6.669   2.511   1.000 19.497 ? 653 PHE A CZ  1 
ATOM   264  N N   . SER A 1 46  ? 9.596   0.387   0.324   1.000 18.598 ? 654 SER A N   1 
ATOM   265  C CA  . SER A 1 46  ? 9.879   -0.924  -0.321  1.000 20.317 ? 654 SER A CA  1 
ATOM   266  C C   . SER A 1 46  ? 9.934   -2.056  0.710   1.000 19.893 ? 654 SER A C   1 
ATOM   267  O O   . SER A 1 46  ? 9.489   -3.181  0.391   1.000 20.516 ? 654 SER A O   1 
ATOM   268  C CB  . SER A 1 46  ? 11.151  -0.850  -1.124  1.000 20.651 ? 654 SER A CB  1 
ATOM   269  O OG  . SER A 1 46  ? 10.985  0.020   -2.230  1.000 23.547 ? 654 SER A OG  1 
ATOM   270  N N   . GLU A 1 47  ? 10.472  -1.779  1.893   1.000 19.068 ? 655 GLU A N   1 
ATOM   271  C CA  . GLU A 1 47  ? 10.783  -2.811  2.909   1.000 21.526 ? 655 GLU A CA  1 
ATOM   272  C C   . GLU A 1 47  ? 10.371  -2.297  4.276   1.000 20.236 ? 655 GLU A C   1 
ATOM   273  O O   . GLU A 1 47  ? 10.173  -1.100  4.454   1.000 18.519 ? 655 GLU A O   1 
ATOM   274  C CB  . GLU A 1 47  ? 12.280  -3.139  2.902   1.000 25.674 ? 655 GLU A CB  1 
ATOM   275  C CG  . GLU A 1 47  ? 12.804  -3.556  1.540   1.000 29.548 ? 655 GLU A CG  1 
ATOM   276  C CD  . GLU A 1 47  ? 14.310  -3.733  1.457   1.000 34.775 ? 655 GLU A CD  1 
ATOM   277  O OE1 . GLU A 1 47  ? 14.999  -3.471  2.464   1.000 39.298 ? 655 GLU A OE1 1 
ATOM   278  O OE2 . GLU A 1 47  ? 14.792  -4.136  0.380   1.000 42.164 ? 655 GLU A OE2 1 
ATOM   279  N N   . PRO A 1 48  ? 10.238  -3.180  5.287   1.000 19.417 ? 656 PRO A N   1 
ATOM   280  C CA  . PRO A 1 48  ? 9.909   -2.743  6.638   1.000 20.042 ? 656 PRO A CA  1 
ATOM   281  C C   . PRO A 1 48  ? 10.908  -1.709  7.174   1.000 20.970 ? 656 PRO A C   1 
ATOM   282  O O   . PRO A 1 48  ? 12.081  -1.791  6.868   1.000 20.419 ? 656 PRO A O   1 
ATOM   283  C CB  . PRO A 1 48  ? 9.996   -4.028  7.476   1.000 20.987 ? 656 PRO A CB  1 
ATOM   284  C CG  . PRO A 1 48  ? 9.748   -5.125  6.480   1.000 21.183 ? 656 PRO A CG  1 
ATOM   285  C CD  . PRO A 1 48  ? 10.345  -4.642  5.178   1.000 21.094 ? 656 PRO A CD  1 
ATOM   286  N N   . VAL A 1 49  ? 10.426  -0.757  7.961   1.000 21.269 ? 657 VAL A N   1 
ATOM   287  C CA  . VAL A 1 49  ? 11.305  0.174   8.720   1.000 22.621 ? 657 VAL A CA  1 
ATOM   288  C C   . VAL A 1 49  ? 12.213  -0.676  9.604   1.000 23.453 ? 657 VAL A C   1 
ATOM   289  O O   . VAL A 1 49  ? 11.715  -1.524  10.336  1.000 22.457 ? 657 VAL A O   1 
ATOM   290  C CB  . VAL A 1 49  ? 10.475  1.165   9.554   1.000 22.870 ? 657 VAL A CB  1 
ATOM   291  C CG1 . VAL A 1 49  ? 11.364  1.985   10.470  1.000 24.393 ? 657 VAL A CG1 1 
ATOM   292  C CG2 . VAL A 1 49  ? 9.639   2.064   8.655   1.000 23.233 ? 657 VAL A CG2 1 
ATOM   293  N N   . PRO A 1 50  ? 13.555  -0.500  9.554   1.000 24.205 ? 658 PRO A N   1 
ATOM   294  C CA  . PRO A 1 50  ? 14.473  -1.280  10.390  1.000 25.138 ? 658 PRO A CA  1 
ATOM   295  C C   . PRO A 1 50  ? 14.497  -0.806  11.854  1.000 24.974 ? 658 PRO A C   1 
ATOM   296  O O   . PRO A 1 50  ? 14.923  0.306   12.122  1.000 24.927 ? 658 PRO A O   1 
ATOM   297  C CB  . PRO A 1 50  ? 15.834  -1.060  9.714   1.000 26.570 ? 658 PRO A CB  1 
ATOM   298  C CG  . PRO A 1 50  ? 15.711  0.309   9.078   1.000 26.141 ? 658 PRO A CG  1 
ATOM   299  C CD  . PRO A 1 50  ? 14.261  0.421   8.649   1.000 26.368 ? 658 PRO A CD  1 
ATOM   300  N N   . LEU A 1 51  ? 14.038  -1.651  12.779  1.000 25.789 ? 659 LEU A N   1 
ATOM   301  C CA  . LEU A 1 51  ? 13.875  -1.279  14.216  1.000 27.483 ? 659 LEU A CA  1 
ATOM   302  C C   . LEU A 1 51  ? 15.236  -1.116  14.909  1.000 27.041 ? 659 LEU A C   1 
ATOM   303  O O   . LEU A 1 51  ? 15.303  -0.390  15.921  1.000 29.545 ? 659 LEU A O   1 
ATOM   304  C CB  . LEU A 1 51  ? 12.997  -2.317  14.921  1.000 30.043 ? 659 LEU A CB  1 
ATOM   305  C CG  . LEU A 1 51  ? 11.491  -2.149  14.728  1.000 33.235 ? 659 LEU A CG  1 
ATOM   306  C CD1 . LEU A 1 51  ? 11.054  -0.724  15.033  1.000 36.312 ? 659 LEU A CD1 1 
ATOM   307  C CD2 . LEU A 1 51  ? 11.055  -2.552  13.328  1.000 35.778 ? 659 LEU A CD2 1 
ATOM   308  N N   . SER A 1 52  ? 16.301  -1.734  14.401  1.000 26.978 ? 660 SER A N   1 
ATOM   309  C CA  . SER A 1 52  ? 17.674  -1.560  14.941  1.000 27.819 ? 660 SER A CA  1 
ATOM   310  C C   . SER A 1 52  ? 18.153  -0.124  14.688  1.000 30.334 ? 660 SER A C   1 
ATOM   311  O O   . SER A 1 52  ? 19.003  0.371   15.453  1.000 31.159 ? 660 SER A O   1 
ATOM   312  C CB  . SER A 1 52  ? 18.622  -2.579  14.360  1.000 29.861 ? 660 SER A CB  1 
ATOM   313  O OG  . SER A 1 52  ? 18.783  -2.376  12.964  1.000 33.732 ? 660 SER A OG  1 
ATOM   314  N N   . GLU A 1 53  ? 17.609  0.543   13.665  1.000 28.766 ? 661 GLU A N   1 
ATOM   315  C CA  . GLU A 1 53  ? 18.007  1.924   13.277  1.000 29.400 ? 661 GLU A CA  1 
ATOM   316  C C   . GLU A 1 53  ? 16.978  2.953   13.758  1.000 27.373 ? 661 GLU A C   1 
ATOM   317  O O   . GLU A 1 53  ? 17.370  4.118   13.959  1.000 28.485 ? 661 GLU A O   1 
ATOM   318  C CB  . GLU A 1 53  ? 18.195  1.999   11.763  1.000 31.732 ? 661 GLU A CB  1 
ATOM   319  C CG  . GLU A 1 53  ? 19.334  1.125   11.281  1.000 35.655 ? 661 GLU A CG  1 
ATOM   320  C CD  . GLU A 1 53  ? 19.406  0.996   9.773   1.000 38.994 ? 661 GLU A CD  1 
ATOM   321  O OE1 . GLU A 1 53  ? 19.794  -0.089  9.289   0.700 42.936 ? 661 GLU A OE1 1 
ATOM   322  O OE2 . GLU A 1 53  ? 19.067  1.980   9.088   0.700 43.482 ? 661 GLU A OE2 1 
ATOM   323  N N   . VAL A 1 54  ? 15.722  2.552   13.948  1.000 24.868 ? 662 VAL A N   1 
ATOM   324  C CA  . VAL A 1 54  ? 14.605  3.444   14.367  1.000 23.101 ? 662 VAL A CA  1 
ATOM   325  C C   . VAL A 1 54  ? 13.936  2.819   15.588  1.000 23.573 ? 662 VAL A C   1 
ATOM   326  O O   . VAL A 1 54  ? 12.805  2.353   15.535  1.000 22.470 ? 662 VAL A O   1 
ATOM   327  C CB  . VAL A 1 54  ? 13.621  3.689   13.205  1.000 23.021 ? 662 VAL A CB  1 
ATOM   328  C CG1 . VAL A 1 54  ? 12.659  4.809   13.542  1.000 23.305 ? 662 VAL A CG1 1 
ATOM   329  C CG2 . VAL A 1 54  ? 14.337  3.978   11.893  1.000 23.554 ? 662 VAL A CG2 1 
ATOM   330  N N   . PRO A 1 55  ? 14.634  2.744   16.743  1.000 24.006 ? 663 PRO A N   1 
ATOM   331  C CA  . PRO A 1 55  ? 14.145  1.929   17.857  1.000 23.691 ? 663 PRO A CA  1 
ATOM   332  C C   . PRO A 1 55  ? 12.870  2.406   18.560  1.000 22.938 ? 663 PRO A C   1 
ATOM   333  O O   . PRO A 1 55  ? 12.286  1.606   19.261  1.000 21.454 ? 663 PRO A O   1 
ATOM   334  C CB  . PRO A 1 55  ? 15.303  1.929   18.862  1.000 25.495 ? 663 PRO A CB  1 
ATOM   335  C CG  . PRO A 1 55  ? 16.135  3.129   18.498  1.000 26.123 ? 663 PRO A CG  1 
ATOM   336  C CD  . PRO A 1 55  ? 15.939  3.361   17.012  1.000 26.463 ? 663 PRO A CD  1 
ATOM   337  N N   . ASP A 1 56  ? 12.414  3.646   18.312  1.000 22.181 ? 664 ASP A N   1 
ATOM   338  C CA  . ASP A 1 56  ? 11.163  4.184   18.908  1.000 22.645 ? 664 ASP A CA  1 
ATOM   339  C C   . ASP A 1 56  ? 9.984   4.030   17.931  1.000 21.882 ? 664 ASP A C   1 
ATOM   340  O O   . ASP A 1 56  ? 8.874   4.461   18.273  1.000 22.898 ? 664 ASP A O   1 
ATOM   341  C CB  . ASP A 1 56  ? 11.355  5.647   19.320  1.000 25.399 ? 664 ASP A CB  1 
ATOM   342  C CG  . ASP A 1 56  ? 11.521  6.616   18.164  1.000 27.481 ? 664 ASP A CG  1 
ATOM   343  O OD1 . ASP A 1 56  ? 11.950  6.185   17.078  1.000 26.005 ? 664 ASP A OD1 1 
ATOM   344  O OD2 . ASP A 1 56  ? 11.258  7.815   18.384  1.000 32.635 ? 664 ASP A OD2 1 
ATOM   345  N N   . TYR A 1 57  ? 10.185  3.399   16.782  1.000 20.922 ? 665 TYR A N   1 
ATOM   346  C CA  . TYR A 1 57  ? 9.141   3.346   15.722  1.000 21.258 ? 665 TYR A CA  1 
ATOM   347  C C   . TYR A 1 57  ? 7.844   2.728   16.252  1.000 22.164 ? 665 TYR A C   1 
ATOM   348  O O   . TYR A 1 57  ? 6.755   3.282   15.963  1.000 24.546 ? 665 TYR A O   1 
ATOM   349  C CB  . TYR A 1 57  ? 9.650   2.582   14.503  1.000 21.318 ? 665 TYR A CB  1 
ATOM   350  C CG  . TYR A 1 57  ? 8.748   2.724   13.307  1.000 20.558 ? 665 TYR A CG  1 
ATOM   351  C CD1 . TYR A 1 57  ? 8.660   3.923   12.620  1.000 18.966 ? 665 TYR A CD1 1 
ATOM   352  C CD2 . TYR A 1 57  ? 7.978   1.661   12.868  1.000 20.076 ? 665 TYR A CD2 1 
ATOM   353  C CE1 . TYR A 1 57  ? 7.848   4.055   11.505  1.000 18.905 ? 665 TYR A CE1 1 
ATOM   354  C CE2 . TYR A 1 57  ? 7.143   1.781   11.771  1.000 19.761 ? 665 TYR A CE2 1 
ATOM   355  C CZ  . TYR A 1 57  ? 7.070   2.985   11.100  1.000 18.583 ? 665 TYR A CZ  1 
ATOM   356  O OH  . TYR A 1 57  ? 6.247   3.102   10.019  1.000 20.026 ? 665 TYR A OH  1 
ATOM   357  N N   . LEU A 1 58  ? 7.919   1.626   17.007  1.000 23.860 ? 666 LEU A N   1 
ATOM   358  C CA  . LEU A 1 58  ? 6.715   0.889   17.477  1.000 25.021 ? 666 LEU A CA  1 
ATOM   359  C C   . LEU A 1 58  ? 6.101   1.561   18.711  1.000 26.248 ? 666 LEU A C   1 
ATOM   360  O O   . LEU A 1 58  ? 5.011   1.121   19.120  1.000 27.087 ? 666 LEU A O   1 
ATOM   361  C CB  . LEU A 1 58  ? 7.063   -0.564  17.813  1.000 26.957 ? 666 LEU A CB  1 
ATOM   362  C CG  . LEU A 1 58  ? 7.572   -1.418  16.664  1.000 26.895 ? 666 LEU A CG  1 
ATOM   363  C CD1 . LEU A 1 58  ? 7.801   -2.846  17.143  1.000 29.018 ? 666 LEU A CD1 1 
ATOM   364  C CD2 . LEU A 1 58  ? 6.615   -1.397  15.482  1.000 28.266 ? 666 LEU A CD2 1 
ATOM   365  N N   . ASP A 1 59  ? 6.764   2.562   19.300  1.000 27.661 ? 667 ASP A N   1 
ATOM   366  C CA  . ASP A 1 59  ? 6.161   3.370   20.394  1.000 32.806 ? 667 ASP A CA  1 
ATOM   367  C C   . ASP A 1 59  ? 4.913   4.067   19.848  1.000 32.770 ? 667 ASP A C   1 
ATOM   368  O O   . ASP A 1 59  ? 3.969   4.278   20.621  1.000 37.305 ? 667 ASP A O   1 
ATOM   369  C CB  . ASP A 1 59  ? 7.129   4.412   20.961  1.000 34.833 ? 667 ASP A CB  1 
ATOM   370  C CG  . ASP A 1 59  ? 8.409   3.851   21.561  1.000 38.335 ? 667 ASP A CG  1 
ATOM   371  O OD1 . ASP A 1 59  ? 8.494   2.623   21.734  1.000 42.230 ? 667 ASP A OD1 1 
ATOM   372  O OD2 . ASP A 1 59  ? 9.313   4.659   21.850  1.000 40.210 ? 667 ASP A OD2 1 
ATOM   373  N N   . HIS A 1 60  ? 4.932   4.393   18.552  1.000 30.663 ? 668 HIS A N   1 
ATOM   374  C CA  . HIS A 1 60  ? 3.969   5.277   17.844  1.000 32.074 ? 668 HIS A CA  1 
ATOM   375  C C   . HIS A 1 60  ? 3.061   4.466   16.908  1.000 29.578 ? 668 HIS A C   1 
ATOM   376  O O   . HIS A 1 60  ? 1.883   4.854   16.720  1.000 29.374 ? 668 HIS A O   1 
ATOM   377  C CB  . HIS A 1 60  ? 4.758   6.346   17.079  1.000 35.527 ? 668 HIS A CB  1 
ATOM   378  C CG  . HIS A 1 60  ? 5.694   7.127   17.941  1.000 37.248 ? 668 HIS A CG  1 
ATOM   379  N ND1 . HIS A 1 60  ? 7.063   6.928   17.914  0.700 39.293 ? 668 HIS A ND1 1 
ATOM   380  C CD2 . HIS A 1 60  ? 5.467   8.085   18.867  1.000 41.235 ? 668 HIS A CD2 1 
ATOM   381  C CE1 . HIS A 1 60  ? 7.641   7.744   18.771  1.000 39.786 ? 668 HIS A CE1 1 
ATOM   382  N NE2 . HIS A 1 60  ? 6.683   8.460   19.376  0.700 41.424 ? 668 HIS A NE2 1 
ATOM   383  N N   . ILE A 1 61  ? 3.598   3.387   16.343  1.000 24.791 ? 669 ILE A N   1 
ATOM   384  C CA  . ILE A 1 61  ? 2.996   2.635   15.203  1.000 23.258 ? 669 ILE A CA  1 
ATOM   385  C C   . ILE A 1 61  ? 2.592   1.238   15.699  1.000 23.651 ? 669 ILE A C   1 
ATOM   386  O O   . ILE A 1 61  ? 3.484   0.453   16.038  1.000 25.720 ? 669 ILE A O   1 
ATOM   387  C CB  . ILE A 1 61  ? 3.999   2.557   14.034  1.000 22.484 ? 669 ILE A CB  1 
ATOM   388  C CG1 . ILE A 1 61  ? 4.469   3.936   13.550  1.000 24.564 ? 669 ILE A CG1 1 
ATOM   389  C CG2 . ILE A 1 61  ? 3.428   1.715   12.907  1.000 22.458 ? 669 ILE A CG2 1 
ATOM   390  C CD1 . ILE A 1 61  ? 3.358   4.898   13.255  1.000 25.096 ? 669 ILE A CD1 1 
ATOM   391  N N   . LYS A 1 62  ? 1.303   0.918   15.674  1.000 25.426 ? 670 LYS A N   1 
ATOM   392  C CA  . LYS A 1 62  ? 0.785   -0.375  16.195  1.000 27.146 ? 670 LYS A CA  1 
ATOM   393  C C   . LYS A 1 62  ? 0.836   -1.449  15.104  1.000 25.524 ? 670 LYS A C   1 
ATOM   394  O O   . LYS A 1 62  ? 1.022   -2.621  15.463  1.000 27.338 ? 670 LYS A O   1 
ATOM   395  C CB  . LYS A 1 62  ? -0.603  -0.180  16.814  1.000 33.412 ? 670 LYS A CB  1 
ATOM   396  C CG  . LYS A 1 62  ? -0.612  0.653   18.095  1.000 38.147 ? 670 LYS A CG  1 
ATOM   397  C CD  . LYS A 1 62  ? 0.635   0.482   18.958  1.000 40.372 ? 670 LYS A CD  1 
ATOM   398  C CE  . LYS A 1 62  ? 0.708   1.420   20.145  1.000 43.820 ? 670 LYS A CE  1 
ATOM   399  N NZ  . LYS A 1 62  ? 1.948   1.190   20.926  1.000 46.236 ? 670 LYS A NZ  1 
ATOM   400  N N   . LYS A 1 63  ? 0.725   -1.095  13.824  1.000 21.595 ? 671 LYS A N   1 
ATOM   401  C CA  . LYS A 1 63  ? 0.780   -2.104  12.733  1.000 22.089 ? 671 LYS A CA  1 
ATOM   402  C C   . LYS A 1 63  ? 1.641   -1.560  11.602  1.000 19.891 ? 671 LYS A C   1 
ATOM   403  O O   . LYS A 1 63  ? 1.145   -0.910  10.683  1.000 18.327 ? 671 LYS A O   1 
ATOM   404  C CB  . LYS A 1 63  ? -0.598  -2.500  12.204  1.000 24.300 ? 671 LYS A CB  1 
ATOM   405  C CG  . LYS A 1 63  ? -0.548  -3.689  11.250  1.000 26.820 ? 671 LYS A CG  1 
ATOM   406  C CD  . LYS A 1 63  ? -1.889  -4.141  10.733  1.000 29.225 ? 671 LYS A CD  1 
ATOM   407  C CE  . LYS A 1 63  ? -1.752  -5.234  9.697   1.000 31.566 ? 671 LYS A CE  1 
ATOM   408  N NZ  . LYS A 1 63  ? -3.062  -5.559  9.089   1.000 35.125 ? 671 LYS A NZ  1 
ATOM   409  N N   . PRO A 1 64  ? 2.951   -1.865  11.639  1.000 19.772 ? 672 PRO A N   1 
ATOM   410  C CA  . PRO A 1 64  ? 3.853   -1.547  10.539  1.000 18.986 ? 672 PRO A CA  1 
ATOM   411  C C   . PRO A 1 64  ? 3.362   -2.181  9.231   1.000 16.742 ? 672 PRO A C   1 
ATOM   412  O O   . PRO A 1 64  ? 2.777   -3.273  9.231   1.000 17.747 ? 672 PRO A O   1 
ATOM   413  C CB  . PRO A 1 64  ? 5.197   -2.132  10.987  1.000 20.337 ? 672 PRO A CB  1 
ATOM   414  C CG  . PRO A 1 64  ? 5.096   -2.126  12.494  1.000 23.121 ? 672 PRO A CG  1 
ATOM   415  C CD  . PRO A 1 64  ? 3.658   -2.500  12.766  1.000 22.234 ? 672 PRO A CD  1 
ATOM   416  N N   . MET A 1 65  ? 3.618   -1.500  8.124   1.000 16.372 ? 673 MET A N   1 
ATOM   417  C CA  . MET A 1 65  ? 3.296   -2.038  6.786   1.000 15.973 ? 673 MET A CA  1 
ATOM   418  C C   . MET A 1 65  ? 4.259   -1.453  5.761   1.000 15.983 ? 673 MET A C   1 
ATOM   419  O O   . MET A 1 65  ? 4.801   -0.361  5.983   1.000 16.760 ? 673 MET A O   1 
ATOM   420  C CB  . MET A 1 65  ? 1.843   -1.713  6.424   1.000 16.633 ? 673 MET A CB  1 
ATOM   421  C CG  . MET A 1 65  ? 1.315   -2.394  5.175   1.000 17.012 ? 673 MET A CG  1 
ATOM   422  S SD  . MET A 1 65  ? 1.547   -4.198  5.098   1.000 18.206 ? 673 MET A SD  1 
ATOM   423  C CE  . MET A 1 65  ? 0.725   -4.696  6.605   1.000 19.748 ? 673 MET A CE  1 
ATOM   424  N N   . ASP A 1 66  ? 4.467   -2.180  4.666   1.000 14.994 ? 674 ASP A N   1 
ATOM   425  C CA  . ASP A 1 66  ? 5.417   -1.822  3.590   1.000 15.760 ? 674 ASP A CA  1 
ATOM   426  C C   . ASP A 1 66  ? 5.051   -2.652  2.362   1.000 14.713 ? 674 ASP A C   1 
ATOM   427  O O   . ASP A 1 66  ? 4.252   -3.589  2.499   1.000 15.697 ? 674 ASP A O   1 
ATOM   428  C CB  . ASP A 1 66  ? 6.848   -2.124  4.033   1.000 17.074 ? 674 ASP A CB  1 
ATOM   429  C CG  . ASP A 1 66  ? 7.082   -3.606  4.224   1.000 18.880 ? 674 ASP A CG  1 
ATOM   430  O OD1 . ASP A 1 66  ? 6.761   -4.102  5.329   1.000 19.636 ? 674 ASP A OD1 1 
ATOM   431  O OD2 . ASP A 1 66  ? 7.475   -4.257  3.242   1.000 20.187 ? 674 ASP A OD2 1 
ATOM   432  N N   . PHE A 1 67  ? 5.629   -2.349  1.206   1.000 15.828 ? 675 PHE A N   1 
ATOM   433  C CA  . PHE A 1 67  ? 5.228   -2.995  -0.067  1.000 15.699 ? 675 PHE A CA  1 
ATOM   434  C C   . PHE A 1 67  ? 5.702   -4.455  -0.112  1.000 16.592 ? 675 PHE A C   1 
ATOM   435  O O   . PHE A 1 67  ? 5.003   -5.253  -0.739  1.000 17.418 ? 675 PHE A O   1 
ATOM   436  C CB  . PHE A 1 67  ? 5.725   -2.198  -1.269  1.000 15.474 ? 675 PHE A CB  1 
ATOM   437  C CG  . PHE A 1 67  ? 4.962   -0.925  -1.536  1.000 15.698 ? 675 PHE A CG  1 
ATOM   438  C CD1 . PHE A 1 67  ? 3.587   -0.953  -1.748  1.000 16.846 ? 675 PHE A CD1 1 
ATOM   439  C CD2 . PHE A 1 67  ? 5.619   0.285   -1.630  1.000 15.647 ? 675 PHE A CD2 1 
ATOM   440  C CE1 . PHE A 1 67  ? 2.880   0.211   -2.009  1.000 16.791 ? 675 PHE A CE1 1 
ATOM   441  C CE2 . PHE A 1 67  ? 4.911   1.444   -1.895  1.000 16.146 ? 675 PHE A CE2 1 
ATOM   442  C CZ  . PHE A 1 67  ? 3.555   1.403   -2.110  1.000 16.504 ? 675 PHE A CZ  1 
ATOM   443  N N   . PHE A 1 68  ? 6.832   -4.800  0.502   1.000 17.802 ? 676 PHE A N   1 
ATOM   444  C CA  . PHE A 1 68  ? 7.297   -6.211  0.519   1.000 18.814 ? 676 PHE A CA  1 
ATOM   445  C C   . PHE A 1 68  ? 6.296   -7.065  1.299   1.000 17.917 ? 676 PHE A C   1 
ATOM   446  O O   . PHE A 1 68  ? 5.883   -8.138  0.818   1.000 18.387 ? 676 PHE A O   1 
ATOM   447  C CB  . PHE A 1 68  ? 8.698   -6.330  1.111   1.000 21.344 ? 676 PHE A CB  1 
ATOM   448  C CG  . PHE A 1 68  ? 9.179   -7.754  1.171   1.000 25.148 ? 676 PHE A CG  1 
ATOM   449  C CD1 . PHE A 1 68  ? 9.604   -8.405  0.024   1.000 28.018 ? 676 PHE A CD1 1 
ATOM   450  C CD2 . PHE A 1 68  ? 9.170   -8.443  2.371   1.000 26.983 ? 676 PHE A CD2 1 
ATOM   451  C CE1 . PHE A 1 68  ? 10.039  -9.721  0.086   1.000 29.595 ? 676 PHE A CE1 1 
ATOM   452  C CE2 . PHE A 1 68  ? 9.610   -9.757  2.428   1.000 29.595 ? 676 PHE A CE2 1 
ATOM   453  C CZ  . PHE A 1 68  ? 10.033  -10.393 1.284   1.000 29.292 ? 676 PHE A CZ  1 
ATOM   454  N N   . THR A 1 69  ? 5.881   -6.594  2.473   1.000 16.878 ? 677 THR A N   1 
ATOM   455  C CA  . THR A 1 69  ? 4.885   -7.282  3.330   1.000 17.670 ? 677 THR A CA  1 
ATOM   456  C C   . THR A 1 69  ? 3.574   -7.435  2.543   1.000 16.809 ? 677 THR A C   1 
ATOM   457  O O   . THR A 1 69  ? 2.931   -8.489  2.615   1.000 17.775 ? 677 THR A O   1 
ATOM   458  C CB  . THR A 1 69  ? 4.695   -6.530  4.648   1.000 18.460 ? 677 THR A CB  1 
ATOM   459  O OG1 . THR A 1 69  ? 5.975   -6.462  5.291   1.000 21.102 ? 677 THR A OG1 1 
ATOM   460  C CG2 . THR A 1 69  ? 3.675   -7.193  5.547   1.000 18.666 ? 677 THR A CG2 1 
ATOM   461  N N   . MET A 1 70  ? 3.128   -6.391  1.844   1.000 16.654 ? 678 MET A N   1 
ATOM   462  C CA  . MET A 1 70  ? 1.892   -6.474  1.026   1.000 16.544 ? 678 MET A CA  1 
ATOM   463  C C   . MET A 1 70  ? 2.059   -7.552  -0.048  1.000 15.488 ? 678 MET A C   1 
ATOM   464  O O   . MET A 1 70  ? 1.089   -8.295  -0.289  1.000 16.195 ? 678 MET A O   1 
ATOM   465  C CB  . MET A 1 70  ? 1.575   -5.136  0.350   1.000 16.985 ? 678 MET A CB  1 
ATOM   466  C CG  . MET A 1 70  ? 1.063   -4.086  1.318   1.000 16.397 ? 678 MET A CG  1 
ATOM   467  S SD  . MET A 1 70  ? 0.366   -2.632  0.501   1.000 16.252 ? 678 MET A SD  1 
ATOM   468  C CE  . MET A 1 70  ? -1.131  -3.292  -0.246  1.000 16.944 ? 678 MET A CE  1 
ATOM   469  N N   . LYS A 1 71  ? 3.231   -7.661  -0.675  1.000 17.011 ? 679 LYS A N   1 
ATOM   470  C CA  . LYS A 1 71  ? 3.460   -8.701  -1.718  1.000 18.112 ? 679 LYS A CA  1 
ATOM   471  C C   . LYS A 1 71  ? 3.366   -10.090 -1.065  1.000 18.340 ? 679 LYS A C   1 
ATOM   472  O O   . LYS A 1 71  ? 2.697   -10.986 -1.640  1.000 18.718 ? 679 LYS A O   1 
ATOM   473  C CB  . LYS A 1 71  ? 4.795   -8.472  -2.422  1.000 19.706 ? 679 LYS A CB  1 
ATOM   474  C CG  . LYS A 1 71  ? 5.150   -9.520  -3.463  1.000 22.495 ? 679 LYS A CG  1 
ATOM   475  C CD  . LYS A 1 71  ? 4.148   -9.607  -4.592  0.700 23.948 ? 679 LYS A CD  1 
ATOM   476  C CE  . LYS A 1 71  ? 4.774   -10.057 -5.898  0.600 26.535 ? 679 LYS A CE  1 
ATOM   477  N NZ  . LYS A 1 71  ? 3.791   -10.701 -6.801  0.700 28.522 ? 679 LYS A NZ  1 
ATOM   478  N N   . GLN A 1 72  ? 3.930   -10.255 0.131   1.000 18.644 ? 680 GLN A N   1 
ATOM   479  C CA  . GLN A 1 72  ? 3.842   -11.548 0.863   1.000 20.511 ? 680 GLN A CA  1 
ATOM   480  C C   . GLN A 1 72  ? 2.381   -11.879 1.166   1.000 20.222 ? 680 GLN A C   1 
ATOM   481  O O   . GLN A 1 72  ? 1.965   -13.040 0.993   1.000 20.037 ? 680 GLN A O   1 
ATOM   482  C CB  . GLN A 1 72  ? 4.630   -11.487 2.168   1.000 22.848 ? 680 GLN A CB  1 
ATOM   483  C CG  . GLN A 1 72  ? 6.130   -11.431 1.971   1.000 26.000 ? 680 GLN A CG  1 
ATOM   484  C CD  . GLN A 1 72  ? 6.814   -11.420 3.317   1.000 29.741 ? 680 GLN A CD  1 
ATOM   485  O OE1 . GLN A 1 72  ? 6.472   -10.637 4.205   1.000 34.399 ? 680 GLN A OE1 1 
ATOM   486  N NE2 . GLN A 1 72  ? 7.761   -12.325 3.493   1.000 33.863 ? 680 GLN A NE2 1 
ATOM   487  N N   . ASN A 1 73  ? 1.604   -10.904 1.625   1.000 18.189 ? 681 ASN A N   1 
ATOM   488  C CA  . ASN A 1 73  ? 0.181   -11.106 1.987   1.000 18.381 ? 681 ASN A CA  1 
ATOM   489  C C   . ASN A 1 73  ? -0.599  -11.494 0.733   1.000 17.716 ? 681 ASN A C   1 
ATOM   490  O O   . ASN A 1 73  ? -1.484  -12.349 0.809   1.000 18.474 ? 681 ASN A O   1 
ATOM   491  C CB  . ASN A 1 73  ? -0.407  -9.854  2.637   1.000 18.417 ? 681 ASN A CB  1 
ATOM   492  C CG  . ASN A 1 73  ? 0.138   -9.579  4.020   1.000 20.573 ? 681 ASN A CG  1 
ATOM   493  O OD1 . ASN A 1 73  ? 0.673   -10.474 4.691   1.000 22.696 ? 681 ASN A OD1 1 
ATOM   494  N ND2 . ASN A 1 73  ? -0.033  -8.349  4.479   1.000 20.684 ? 681 ASN A ND2 1 
ATOM   495  N N   . LEU A 1 74  ? -0.321  -10.829 -0.380  1.000 17.869 ? 682 LEU A N   1 
ATOM   496  C CA  . LEU A 1 74  ? -1.026  -11.087 -1.654  1.000 18.388 ? 682 LEU A CA  1 
ATOM   497  C C   . LEU A 1 74  ? -0.791  -12.550 -2.057  1.000 19.331 ? 682 LEU A C   1 
ATOM   498  O O   . LEU A 1 74  ? -1.770  -13.269 -2.366  1.000 19.069 ? 682 LEU A O   1 
ATOM   499  C CB  . LEU A 1 74  ? -0.483  -10.091 -2.684  1.000 18.454 ? 682 LEU A CB  1 
ATOM   500  C CG  . LEU A 1 74  ? -1.044  -10.200 -4.093  1.000 20.787 ? 682 LEU A CG  1 
ATOM   501  C CD1 . LEU A 1 74  ? -2.551  -10.208 -4.088  1.000 22.588 ? 682 LEU A CD1 1 
ATOM   502  C CD2 . LEU A 1 74  ? -0.522  -9.048  -4.933  1.000 21.599 ? 682 LEU A CD2 1 
ATOM   503  N N   A GLU A 1 75  ? 0.464   -12.997 -2.028  0.500 19.947 ? 683 GLU A N   1 
ATOM   504  N N   B GLU A 1 75  ? 0.473   -12.975 -2.049  0.500 20.200 ? 683 GLU A N   1 
ATOM   505  C CA  A GLU A 1 75  ? 0.841   -14.354 -2.524  0.500 22.015 ? 683 GLU A CA  1 
ATOM   506  C CA  B GLU A 1 75  ? 0.880   -14.339 -2.496  0.500 22.527 ? 683 GLU A CA  1 
ATOM   507  C C   A GLU A 1 75  ? 0.462   -15.426 -1.491  0.500 22.400 ? 683 GLU A C   1 
ATOM   508  C C   B GLU A 1 75  ? 0.276   -15.380 -1.541  0.500 22.160 ? 683 GLU A C   1 
ATOM   509  O O   A GLU A 1 75  ? 0.539   -16.620 -1.850  0.500 23.427 ? 683 GLU A O   1 
ATOM   510  O O   B GLU A 1 75  ? -0.086  -16.475 -2.019  0.500 22.495 ? 683 GLU A O   1 
ATOM   511  C CB  A GLU A 1 75  ? 2.326   -14.401 -2.873  0.500 23.043 ? 683 GLU A CB  1 
ATOM   512  C CB  B GLU A 1 75  ? 2.402   -14.402 -2.630  0.500 24.297 ? 683 GLU A CB  1 
ATOM   513  C CG  A GLU A 1 75  ? 2.722   -13.428 -3.970  0.500 23.726 ? 683 GLU A CG  1 
ATOM   514  C CG  B GLU A 1 75  ? 2.898   -13.641 -3.852  0.500 25.933 ? 683 GLU A CG  1 
ATOM   515  C CD  A GLU A 1 75  ? 1.913   -13.482 -5.257  0.500 24.274 ? 683 GLU A CD  1 
ATOM   516  C CD  B GLU A 1 75  ? 4.403   -13.544 -4.056  0.500 27.643 ? 683 GLU A CD  1 
ATOM   517  O OE1 A GLU A 1 75  ? 1.186   -14.479 -5.476  0.500 27.400 ? 683 GLU A OE1 1 
ATOM   518  O OE1 B GLU A 1 75  ? 5.160   -13.871 -3.125  0.500 29.358 ? 683 GLU A OE1 1 
ATOM   519  O OE2 A GLU A 1 75  ? 2.025   -12.530 -6.047  0.500 25.052 ? 683 GLU A OE2 1 
ATOM   520  O OE2 B GLU A 1 75  ? 4.815   -13.132 -5.157  0.500 30.662 ? 683 GLU A OE2 1 
ATOM   521  N N   . ALA A 1 76  ? 0.106   -15.039 -0.260  1.000 22.252 ? 684 ALA A N   1 
ATOM   522  C CA  . ALA A 1 76  ? -0.438  -15.958 0.775   1.000 23.032 ? 684 ALA A CA  1 
ATOM   523  C C   . ALA A 1 76  ? -1.978  -15.957 0.789   1.000 23.179 ? 684 ALA A C   1 
ATOM   524  O O   . ALA A 1 76  ? -2.569  -16.571 1.705   1.000 23.734 ? 684 ALA A O   1 
ATOM   525  C CB  . ALA A 1 76  ? 0.122   -15.599 2.124   1.000 23.982 ? 684 ALA A CB  1 
ATOM   526  N N   . TYR A 1 77  ? -2.626  -15.303 -0.185  1.000 21.972 ? 685 TYR A N   1 
ATOM   527  C CA  . TYR A 1 77  ? -4.102  -15.288 -0.352  1.000 23.381 ? 685 TYR A CA  1 
ATOM   528  C C   . TYR A 1 77  ? -4.770  -14.609 0.853   1.000 21.355 ? 685 TYR A C   1 
ATOM   529  O O   . TYR A 1 77  ? -5.883  -14.986 1.244   1.000 22.975 ? 685 TYR A O   1 
ATOM   530  C CB  . TYR A 1 77  ? -4.624  -16.714 -0.563  1.000 24.970 ? 685 TYR A CB  1 
ATOM   531  C CG  . TYR A 1 77  ? -3.965  -17.461 -1.694  1.000 29.468 ? 685 TYR A CG  1 
ATOM   532  C CD1 . TYR A 1 77  ? -4.461  -17.384 -2.983  1.000 32.641 ? 685 TYR A CD1 1 
ATOM   533  C CD2 . TYR A 1 77  ? -2.857  -18.267 -1.475  1.000 31.283 ? 685 TYR A CD2 1 
ATOM   534  C CE1 . TYR A 1 77  ? -3.871  -18.076 -4.031  1.000 33.464 ? 685 TYR A CE1 1 
ATOM   535  C CE2 . TYR A 1 77  ? -2.254  -18.966 -2.507  1.000 33.132 ? 685 TYR A CE2 1 
ATOM   536  C CZ  . TYR A 1 77  ? -2.762  -18.868 -3.793  1.000 35.192 ? 685 TYR A CZ  1 
ATOM   537  O OH  . TYR A 1 77  ? -2.178  -19.543 -4.829  1.000 39.202 ? 685 TYR A OH  1 
ATOM   538  N N   . ARG A 1 78  ? -4.115  -13.595 1.435   1.000 21.439 ? 686 ARG A N   1 
ATOM   539  C CA  . ARG A 1 78  ? -4.691  -12.836 2.575   1.000 20.514 ? 686 ARG A CA  1 
ATOM   540  C C   . ARG A 1 78  ? -5.528  -11.648 2.099   1.000 19.064 ? 686 ARG A C   1 
ATOM   541  O O   . ARG A 1 78  ? -6.232  -11.077 2.937   1.000 20.122 ? 686 ARG A O   1 
ATOM   542  C CB  . ARG A 1 78  ? -3.593  -12.371 3.531   1.000 21.480 ? 686 ARG A CB  1 
ATOM   543  C CG  . ARG A 1 78  ? -2.836  -13.525 4.164   1.000 25.029 ? 686 ARG A CG  1 
ATOM   544  C CD  . ARG A 1 78  ? -1.944  -13.053 5.291   1.000 27.700 ? 686 ARG A CD  1 
ATOM   545  N NE  . ARG A 1 78  ? -1.146  -14.175 5.747   1.000 30.295 ? 686 ARG A NE  1 
ATOM   546  C CZ  . ARG A 1 78  ? 0.165   -14.317 5.604   1.000 31.146 ? 686 ARG A CZ  1 
ATOM   547  N NH1 . ARG A 1 78  ? 0.911   -13.369 5.051   1.000 29.712 ? 686 ARG A NH1 1 
ATOM   548  N NH2 . ARG A 1 78  ? 0.738   -15.417 6.067   1.000 32.638 ? 686 ARG A NH2 1 
ATOM   549  N N   . TYR A 1 79  ? -5.448  -11.282 0.813   1.000 16.509 ? 687 TYR A N   1 
ATOM   550  C CA  . TYR A 1 79  ? -6.302  -10.221 0.233   1.000 15.935 ? 687 TYR A CA  1 
ATOM   551  C C   . TYR A 1 79  ? -7.332  -10.877 -0.684  1.000 15.990 ? 687 TYR A C   1 
ATOM   552  O O   . TYR A 1 79  ? -7.016  -11.234 -1.828  1.000 16.316 ? 687 TYR A O   1 
ATOM   553  C CB  . TYR A 1 79  ? -5.484  -9.192  -0.558  1.000 15.517 ? 687 TYR A CB  1 
ATOM   554  C CG  . TYR A 1 79  ? -4.440  -8.446  0.229   1.000 15.580 ? 687 TYR A CG  1 
ATOM   555  C CD1 . TYR A 1 79  ? -4.736  -7.808  1.425   1.000 15.446 ? 687 TYR A CD1 1 
ATOM   556  C CD2 . TYR A 1 79  ? -3.142  -8.379  -0.247  1.000 15.749 ? 687 TYR A CD2 1 
ATOM   557  C CE1 . TYR A 1 79  ? -3.753  -7.139  2.138   1.000 15.589 ? 687 TYR A CE1 1 
ATOM   558  C CE2 . TYR A 1 79  ? -2.154  -7.715  0.452   1.000 15.597 ? 687 TYR A CE2 1 
ATOM   559  C CZ  . TYR A 1 79  ? -2.458  -7.086  1.643   1.000 15.587 ? 687 TYR A CZ  1 
ATOM   560  O OH  . TYR A 1 79  ? -1.475  -6.432  2.341   1.000 16.235 ? 687 TYR A OH  1 
ATOM   561  N N   . LEU A 1 80  ? -8.549  -11.039 -0.185  1.000 15.721 ? 688 LEU A N   1 
ATOM   562  C CA  . LEU A 1 80  ? -9.653  -11.647 -0.974  1.000 15.632 ? 688 LEU A CA  1 
ATOM   563  C C   . LEU A 1 80  ? -10.750 -10.618 -1.237  1.000 15.620 ? 688 LEU A C   1 
ATOM   564  O O   . LEU A 1 80  ? -11.802 -10.971 -1.756  1.000 18.458 ? 688 LEU A O   1 
ATOM   565  C CB  . LEU A 1 80  ? -10.186 -12.879 -0.231  1.000 15.658 ? 688 LEU A CB  1 
ATOM   566  C CG  . LEU A 1 80  ? -9.151  -13.977 -0.011  1.000 15.787 ? 688 LEU A CG  1 
ATOM   567  C CD1 . LEU A 1 80  ? -9.759  -15.136 0.766   1.000 16.732 ? 688 LEU A CD1 1 
ATOM   568  C CD2 . LEU A 1 80  ? -8.581  -14.478 -1.322  1.000 16.717 ? 688 LEU A CD2 1 
ATOM   569  N N   . ASN A 1 81  ? -10.501 -9.358  -0.895  1.000 15.164 ? 689 ASN A N   1 
ATOM   570  C CA  . ASN A 1 81  ? -11.370 -8.244  -1.310  1.000 15.542 ? 689 ASN A CA  1 
ATOM   571  C C   . ASN A 1 81  ? -10.482 -7.029  -1.537  1.000 15.105 ? 689 ASN A C   1 
ATOM   572  O O   . ASN A 1 81  ? -9.351  -6.957  -1.005  1.000 15.203 ? 689 ASN A O   1 
ATOM   573  C CB  . ASN A 1 81  ? -12.511 -7.986  -0.334  1.000 16.544 ? 689 ASN A CB  1 
ATOM   574  C CG  . ASN A 1 81  ? -12.065 -7.695  1.076   1.000 16.464 ? 689 ASN A CG  1 
ATOM   575  O OD1 . ASN A 1 81  ? -11.461 -6.656  1.340   1.000 18.694 ? 689 ASN A OD1 1 
ATOM   576  N ND2 . ASN A 1 81  ? -12.381 -8.584  1.998   1.000 17.571 ? 689 ASN A ND2 1 
ATOM   577  N N   . PHE A 1 82  ? -11.015 -6.074  -2.256  1.000 13.996 ? 690 PHE A N   1 
ATOM   578  C CA  . PHE A 1 82  ? -10.240 -4.901  -2.686  1.000 14.269 ? 690 PHE A CA  1 
ATOM   579  C C   . PHE A 1 82  ? -9.952  -4.017  -1.474  1.000 13.857 ? 690 PHE A C   1 
ATOM   580  O O   . PHE A 1 82  ? -8.852  -3.451  -1.358  1.000 14.331 ? 690 PHE A O   1 
ATOM   581  C CB  . PHE A 1 82  ? -11.027 -4.146  -3.748  1.000 15.024 ? 690 PHE A CB  1 
ATOM   582  C CG  . PHE A 1 82  ? -10.240 -3.078  -4.449  1.000 16.892 ? 690 PHE A CG  1 
ATOM   583  C CD1 . PHE A 1 82  ? -10.140 -1.799  -3.921  1.000 17.538 ? 690 PHE A CD1 1 
ATOM   584  C CD2 . PHE A 1 82  ? -9.593  -3.352  -5.639  1.000 17.806 ? 690 PHE A CD2 1 
ATOM   585  C CE1 . PHE A 1 82  ? -9.401  -0.827  -4.570  1.000 18.099 ? 690 PHE A CE1 1 
ATOM   586  C CE2 . PHE A 1 82  ? -8.863  -2.371  -6.290  1.000 19.698 ? 690 PHE A CE2 1 
ATOM   587  C CZ  . PHE A 1 82  ? -8.780  -1.109  -5.758  1.000 19.257 ? 690 PHE A CZ  1 
ATOM   588  N N   . ASP A 1 83  ? -10.905 -3.900  -0.554  1.000 14.078 ? 691 ASP A N   1 
ATOM   589  C CA  . ASP A 1 83  ? -10.746 -2.933  0.563   1.000 15.273 ? 691 ASP A CA  1 
ATOM   590  C C   . ASP A 1 83  ? -9.655  -3.393  1.539   1.000 14.746 ? 691 ASP A C   1 
ATOM   591  O O   . ASP A 1 83  ? -9.004  -2.535  2.123   1.000 14.829 ? 691 ASP A O   1 
ATOM   592  C CB  . ASP A 1 83  ? -12.091 -2.645  1.233   1.000 17.467 ? 691 ASP A CB  1 
ATOM   593  C CG  . ASP A 1 83  ? -13.024 -1.746  0.435   1.000 21.612 ? 691 ASP A CG  1 
ATOM   594  O OD1 . ASP A 1 83  ? -12.629 -1.244  -0.637  1.000 26.615 ? 691 ASP A OD1 1 
ATOM   595  O OD2 . ASP A 1 83  ? -14.122 -1.498  0.930   1.000 26.614 ? 691 ASP A OD2 1 
ATOM   596  N N   . ASP A 1 84  ? -9.415  -4.687  1.723   1.000 14.531 ? 692 ASP A N   1 
ATOM   597  C CA  . ASP A 1 84  ? -8.314  -5.136  2.616   1.000 14.939 ? 692 ASP A CA  1 
ATOM   598  C C   . ASP A 1 84  ? -6.959  -4.741  2.016   1.000 14.466 ? 692 ASP A C   1 
ATOM   599  O O   . ASP A 1 84  ? -6.061  -4.377  2.760   1.000 15.145 ? 692 ASP A O   1 
ATOM   600  C CB  . ASP A 1 84  ? -8.389  -6.639  2.863   1.000 15.964 ? 692 ASP A CB  1 
ATOM   601  C CG  . ASP A 1 84  ? -9.401  -7.051  3.910   1.000 17.465 ? 692 ASP A CG  1 
ATOM   602  O OD1 . ASP A 1 84  ? -9.963  -6.161  4.588   1.000 18.683 ? 692 ASP A OD1 1 
ATOM   603  O OD2 . ASP A 1 84  ? -9.586  -8.275  4.059   1.000 18.876 ? 692 ASP A OD2 1 
ATOM   604  N N   . PHE A 1 85  ? -6.834  -4.833  0.706   1.000 14.176 ? 693 PHE A N   1 
ATOM   605  C CA  . PHE A 1 85  ? -5.616  -4.424  -0.024  1.000 14.405 ? 693 PHE A CA  1 
ATOM   606  C C   . PHE A 1 85  ? -5.432  -2.917  0.132   1.000 14.366 ? 693 PHE A C   1 
ATOM   607  O O   . PHE A 1 85  ? -4.336  -2.441  0.504   1.000 15.018 ? 693 PHE A O   1 
ATOM   608  C CB  . PHE A 1 85  ? -5.755  -4.872  -1.473  1.000 14.423 ? 693 PHE A CB  1 
ATOM   609  C CG  . PHE A 1 85  ? -4.636  -4.441  -2.376  1.000 14.717 ? 693 PHE A CG  1 
ATOM   610  C CD1 . PHE A 1 85  ? -3.509  -5.230  -2.516  1.000 13.971 ? 693 PHE A CD1 1 
ATOM   611  C CD2 . PHE A 1 85  ? -4.735  -3.282  -3.127  1.000 15.845 ? 693 PHE A CD2 1 
ATOM   612  C CE1 . PHE A 1 85  ? -2.497  -4.852  -3.380  1.000 15.011 ? 693 PHE A CE1 1 
ATOM   613  C CE2 . PHE A 1 85  ? -3.720  -2.909  -3.988  1.000 16.130 ? 693 PHE A CE2 1 
ATOM   614  C CZ  . PHE A 1 85  ? -2.607  -3.705  -4.123  1.000 15.381 ? 693 PHE A CZ  1 
ATOM   615  N N   A GLU A 1 86  ? -6.489  -2.151  -0.140  0.500 14.270 ? 694 GLU A N   1 
ATOM   616  N N   B GLU A 1 86  ? -6.494  -2.154  -0.138  0.500 14.701 ? 694 GLU A N   1 
ATOM   617  C CA  A GLU A 1 86  ? -6.434  -0.673  -0.033  0.500 15.017 ? 694 GLU A CA  1 
ATOM   618  C CA  B GLU A 1 86  ? -6.479  -0.674  -0.040  0.500 15.757 ? 694 GLU A CA  1 
ATOM   619  C C   A GLU A 1 86  ? -6.062  -0.281  1.401   0.500 15.012 ? 694 GLU A C   1 
ATOM   620  C C   B GLU A 1 86  ? -6.095  -0.267  1.389   0.500 15.493 ? 694 GLU A C   1 
ATOM   621  O O   A GLU A 1 86  ? -5.271  0.670   1.574   0.500 14.379 ? 694 GLU A O   1 
ATOM   622  O O   B GLU A 1 86  ? -5.310  0.692   1.546   0.500 14.960 ? 694 GLU A O   1 
ATOM   623  C CB  A GLU A 1 86  ? -7.763  -0.030  -0.419  0.500 15.515 ? 694 GLU A CB  1 
ATOM   624  C CB  B GLU A 1 86  ? -7.839  -0.112  -0.457  0.500 16.851 ? 694 GLU A CB  1 
ATOM   625  C CG  A GLU A 1 86  ? -7.780  1.458   -0.132  0.500 16.984 ? 694 GLU A CG  1 
ATOM   626  C CG  B GLU A 1 86  ? -7.918  1.405   -0.441  0.500 18.862 ? 694 GLU A CG  1 
ATOM   627  C CD  A GLU A 1 86  ? -9.108  2.161   -0.328  0.500 18.456 ? 694 GLU A CD  1 
ATOM   628  C CD  B GLU A 1 86  ? -9.016  1.976   -1.320  0.500 21.003 ? 694 GLU A CD  1 
ATOM   629  O OE1 A GLU A 1 86  ? -9.078  3.325   -0.807  0.500 20.712 ? 694 GLU A OE1 1 
ATOM   630  O OE1 B GLU A 1 86  ? -9.863  2.731   -0.806  0.500 25.607 ? 694 GLU A OE1 1 
ATOM   631  O OE2 A GLU A 1 86  ? -10.161 1.557   -0.011  0.500 20.175 ? 694 GLU A OE2 1 
ATOM   632  O OE2 B GLU A 1 86  ? -9.020  1.667   -2.514  0.500 24.569 ? 694 GLU A OE2 1 
ATOM   633  N N   . GLU A 1 87  ? -6.635  -0.955  2.400   1.000 15.124 ? 695 GLU A N   1 
ATOM   634  C CA  . GLU A 1 87  ? -6.386  -0.646  3.838   1.000 15.657 ? 695 GLU A CA  1 
ATOM   635  C C   . GLU A 1 87  ? -4.887  -0.761  4.135   1.000 15.686 ? 695 GLU A C   1 
ATOM   636  O O   . GLU A 1 87  ? -4.326  0.105   4.864   1.000 15.953 ? 695 GLU A O   1 
ATOM   637  C CB  . GLU A 1 87  ? -7.210  -1.583  4.721   1.000 17.814 ? 695 GLU A CB  1 
ATOM   638  C CG  . GLU A 1 87  ? -6.995  -1.383  6.206   0.800 20.023 ? 695 GLU A CG  1 
ATOM   639  C CD  . GLU A 1 87  ? -7.798  -2.317  7.100   0.600 23.121 ? 695 GLU A CD  1 
ATOM   640  O OE1 . GLU A 1 87  ? -8.346  -3.325  6.592   1.000 28.660 ? 695 GLU A OE1 1 
ATOM   641  O OE2 . GLU A 1 87  ? -7.897  -2.021  8.305   0.600 28.660 ? 695 GLU A OE2 1 
ATOM   642  N N   . ASP A 1 88  ? -4.204  -1.775  3.613   1.000 14.687 ? 696 ASP A N   1 
ATOM   643  C CA  . ASP A 1 88  ? -2.749  -1.917  3.884   1.000 15.697 ? 696 ASP A CA  1 
ATOM   644  C C   . ASP A 1 88  ? -1.957  -0.816  3.165   1.000 14.685 ? 696 ASP A C   1 
ATOM   645  O O   . ASP A 1 88  ? -1.004  -0.296  3.749   1.000 14.062 ? 696 ASP A O   1 
ATOM   646  C CB  . ASP A 1 88  ? -2.264  -3.330  3.592   1.000 16.701 ? 696 ASP A CB  1 
ATOM   647  C CG  . ASP A 1 88  ? -2.505  -4.273  4.756   1.000 18.856 ? 696 ASP A CG  1 
ATOM   648  O OD1 . ASP A 1 88  ? -2.863  -3.778  5.849   1.000 21.412 ? 696 ASP A OD1 1 
ATOM   649  O OD2 . ASP A 1 88  ? -2.305  -5.485  4.581   1.000 18.733 ? 696 ASP A OD2 1 
ATOM   650  N N   . PHE A 1 89  ? -2.313  -0.437  1.941   1.000 13.929 ? 697 PHE A N   1 
ATOM   651  C CA  . PHE A 1 89  ? -1.649  0.707   1.278   1.000 14.670 ? 697 PHE A CA  1 
ATOM   652  C C   . PHE A 1 89  ? -1.850  1.965   2.123   1.000 15.442 ? 697 PHE A C   1 
ATOM   653  O O   . PHE A 1 89  ? -0.890  2.719   2.367   1.000 14.350 ? 697 PHE A O   1 
ATOM   654  C CB  . PHE A 1 89  ? -2.213  0.919   -0.127  1.000 14.951 ? 697 PHE A CB  1 
ATOM   655  C CG  . PHE A 1 89  ? -1.764  2.226   -0.728  1.000 14.947 ? 697 PHE A CG  1 
ATOM   656  C CD1 . PHE A 1 89  ? -0.450  2.408   -1.132  1.000 16.329 ? 697 PHE A CD1 1 
ATOM   657  C CD2 . PHE A 1 89  ? -2.640  3.306   -0.811  1.000 16.009 ? 697 PHE A CD2 1 
ATOM   658  C CE1 . PHE A 1 89  ? -0.018  3.629   -1.629  1.000 16.309 ? 697 PHE A CE1 1 
ATOM   659  C CE2 . PHE A 1 89  ? -2.200  4.523   -1.310  1.000 16.566 ? 697 PHE A CE2 1 
ATOM   660  C CZ  . PHE A 1 89  ? -0.900  4.679   -1.722  1.000 16.860 ? 697 PHE A CZ  1 
ATOM   661  N N   . ASN A 1 90  ? -3.071  2.196   2.610   1.000 15.248 ? 698 ASN A N   1 
ATOM   662  C CA  . ASN A 1 90  ? -3.381  3.402   3.425   1.000 16.781 ? 698 ASN A CA  1 
ATOM   663  C C   . ASN A 1 90  ? -2.550  3.382   4.714   1.000 16.203 ? 698 ASN A C   1 
ATOM   664  O O   . ASN A 1 90  ? -2.169  4.468   5.206   1.000 16.110 ? 698 ASN A O   1 
ATOM   665  C CB  . ASN A 1 90  ? -4.868  3.470   3.775   1.000 18.666 ? 698 ASN A CB  1 
ATOM   666  C CG  . ASN A 1 90  ? -5.757  3.887   2.629   1.000 22.178 ? 698 ASN A CG  1 
ATOM   667  O OD1 . ASN A 1 90  ? -5.288  4.429   1.637   1.000 24.089 ? 698 ASN A OD1 1 
ATOM   668  N ND2 . ASN A 1 90  ? -7.046  3.620   2.765   1.000 24.030 ? 698 ASN A ND2 1 
ATOM   669  N N   . LEU A 1 91  ? -2.266  2.204   5.266   1.000 15.634 ? 699 LEU A N   1 
ATOM   670  C CA  . LEU A 1 91  ? -1.478  2.056   6.517   1.000 16.440 ? 699 LEU A CA  1 
ATOM   671  C C   . LEU A 1 91  ? -0.025  2.464   6.243   1.000 15.343 ? 699 LEU A C   1 
ATOM   672  O O   . LEU A 1 91  ? 0.606   3.115   7.103   1.000 15.112 ? 699 LEU A O   1 
ATOM   673  C CB  . LEU A 1 91  ? -1.579  0.590   6.947   1.000 18.990 ? 699 LEU A CB  1 
ATOM   674  C CG  . LEU A 1 91  ? -1.100  0.222   8.337   1.000 21.700 ? 699 LEU A CG  1 
ATOM   675  C CD1 . LEU A 1 91  ? -1.778  1.079   9.400   1.000 22.112 ? 699 LEU A CD1 1 
ATOM   676  C CD2 . LEU A 1 91  ? -1.411  -1.254  8.567   1.000 22.122 ? 699 LEU A CD2 1 
ATOM   677  N N   . ILE A 1 92  ? 0.529   2.133   5.077   1.000 14.691 ? 700 ILE A N   1 
ATOM   678  C CA  . ILE A 1 92  ? 1.894   2.591   4.692   1.000 14.767 ? 700 ILE A CA  1 
ATOM   679  C C   . ILE A 1 92  ? 1.936   4.117   4.808   1.000 13.857 ? 700 ILE A C   1 
ATOM   680  O O   . ILE A 1 92  ? 2.859   4.680   5.474   1.000 15.183 ? 700 ILE A O   1 
ATOM   681  C CB  . ILE A 1 92  ? 2.274   2.112   3.277   1.000 15.078 ? 700 ILE A CB  1 
ATOM   682  C CG1 . ILE A 1 92  ? 2.406   0.584   3.209   1.000 15.991 ? 700 ILE A CG1 1 
ATOM   683  C CG2 . ILE A 1 92  ? 3.533   2.821   2.805   1.000 15.745 ? 700 ILE A CG2 1 
ATOM   684  C CD1 . ILE A 1 92  ? 2.732   0.050   1.837   1.000 16.368 ? 700 ILE A CD1 1 
ATOM   685  N N   . VAL A 1 93  ? 0.950   4.780   4.215   1.000 14.013 ? 701 VAL A N   1 
ATOM   686  C CA  . VAL A 1 93  ? 0.912   6.266   4.205   1.000 14.547 ? 701 VAL A CA  1 
ATOM   687  C C   . VAL A 1 93  ? 0.670   6.771   5.623   1.000 13.909 ? 701 VAL A C   1 
ATOM   688  O O   . VAL A 1 93  ? 1.420   7.653   6.079   1.000 14.651 ? 701 VAL A O   1 
ATOM   689  C CB  . VAL A 1 93  ? -0.165  6.768   3.233   1.000 15.964 ? 701 VAL A CB  1 
ATOM   690  C CG1 . VAL A 1 93  ? -0.436  8.253   3.412   1.000 16.575 ? 701 VAL A CG1 1 
ATOM   691  C CG2 . VAL A 1 93  ? 0.228   6.446   1.803   1.000 16.801 ? 701 VAL A CG2 1 
ATOM   692  N N   . SER A 1 94  ? -0.333  6.256   6.313   1.000 13.638 ? 702 SER A N   1 
ATOM   693  C CA  A SER A 1 94  ? -0.748  6.816   7.626   0.600 14.518 ? 702 SER A CA  1 
ATOM   694  C CA  B SER A 1 94  ? -0.754  6.804   7.628   0.400 13.782 ? 702 SER A CA  1 
ATOM   695  C C   . SER A 1 94  ? 0.372   6.623   8.653   1.000 13.935 ? 702 SER A C   1 
ATOM   696  O O   . SER A 1 94  ? 0.577   7.507   9.477   1.000 14.360 ? 702 SER A O   1 
ATOM   697  C CB  A SER A 1 94  ? -2.060  6.255   8.123   0.600 15.352 ? 702 SER A CB  1 
ATOM   698  C CB  B SER A 1 94  ? -2.040  6.180   8.091   0.400 13.765 ? 702 SER A CB  1 
ATOM   699  O OG  A SER A 1 94  ? -2.006  4.855   8.332   0.600 17.691 ? 702 SER A OG  1 
ATOM   700  O OG  B SER A 1 94  ? -3.120  6.597   7.261   0.400 13.642 ? 702 SER A OG  1 
ATOM   701  N N   . ASN A 1 95  ? 1.088   5.499   8.604   1.000 13.242 ? 703 ASN A N   1 
ATOM   702  C CA  . ASN A 1 95  ? 2.209   5.251   9.542   1.000 13.565 ? 703 ASN A CA  1 
ATOM   703  C C   . ASN A 1 95  ? 3.299   6.289   9.299   1.000 12.958 ? 703 ASN A C   1 
ATOM   704  O O   . ASN A 1 95  ? 3.924   6.774   10.256  1.000 13.813 ? 703 ASN A O   1 
ATOM   705  C CB  . ASN A 1 95  ? 2.797   3.857   9.377   1.000 14.306 ? 703 ASN A CB  1 
ATOM   706  C CG  . ASN A 1 95  ? 1.890   2.776   9.915   1.000 14.782 ? 703 ASN A CG  1 
ATOM   707  O OD1 . ASN A 1 95  ? 0.951   3.047   10.658  1.000 17.241 ? 703 ASN A OD1 1 
ATOM   708  N ND2 . ASN A 1 95  ? 2.194   1.532   9.562   1.000 16.435 ? 703 ASN A ND2 1 
ATOM   709  N N   . CYS A 1 96  ? 3.569   6.593   8.041   1.000 13.183 ? 704 CYS A N   1 
ATOM   710  C CA  . CYS A 1 96  ? 4.641   7.564   7.715   1.000 13.722 ? 704 CYS A CA  1 
ATOM   711  C C   . CYS A 1 96  ? 4.248   8.949   8.208   1.000 13.892 ? 704 CYS A C   1 
ATOM   712  O O   . CYS A 1 96  ? 5.113   9.644   8.821   1.000 13.924 ? 704 CYS A O   1 
ATOM   713  C CB  . CYS A 1 96  ? 4.905   7.570   6.223   1.000 13.479 ? 704 CYS A CB  1 
ATOM   714  S SG  . CYS A 1 96  ? 6.271   8.645   5.730   1.000 16.667 ? 704 CYS A SG  1 
ATOM   715  N N   . LEU A 1 97  ? 2.991   9.341   8.022   1.000 14.079 ? 705 LEU A N   1 
ATOM   716  C CA  . LEU A 1 97  ? 2.531   10.659  8.525   1.000 14.362 ? 705 LEU A CA  1 
ATOM   717  C C   . LEU A 1 97  ? 2.610   10.674  10.049  1.000 14.352 ? 705 LEU A C   1 
ATOM   718  O O   . LEU A 1 97  ? 2.952   11.715  10.624  1.000 14.767 ? 705 LEU A O   1 
ATOM   719  C CB  . LEU A 1 97  ? 1.104   10.952  8.065   1.000 14.925 ? 705 LEU A CB  1 
ATOM   720  C CG  . LEU A 1 97  ? 0.894   10.932  6.558   1.000 15.398 ? 705 LEU A CG  1 
ATOM   721  C CD1 . LEU A 1 97  ? -0.540  11.267  6.196   1.000 17.700 ? 705 LEU A CD1 1 
ATOM   722  C CD2 . LEU A 1 97  ? 1.844   11.886  5.875   1.000 16.856 ? 705 LEU A CD2 1 
ATOM   723  N N   . LYS A 1 98  ? 2.307   9.556   10.700  1.000 14.463 ? 706 LYS A N   1 
ATOM   724  C CA  . LYS A 1 98  ? 2.269   9.524   12.178  1.000 14.739 ? 706 LYS A CA  1 
ATOM   725  C C   . LYS A 1 98  ? 3.690   9.666   12.723  1.000 15.041 ? 706 LYS A C   1 
ATOM   726  O O   . LYS A 1 98  ? 3.899   10.418  13.707  1.000 16.156 ? 706 LYS A O   1 
ATOM   727  C CB  . LYS A 1 98  ? 1.637   8.229   12.692  1.000 16.391 ? 706 LYS A CB  1 
ATOM   728  C CG  . LYS A 1 98  ? 1.592   8.135   14.212  1.000 19.136 ? 706 LYS A CG  1 
ATOM   729  C CD  . LYS A 1 98  ? 0.581   7.145   14.752  0.700 20.837 ? 706 LYS A CD  1 
ATOM   730  C CE  . LYS A 1 98  ? 0.302   7.355   16.228  1.000 23.342 ? 706 LYS A CE  1 
ATOM   731  N NZ  . LYS A 1 98  ? -0.585  6.302   16.772  0.500 22.006 ? 706 LYS A NZ  1 
ATOM   732  N N   . TYR A 1 99  ? 4.647   8.946   12.150  1.000 14.181 ? 707 TYR A N   1 
ATOM   733  C CA  . TYR A 1 99  ? 6.013   8.878   12.721  1.000 14.922 ? 707 TYR A CA  1 
ATOM   734  C C   . TYR A 1 99  ? 6.788   10.167  12.420  1.000 15.269 ? 707 TYR A C   1 
ATOM   735  O O   . TYR A 1 99  ? 7.533   10.651  13.289  1.000 16.143 ? 707 TYR A O   1 
ATOM   736  C CB  . TYR A 1 99  ? 6.794   7.653   12.232  1.000 15.678 ? 707 TYR A CB  1 
ATOM   737  C CG  . TYR A 1 99  ? 8.129   7.567   12.914  1.000 16.691 ? 707 TYR A CG  1 
ATOM   738  C CD1 . TYR A 1 99  ? 8.191   7.212   14.248  1.000 17.692 ? 707 TYR A CD1 1 
ATOM   739  C CD2 . TYR A 1 99  ? 9.289   7.972   12.289  1.000 18.114 ? 707 TYR A CD2 1 
ATOM   740  C CE1 . TYR A 1 99  ? 9.395   7.195   14.932  1.000 19.483 ? 707 TYR A CE1 1 
ATOM   741  C CE2 . TYR A 1 99  ? 10.501  7.973   12.964  1.000 19.481 ? 707 TYR A CE2 1 
ATOM   742  C CZ  . TYR A 1 99  ? 10.550  7.578   14.286  1.000 18.658 ? 707 TYR A CZ  1 
ATOM   743  O OH  . TYR A 1 99  ? 11.746  7.580   14.963  1.000 22.469 ? 707 TYR A OH  1 
ATOM   744  N N   . ASN A 1 100 ? 6.722   10.662  11.186  1.000 14.181 ? 708 ASN A N   1 
ATOM   745  C CA  . ASN A 1 100 ? 7.662   11.700  10.688  1.000 14.070 ? 708 ASN A CA  1 
ATOM   746  C C   . ASN A 1 100 ? 7.076   13.098  10.865  1.000 13.507 ? 708 ASN A C   1 
ATOM   747  O O   . ASN A 1 100 ? 5.864   13.288  10.730  1.000 14.685 ? 708 ASN A O   1 
ATOM   748  C CB  . ASN A 1 100 ? 8.024   11.440  9.222   1.000 13.732 ? 708 ASN A CB  1 
ATOM   749  C CG  . ASN A 1 100 ? 8.763   10.130  9.053   1.000 14.974 ? 708 ASN A CG  1 
ATOM   750  O OD1 . ASN A 1 100 ? 9.936   10.014  9.423   1.000 17.603 ? 708 ASN A OD1 1 
ATOM   751  N ND2 . ASN A 1 100 ? 8.069   9.105   8.585   1.000 15.373 ? 708 ASN A ND2 1 
ATOM   752  N N   . ALA A 1 101 ? 7.927   14.071  11.171  1.000 12.851 ? 709 ALA A N   1 
ATOM   753  C CA  . ALA A 1 101 ? 7.518   15.474  11.333  1.000 12.827 ? 709 ALA A CA  1 
ATOM   754  C C   . ALA A 1 101 ? 7.044   16.036  9.992   1.000 12.979 ? 709 ALA A C   1 
ATOM   755  O O   . ALA A 1 101 ? 7.546   15.651  8.929   1.000 12.744 ? 709 ALA A O   1 
ATOM   756  C CB  . ALA A 1 101 ? 8.637   16.278  11.932  1.000 13.283 ? 709 ALA A CB  1 
ATOM   757  N N   . LYS A 1 102 ? 6.139   17.009  10.040  1.000 13.071 ? 710 LYS A N   1 
ATOM   758  C CA  . LYS A 1 102 ? 5.536   17.608  8.823   1.000 13.543 ? 710 LYS A CA  1 
ATOM   759  C C   . LYS A 1 102 ? 6.593   18.294  7.949   1.000 13.536 ? 710 LYS A C   1 
ATOM   760  O O   . LYS A 1 102 ? 6.353   18.419  6.728   1.000 14.513 ? 710 LYS A O   1 
ATOM   761  C CB  . LYS A 1 102 ? 4.452   18.631  9.189   1.000 13.900 ? 710 LYS A CB  1 
ATOM   762  C CG  . LYS A 1 102 ? 3.216   18.010  9.815   1.000 13.989 ? 710 LYS A CG  1 
ATOM   763  C CD  . LYS A 1 102 ? 2.076   18.987  10.032  1.000 14.171 ? 710 LYS A CD  1 
ATOM   764  C CE  . LYS A 1 102 ? 1.397   19.407  8.756   1.000 14.848 ? 710 LYS A CE  1 
ATOM   765  N NZ  . LYS A 1 102 ? 0.428   20.494  9.028   1.000 14.792 ? 710 LYS A NZ  1 
ATOM   766  N N   . ASP A 1 103 ? 7.715   18.732  8.518   1.000 13.597 ? 711 ASP A N   1 
ATOM   767  C CA  . ASP A 1 103 ? 8.756   19.446  7.731   1.000 14.686 ? 711 ASP A CA  1 
ATOM   768  C C   . ASP A 1 103 ? 9.686   18.464  7.012   1.000 14.361 ? 711 ASP A C   1 
ATOM   769  O O   . ASP A 1 103 ? 10.607  18.943  6.344   1.000 15.419 ? 711 ASP A O   1 
ATOM   770  C CB  . ASP A 1 103 ? 9.532   20.415  8.607   1.000 17.179 ? 711 ASP A CB  1 
ATOM   771  C CG  . ASP A 1 103 ? 10.498  19.783  9.579   1.000 19.786 ? 711 ASP A CG  1 
ATOM   772  O OD1 . ASP A 1 103 ? 10.427  18.562  9.814   1.000 22.337 ? 711 ASP A OD1 1 
ATOM   773  O OD2 . ASP A 1 103 ? 11.378  20.529  10.076  1.000 26.289 ? 711 ASP A OD2 1 
ATOM   774  N N   . THR A 1 104 ? 9.468   17.162  7.098   1.000 13.072 ? 712 THR A N   1 
ATOM   775  C CA  . THR A 1 104 ? 10.397  16.174  6.506   1.000 13.370 ? 712 THR A CA  1 
ATOM   776  C C   . THR A 1 104 ? 9.965   15.823  5.085   1.000 13.226 ? 712 THR A C   1 
ATOM   777  O O   . THR A 1 104 ? 8.769   15.828  4.748   1.000 13.805 ? 712 THR A O   1 
ATOM   778  C CB  . THR A 1 104 ? 10.508  14.890  7.329   1.000 13.295 ? 712 THR A CB  1 
ATOM   779  O OG1 . THR A 1 104 ? 9.259   14.200  7.355   1.000 13.823 ? 712 THR A OG1 1 
ATOM   780  C CG2 . THR A 1 104 ? 11.061  15.142  8.713   1.000 13.910 ? 712 THR A CG2 1 
ATOM   781  N N   . ILE A 1 105 ? 10.942  15.463  4.256   1.000 13.407 ? 713 ILE A N   1 
ATOM   782  C CA  . ILE A 1 105 ? 10.691  14.875  2.917   1.000 13.777 ? 713 ILE A CA  1 
ATOM   783  C C   . ILE A 1 105 ? 9.827   13.624  3.056   1.000 13.556 ? 713 ILE A C   1 
ATOM   784  O O   . ILE A 1 105 ? 8.902   13.462  2.226   1.000 13.507 ? 713 ILE A O   1 
ATOM   785  C CB  . ILE A 1 105 ? 12.021  14.621  2.173   1.000 14.770 ? 713 ILE A CB  1 
ATOM   786  C CG1 . ILE A 1 105 ? 12.521  15.940  1.584   1.000 16.269 ? 713 ILE A CG1 1 
ATOM   787  C CG2 . ILE A 1 105 ? 11.876  13.539  1.110   1.000 15.871 ? 713 ILE A CG2 1 
ATOM   788  C CD1 . ILE A 1 105 ? 11.761  16.372  0.347   1.000 16.811 ? 713 ILE A CD1 1 
ATOM   789  N N   . PHE A 1 106 ? 10.101  12.761  4.035   1.000 13.659 ? 714 PHE A N   1 
ATOM   790  C CA  . PHE A 1 106 ? 9.331   11.496  4.163   1.000 14.581 ? 714 PHE A CA  1 
ATOM   791  C C   . PHE A 1 106 ? 7.843   11.833  4.320   1.000 14.140 ? 714 PHE A C   1 
ATOM   792  O O   . PHE A 1 106 ? 6.997   11.226  3.641   1.000 13.869 ? 714 PHE A O   1 
ATOM   793  C CB  . PHE A 1 106 ? 9.859   10.638  5.314   1.000 15.774 ? 714 PHE A CB  1 
ATOM   794  C CG  . PHE A 1 106 ? 10.974  9.676   4.977   1.000 17.432 ? 714 PHE A CG  1 
ATOM   795  C CD1 . PHE A 1 106 ? 11.906  9.951   3.994   1.000 17.957 ? 714 PHE A CD1 1 
ATOM   796  C CD2 . PHE A 1 106 ? 11.089  8.486   5.671   1.000 20.642 ? 714 PHE A CD2 1 
ATOM   797  C CE1 . PHE A 1 106 ? 12.933  9.057   3.713   1.000 19.778 ? 714 PHE A CE1 1 
ATOM   798  C CE2 . PHE A 1 106 ? 12.114  7.590   5.388   1.000 21.315 ? 714 PHE A CE2 1 
ATOM   799  C CZ  . PHE A 1 106 ? 13.036  7.882   4.417   1.000 20.582 ? 714 PHE A CZ  1 
ATOM   800  N N   . TYR A 1 107 ? 7.490   12.765  5.202   1.000 13.428 ? 715 TYR A N   1 
ATOM   801  C CA  . TYR A 1 107 ? 6.074   13.137  5.431   1.000 13.245 ? 715 TYR A CA  1 
ATOM   802  C C   . TYR A 1 107 ? 5.454   13.618  4.115   1.000 14.014 ? 715 TYR A C   1 
ATOM   803  O O   . TYR A 1 107 ? 4.372   13.158  3.729   1.000 14.306 ? 715 TYR A O   1 
ATOM   804  C CB  . TYR A 1 107 ? 5.977   14.197  6.537   1.000 13.520 ? 715 TYR A CB  1 
ATOM   805  C CG  . TYR A 1 107 ? 4.568   14.550  6.960   1.000 13.186 ? 715 TYR A CG  1 
ATOM   806  C CD1 . TYR A 1 107 ? 3.780   15.381  6.188   1.000 13.186 ? 715 TYR A CD1 1 
ATOM   807  C CD2 . TYR A 1 107 ? 4.010   14.032  8.121   1.000 12.720 ? 715 TYR A CD2 1 
ATOM   808  C CE1 . TYR A 1 107 ? 2.489   15.707  6.560   1.000 13.407 ? 715 TYR A CE1 1 
ATOM   809  C CE2 . TYR A 1 107 ? 2.718   14.340  8.503   1.000 13.221 ? 715 TYR A CE2 1 
ATOM   810  C CZ  . TYR A 1 107 ? 1.953   15.177  7.715   1.000 13.305 ? 715 TYR A CZ  1 
ATOM   811  O OH  . TYR A 1 107 ? 0.661   15.496  8.050   1.000 14.705 ? 715 TYR A OH  1 
ATOM   812  N N   A ARG A 1 108 ? 6.136   14.516  3.409   0.500 13.224 ? 716 ARG A N   1 
ATOM   813  N N   B ARG A 1 108 ? 6.135   14.543  3.431   0.500 13.635 ? 716 ARG A N   1 
ATOM   814  C CA  A ARG A 1 108 ? 5.563   15.105  2.177   0.500 13.826 ? 716 ARG A CA  1 
ATOM   815  C CA  B ARG A 1 108 ? 5.620   15.124  2.167   0.500 14.573 ? 716 ARG A CA  1 
ATOM   816  C C   A ARG A 1 108 ? 5.503   14.044  1.075   0.500 13.576 ? 716 ARG A C   1 
ATOM   817  C C   B ARG A 1 108 ? 5.477   14.017  1.120   0.500 13.961 ? 716 ARG A C   1 
ATOM   818  O O   A ARG A 1 108 ? 4.576   14.109  0.252   0.500 14.008 ? 716 ARG A O   1 
ATOM   819  O O   B ARG A 1 108 ? 4.477   14.027  0.381   0.500 14.287 ? 716 ARG A O   1 
ATOM   820  C CB  A ARG A 1 108 ? 6.361   16.340  1.770   0.500 14.657 ? 716 ARG A CB  1 
ATOM   821  C CB  B ARG A 1 108 ? 6.542   16.221  1.632   0.500 16.065 ? 716 ARG A CB  1 
ATOM   822  C CG  A ARG A 1 108 ? 6.427   17.366  2.885   0.500 17.030 ? 716 ARG A CG  1 
ATOM   823  C CG  B ARG A 1 108 ? 6.606   17.466  2.501   0.500 19.193 ? 716 ARG A CG  1 
ATOM   824  C CD  A ARG A 1 108 ? 5.070   17.940  3.235   0.500 18.610 ? 716 ARG A CD  1 
ATOM   825  C CD  B ARG A 1 108 ? 5.251   18.092  2.751   0.500 21.192 ? 716 ARG A CD  1 
ATOM   826  N NE  A ARG A 1 108 ? 5.249   18.941  4.271   0.500 19.219 ? 716 ARG A NE  1 
ATOM   827  N NE  B ARG A 1 108 ? 4.658   18.719  1.576   0.500 22.082 ? 716 ARG A NE  1 
ATOM   828  C CZ  A ARG A 1 108 ? 5.001   20.239  4.143   0.500 20.773 ? 716 ARG A CZ  1 
ATOM   829  C CZ  B ARG A 1 108 ? 4.461   20.027  1.432   0.500 24.602 ? 716 ARG A CZ  1 
ATOM   830  N NH1 A ARG A 1 108 ? 5.254   21.048  5.152   0.500 21.436 ? 716 ARG A NH1 1 
ATOM   831  N NH1 B ARG A 1 108 ? 3.894   20.490  0.330   0.500 25.498 ? 716 ARG A NH1 1 
ATOM   832  N NH2 A ARG A 1 108 ? 4.500   20.725  3.020   0.500 21.368 ? 716 ARG A NH2 1 
ATOM   833  N NH2 B ARG A 1 108 ? 4.825   20.863  2.388   0.500 25.034 ? 716 ARG A NH2 1 
ATOM   834  N N   . ALA A 1 109 ? 6.437   13.089  1.065   1.000 14.147 ? 717 ALA A N   1 
ATOM   835  C CA  . ALA A 1 109 ? 6.417   11.984  0.073   1.000 14.471 ? 717 ALA A CA  1 
ATOM   836  C C   . ALA A 1 109 ? 5.204   11.096  0.343   1.000 13.995 ? 717 ALA A C   1 
ATOM   837  O O   . ALA A 1 109 ? 4.584   10.607  -0.625  1.000 15.147 ? 717 ALA A O   1 
ATOM   838  C CB  . ALA A 1 109 ? 7.681   11.168  0.119   1.000 15.037 ? 717 ALA A CB  1 
ATOM   839  N N   . ALA A 1 110 ? 4.852   10.868  1.603   1.000 13.358 ? 718 ALA A N   1 
ATOM   840  C CA  . ALA A 1 110 ? 3.666   10.051  1.953   1.000 13.641 ? 718 ALA A CA  1 
ATOM   841  C C   . ALA A 1 110 ? 2.385   10.769  1.512   1.000 14.183 ? 718 ALA A C   1 
ATOM   842  O O   . ALA A 1 110 ? 1.479   10.113  0.986   1.000 15.490 ? 718 ALA A O   1 
ATOM   843  C CB  . ALA A 1 110 ? 3.627   9.764   3.420   1.000 14.438 ? 718 ALA A CB  1 
ATOM   844  N N   . VAL A 1 111 ? 2.283   12.081  1.713   1.000 14.575 ? 719 VAL A N   1 
ATOM   845  C CA  . VAL A 1 111 ? 1.102   12.865  1.250   1.000 14.708 ? 719 VAL A CA  1 
ATOM   846  C C   . VAL A 1 111 ? 0.977   12.694  -0.267  1.000 15.095 ? 719 VAL A C   1 
ATOM   847  O O   . VAL A 1 111 ? -0.130  12.421  -0.773  1.000 16.375 ? 719 VAL A O   1 
ATOM   848  C CB  . VAL A 1 111 ? 1.214   14.344  1.651   1.000 15.754 ? 719 VAL A CB  1 
ATOM   849  C CG1 . VAL A 1 111 ? 0.088   15.163  1.041   1.000 16.491 ? 719 VAL A CG1 1 
ATOM   850  C CG2 . VAL A 1 111 ? 1.253   14.510  3.156   1.000 16.463 ? 719 VAL A CG2 1 
ATOM   851  N N   A ARG A 1 112 ? 2.083   12.862  -0.984  0.500 15.397 ? 720 ARG A N   1 
ATOM   852  N N   B ARG A 1 112 ? 2.078   12.816  -1.007  0.500 15.095 ? 720 ARG A N   1 
ATOM   853  C CA  A ARG A 1 112 ? 2.091   12.724  -2.459  0.500 15.646 ? 720 ARG A CA  1 
ATOM   854  C CA  B ARG A 1 112 ? 2.028   12.731  -2.492  0.500 15.158 ? 720 ARG A CA  1 
ATOM   855  C C   A ARG A 1 112 ? 1.623   11.305  -2.808  0.500 15.075 ? 720 ARG A C   1 
ATOM   856  C C   B ARG A 1 112 ? 1.729   11.285  -2.918  0.500 14.857 ? 720 ARG A C   1 
ATOM   857  O O   A ARG A 1 112 ? 0.728   11.153  -3.667  0.500 15.357 ? 720 ARG A O   1 
ATOM   858  O O   B ARG A 1 112 ? 1.091   11.081  -3.979  0.500 13.599 ? 720 ARG A O   1 
ATOM   859  C CB  A ARG A 1 112 ? 3.474   13.045  -3.031  0.500 17.085 ? 720 ARG A CB  1 
ATOM   860  C CB  B ARG A 1 112 ? 3.314   13.258  -3.137  0.500 16.203 ? 720 ARG A CB  1 
ATOM   861  C CG  A ARG A 1 112 ? 3.534   12.954  -4.549  0.500 18.363 ? 720 ARG A CG  1 
ATOM   862  C CG  B ARG A 1 112 ? 3.302   13.195  -4.660  0.500 17.329 ? 720 ARG A CG  1 
ATOM   863  C CD  A ARG A 1 112 ? 4.767   13.571  -5.186  0.500 20.328 ? 720 ARG A CD  1 
ATOM   864  C CD  B ARG A 1 112 ? 4.386   14.010  -5.354  0.500 19.185 ? 720 ARG A CD  1 
ATOM   865  N NE  A ARG A 1 112 ? 4.524   13.864  -6.593  0.500 22.944 ? 720 ARG A NE  1 
ATOM   866  N NE  B ARG A 1 112 ? 4.424   13.793  -6.801  0.500 21.546 ? 720 ARG A NE  1 
ATOM   867  C CZ  A ARG A 1 112 ? 5.070   13.203  -7.604  0.500 23.272 ? 720 ARG A CZ  1 
ATOM   868  C CZ  B ARG A 1 112 ? 3.627   14.401  -7.673  0.500 22.602 ? 720 ARG A CZ  1 
ATOM   869  N NH1 A ARG A 1 112 ? 5.909   12.210  -7.363  0.500 25.277 ? 720 ARG A NH1 1 
ATOM   870  N NH1 B ARG A 1 112 ? 2.711   15.253  -7.246  0.500 23.654 ? 720 ARG A NH1 1 
ATOM   871  N NH2 A ARG A 1 112 ? 4.782   13.538  -8.849  0.500 23.249 ? 720 ARG A NH2 1 
ATOM   872  N NH2 B ARG A 1 112 ? 3.744   14.151  -8.966  0.500 24.337 ? 720 ARG A NH2 1 
ATOM   873  N N   . LEU A 1 113 ? 2.212   10.290  -2.178  1.000 14.648 ? 721 LEU A N   1 
ATOM   874  C CA  . LEU A 1 113 ? 1.894   8.878   -2.502  1.000 15.375 ? 721 LEU A CA  1 
ATOM   875  C C   . LEU A 1 113 ? 0.405   8.622   -2.259  1.000 16.019 ? 721 LEU A C   1 
ATOM   876  O O   . LEU A 1 113 ? -0.210  7.901   -3.068  1.000 16.394 ? 721 LEU A O   1 
ATOM   877  C CB  . LEU A 1 113 ? 2.772   7.940   -1.674  1.000 15.890 ? 721 LEU A CB  1 
ATOM   878  C CG  . LEU A 1 113 ? 2.589   6.448   -1.974  1.000 16.469 ? 721 LEU A CG  1 
ATOM   879  C CD1 . LEU A 1 113 ? 2.829   6.145   -3.453  1.000 17.687 ? 721 LEU A CD1 1 
ATOM   880  C CD2 . LEU A 1 113 ? 3.520   5.631   -1.106  1.000 17.713 ? 721 LEU A CD2 1 
ATOM   881  N N   . ARG A 1 114 ? -0.203  9.197   -1.219  1.000 16.192 ? 722 ARG A N   1 
ATOM   882  C CA  A ARG A 1 114 ? -1.661  9.063   -0.953  0.500 17.306 ? 722 ARG A CA  1 
ATOM   883  C CA  B ARG A 1 114 ? -1.657  8.983   -0.994  0.500 17.884 ? 722 ARG A CA  1 
ATOM   884  C C   . ARG A 1 114 ? -2.432  9.584   -2.176  1.000 17.112 ? 722 ARG A C   1 
ATOM   885  O O   . ARG A 1 114 ? -3.394  8.933   -2.610  1.000 16.876 ? 722 ARG A O   1 
ATOM   886  C CB  A ARG A 1 114 ? -2.052  9.825   0.320   0.500 19.340 ? 722 ARG A CB  1 
ATOM   887  C CB  B ARG A 1 114 ? -2.138  9.539   0.347   0.500 20.674 ? 722 ARG A CB  1 
ATOM   888  C CG  A ARG A 1 114 ? -3.546  9.802   0.600   0.500 20.426 ? 722 ARG A CG  1 
ATOM   889  C CG  B ARG A 1 114 ? -3.462  8.946   0.812   0.500 23.202 ? 722 ARG A CG  1 
ATOM   890  C CD  A ARG A 1 114 ? -3.947  10.145  2.022   0.500 23.497 ? 722 ARG A CD  1 
ATOM   891  C CD  B ARG A 1 114 ? -4.162  10.007  1.622   0.500 26.421 ? 722 ARG A CD  1 
ATOM   892  N NE  A ARG A 1 114 ? -3.544  9.173   3.029   0.500 23.942 ? 722 ARG A NE  1 
ATOM   893  N NE  B ARG A 1 114 ? -3.376  11.204  1.392   0.500 27.095 ? 722 ARG A NE  1 
ATOM   894  C CZ  A ARG A 1 114 ? -4.327  8.226   3.531   0.500 27.447 ? 722 ARG A CZ  1 
ATOM   895  C CZ  B ARG A 1 114 ? -3.608  12.095  0.431   0.500 27.500 ? 722 ARG A CZ  1 
ATOM   896  N NH1 A ARG A 1 114 ? -5.569  8.105   3.099   0.500 29.032 ? 722 ARG A NH1 1 
ATOM   897  N NH1 B ARG A 1 114 ? -2.785  13.117  0.291   0.500 23.022 ? 722 ARG A NH1 1 
ATOM   898  N NH2 A ARG A 1 114 ? -3.861  7.397   4.457   0.500 26.552 ? 722 ARG A NH2 1 
ATOM   899  N NH2 B ARG A 1 114 ? -4.669  11.982  -0.357  0.500 29.425 ? 722 ARG A NH2 1 
ATOM   900  N N   . GLU A 1 115 ? -2.014  10.733  -2.702  1.000 16.990 ? 723 GLU A N   1 
ATOM   901  C CA  . GLU A 1 115 ? -2.697  11.369  -3.861  1.000 18.186 ? 723 GLU A CA  1 
ATOM   902  C C   . GLU A 1 115 ? -2.541  10.469  -5.086  1.000 17.622 ? 723 GLU A C   1 
ATOM   903  O O   . GLU A 1 115 ? -3.547  10.134  -5.755  1.000 18.280 ? 723 GLU A O   1 
ATOM   904  C CB  . GLU A 1 115 ? -2.092  12.733  -4.191  1.000 20.226 ? 723 GLU A CB  1 
ATOM   905  C CG  . GLU A 1 115 ? -2.260  13.773  -3.105  1.000 21.956 ? 723 GLU A CG  1 
ATOM   906  C CD  . GLU A 1 115 ? -1.426  15.040  -3.267  1.000 24.276 ? 723 GLU A CD  1 
ATOM   907  O OE1 . GLU A 1 115 ? -0.619  15.123  -4.225  1.000 24.741 ? 723 GLU A OE1 1 
ATOM   908  O OE2 . GLU A 1 115 ? -1.582  15.952  -2.428  1.000 26.020 ? 723 GLU A OE2 1 
ATOM   909  N N   . GLN A 1 116 ? -1.312  10.107  -5.417  1.000 16.657 ? 724 GLN A N   1 
ATOM   910  C CA  . GLN A 1 116 ? -1.028  9.374   -6.676  1.000 17.657 ? 724 GLN A CA  1 
ATOM   911  C C   . GLN A 1 116 ? -1.573  7.946   -6.560  1.000 17.425 ? 724 GLN A C   1 
ATOM   912  O O   . GLN A 1 116 ? -2.165  7.433   -7.548  1.000 17.556 ? 724 GLN A O   1 
ATOM   913  C CB  . GLN A 1 116 ? 0.466   9.400   -6.955  1.000 18.853 ? 724 GLN A CB  1 
ATOM   914  C CG  . GLN A 1 116 ? 0.978   10.804  -7.260  1.000 20.964 ? 724 GLN A CG  1 
ATOM   915  C CD  . GLN A 1 116 ? 2.201   10.723  -8.123  1.000 26.349 ? 724 GLN A CD  1 
ATOM   916  O OE1 . GLN A 1 116 ? 2.130   10.890  -9.343  1.000 30.793 ? 724 GLN A OE1 1 
ATOM   917  N NE2 . GLN A 1 116 ? 3.312   10.386  -7.495  1.000 27.267 ? 724 GLN A NE2 1 
ATOM   918  N N   . GLY A 1 117 ? -1.404  7.316   -5.409  1.000 17.538 ? 725 GLY A N   1 
ATOM   919  C CA  . GLY A 1 117 ? -1.928  5.956   -5.165  1.000 17.478 ? 725 GLY A CA  1 
ATOM   920  C C   . GLY A 1 117 ? -3.441  5.927   -5.144  1.000 18.520 ? 725 GLY A C   1 
ATOM   921  O O   . GLY A 1 117 ? -4.029  4.949   -5.640  1.000 17.988 ? 725 GLY A O   1 
ATOM   922  N N   . GLY A 1 118 ? -4.096  6.956   -4.607  1.000 18.364 ? 726 GLY A N   1 
ATOM   923  C CA  . GLY A 1 118 ? -5.563  7.061   -4.659  1.000 19.552 ? 726 GLY A CA  1 
ATOM   924  C C   . GLY A 1 118 ? -6.068  6.982   -6.091  1.000 18.539 ? 726 GLY A C   1 
ATOM   925  O O   . GLY A 1 118 ? -7.060  6.280   -6.357  1.000 18.895 ? 726 GLY A O   1 
ATOM   926  N N   . ALA A 1 119 ? -5.399  7.651   -7.022  1.000 17.722 ? 727 ALA A N   1 
ATOM   927  C CA  . ALA A 1 119 ? -5.779  7.654   -8.449  1.000 17.895 ? 727 ALA A CA  1 
ATOM   928  C C   . ALA A 1 119 ? -5.581  6.247   -9.041  1.000 16.989 ? 727 ALA A C   1 
ATOM   929  O O   . ALA A 1 119 ? -6.465  5.783   -9.785  1.000 17.975 ? 727 ALA A O   1 
ATOM   930  C CB  . ALA A 1 119 ? -4.999  8.704   -9.194  1.000 18.863 ? 727 ALA A CB  1 
ATOM   931  N N   . VAL A 1 120 ? -4.472  5.578   -8.729  1.000 16.019 ? 728 VAL A N   1 
ATOM   932  C CA  . VAL A 1 120 ? -4.191  4.186   -9.180  1.000 16.096 ? 728 VAL A CA  1 
ATOM   933  C C   . VAL A 1 120 ? -5.312  3.278   -8.660  1.000 15.669 ? 728 VAL A C   1 
ATOM   934  O O   . VAL A 1 120 ? -5.847  2.461   -9.429  1.000 15.453 ? 728 VAL A O   1 
ATOM   935  C CB  . VAL A 1 120 ? -2.814  3.720   -8.683  1.000 16.191 ? 728 VAL A CB  1 
ATOM   936  C CG1 . VAL A 1 120 ? -2.633  2.206   -8.792  1.000 16.557 ? 728 VAL A CG1 1 
ATOM   937  C CG2 . VAL A 1 120 ? -1.696  4.441   -9.416  1.000 16.757 ? 728 VAL A CG2 1 
ATOM   938  N N   . LEU A 1 121 ? -5.683  3.432   -7.396  1.000 15.200 ? 729 LEU A N   1 
ATOM   939  C CA  . LEU A 1 121 ? -6.701  2.551   -6.769  1.000 15.823 ? 729 LEU A CA  1 
ATOM   940  C C   . LEU A 1 121 ? -8.079  2.796   -7.380  1.000 16.649 ? 729 LEU A C   1 
ATOM   941  O O   . LEU A 1 121 ? -8.843  1.819   -7.513  1.000 16.810 ? 729 LEU A O   1 
ATOM   942  C CB  . LEU A 1 121 ? -6.704  2.759   -5.256  1.000 16.789 ? 729 LEU A CB  1 
ATOM   943  C CG  . LEU A 1 121 ? -5.509  2.148   -4.534  1.000 17.739 ? 729 LEU A CG  1 
ATOM   944  C CD1 . LEU A 1 121 ? -5.368  2.740   -3.133  1.000 20.112 ? 729 LEU A CD1 1 
ATOM   945  C CD2 . LEU A 1 121 ? -5.581  0.633   -4.455  1.000 18.984 ? 729 LEU A CD2 1 
ATOM   946  N N   . ARG A 1 122 ? -8.433  4.031   -7.717  1.000 17.133 ? 730 ARG A N   1 
ATOM   947  C CA  . ARG A 1 122 ? -9.746  4.307   -8.348  1.000 18.750 ? 730 ARG A CA  1 
ATOM   948  C C   . ARG A 1 122 ? -9.838  3.559   -9.680  1.000 18.028 ? 730 ARG A C   1 
ATOM   949  O O   . ARG A 1 122 ? -10.919 2.993   -9.976  1.000 19.043 ? 730 ARG A O   1 
ATOM   950  C CB  . ARG A 1 122 ? -10.002 5.802   -8.566  1.000 20.531 ? 730 ARG A CB  1 
ATOM   951  C CG  . ARG A 1 122 ? -10.504 6.521   -7.327  1.000 24.218 ? 730 ARG A CG  1 
ATOM   952  C CD  . ARG A 1 122 ? -10.962 7.930   -7.639  1.000 24.074 ? 730 ARG A CD  1 
ATOM   953  N NE  . ARG A 1 122 ? -12.276 8.013   -8.267  1.000 24.452 ? 730 ARG A NE  1 
ATOM   954  C CZ  . ARG A 1 122 ? -13.119 9.045   -8.137  1.000 23.033 ? 730 ARG A CZ  1 
ATOM   955  N NH1 . ARG A 1 122 ? -12.796 10.074  -7.369  1.000 24.363 ? 730 ARG A NH1 1 
ATOM   956  N NH2 . ARG A 1 122 ? -14.290 9.013   -8.747  1.000 24.719 ? 730 ARG A NH2 1 
ATOM   957  N N   . GLN A 1 123 ? -8.783  3.579   -10.499 1.000 16.873 ? 731 GLN A N   1 
ATOM   958  C CA  . GLN A 1 123 ? -8.837  2.889   -11.814 1.000 17.532 ? 731 GLN A CA  1 
ATOM   959  C C   . GLN A 1 123 ? -8.913  1.378   -11.562 1.000 17.742 ? 731 GLN A C   1 
ATOM   960  O O   . GLN A 1 123 ? -9.682  0.698   -12.255 1.000 17.798 ? 731 GLN A O   1 
ATOM   961  C CB  . GLN A 1 123 ? -7.657  3.266   -12.708 1.000 19.401 ? 731 GLN A CB  1 
ATOM   962  C CG  . GLN A 1 123 ? -7.630  4.746   -13.081 1.000 22.052 ? 731 GLN A CG  1 
ATOM   963  C CD  . GLN A 1 123 ? -8.821  5.190   -13.898 1.000 25.017 ? 731 GLN A CD  1 
ATOM   964  O OE1 . GLN A 1 123 ? -9.478  6.190   -13.594 1.000 29.515 ? 731 GLN A OE1 1 
ATOM   965  N NE2 . GLN A 1 123 ? -9.127  4.424   -14.929 1.000 27.587 ? 731 GLN A NE2 1 
ATOM   966  N N   . ALA A 1 124 ? -8.176  0.866   -10.583 1.000 16.172 ? 732 ALA A N   1 
ATOM   967  C CA  . ALA A 1 124 ? -8.156  -0.586  -10.297 1.000 16.319 ? 732 ALA A CA  1 
ATOM   968  C C   . ALA A 1 124 ? -9.523  -1.019  -9.768  1.000 16.214 ? 732 ALA A C   1 
ATOM   969  O O   . ALA A 1 124 ? -9.994  -2.124  -10.116 1.000 16.689 ? 732 ALA A O   1 
ATOM   970  C CB  . ALA A 1 124 ? -7.049  -0.919  -9.320  1.000 16.330 ? 732 ALA A CB  1 
ATOM   971  N N   . ARG A 1 125 ? -10.189 -0.165  -8.988  1.000 15.957 ? 733 ARG A N   1 
ATOM   972  C CA  . ARG A 1 125 ? -11.498 -0.514  -8.395  1.000 17.642 ? 733 ARG A CA  1 
ATOM   973  C C   . ARG A 1 125 ? -12.527 -0.705  -9.515  1.000 16.730 ? 733 ARG A C   1 
ATOM   974  O O   . ARG A 1 125 ? -13.350 -1.635  -9.417  1.000 17.220 ? 733 ARG A O   1 
ATOM   975  C CB  . ARG A 1 125 ? -11.992 0.543   -7.414  1.000 19.098 ? 733 ARG A CB  1 
ATOM   976  C CG  . ARG A 1 125 ? -13.161 0.021   -6.593  1.000 20.975 ? 733 ARG A CG  1 
ATOM   977  C CD  . ARG A 1 125 ? -13.706 1.026   -5.618  1.000 22.764 ? 733 ARG A CD  1 
ATOM   978  N NE  . ARG A 1 125 ? -12.820 1.224   -4.480  1.000 21.640 ? 733 ARG A NE  1 
ATOM   979  C CZ  . ARG A 1 125 ? -12.771 0.483   -3.375  1.000 20.370 ? 733 ARG A CZ  1 
ATOM   980  N NH1 . ARG A 1 125 ? -13.511 -0.598  -3.216  1.000 20.790 ? 733 ARG A NH1 1 
ATOM   981  N NH2 . ARG A 1 125 ? -11.963 0.856   -2.406  1.000 20.526 ? 733 ARG A NH2 1 
ATOM   982  N N   . ARG A 1 126 ? -12.473 0.100   -10.571 1.000 16.802 ? 734 ARG A N   1 
ATOM   983  C CA  . ARG A 1 126 ? -13.404 -0.053  -11.727 1.000 18.570 ? 734 ARG A CA  1 
ATOM   984  C C   . ARG A 1 126 ? -13.210 -1.448  -12.339 1.000 17.948 ? 734 ARG A C   1 
ATOM   985  O O   . ARG A 1 126 ? -14.232 -2.095  -12.673 1.000 17.595 ? 734 ARG A O   1 
ATOM   986  C CB  . ARG A 1 126 ? -13.174 1.042   -12.768 1.000 20.238 ? 734 ARG A CB  1 
ATOM   987  C CG  . ARG A 1 126 ? -14.053 0.933   -14.009 1.000 22.254 ? 734 ARG A CG  1 
ATOM   988  C CD  . ARG A 1 126 ? -15.551 0.969   -13.765 1.000 25.630 ? 734 ARG A CD  1 
ATOM   989  N NE  . ARG A 1 126 ? -16.279 0.950   -15.038 1.000 27.351 ? 734 ARG A NE  1 
ATOM   990  C CZ  . ARG A 1 126 ? -17.435 0.322   -15.266 1.000 29.836 ? 734 ARG A CZ  1 
ATOM   991  N NH1 . ARG A 1 126 ? -17.976 0.376   -16.472 1.000 32.024 ? 734 ARG A NH1 1 
ATOM   992  N NH2 . ARG A 1 126 ? -18.049 -0.360  -14.311 1.000 30.516 ? 734 ARG A NH2 1 
ATOM   993  N N   . GLN A 1 127 ? -11.966 -1.914  -12.468 1.000 17.766 ? 735 GLN A N   1 
ATOM   994  C CA  . GLN A 1 127 ? -11.674 -3.248  -13.051 1.000 18.257 ? 735 GLN A CA  1 
ATOM   995  C C   . GLN A 1 127 ? -12.242 -4.327  -12.130 1.000 18.161 ? 735 GLN A C   1 
ATOM   996  O O   . GLN A 1 127 ? -12.786 -5.313  -12.650 1.000 19.927 ? 735 GLN A O   1 
ATOM   997  C CB  . GLN A 1 127 ? -10.179 -3.455  -13.278 1.000 20.022 ? 735 GLN A CB  1 
ATOM   998  C CG  . GLN A 1 127 ? -9.576  -2.499  -14.303 1.000 21.647 ? 735 GLN A CG  1 
ATOM   999  C CD  . GLN A 1 127 ? -10.293 -2.581  -15.628 1.000 26.208 ? 735 GLN A CD  1 
ATOM   1000 O OE1 . GLN A 1 127 ? -10.444 -3.658  -16.207 1.000 28.028 ? 735 GLN A OE1 1 
ATOM   1001 N NE2 . GLN A 1 127 ? -10.787 -1.447  -16.099 1.000 28.491 ? 735 GLN A NE2 1 
ATOM   1002 N N   . ALA A 1 128 ? -12.134 -4.179  -10.818 1.000 17.551 ? 736 ALA A N   1 
ATOM   1003 C CA  . ALA A 1 128 ? -12.697 -5.157  -9.853  1.000 17.887 ? 736 ALA A CA  1 
ATOM   1004 C C   . ALA A 1 128 ? -14.226 -5.159  -9.975  1.000 18.142 ? 736 ALA A C   1 
ATOM   1005 O O   . ALA A 1 128 ? -14.858 -6.252  -9.981  1.000 18.143 ? 736 ALA A O   1 
ATOM   1006 C CB  . ALA A 1 128 ? -12.247 -4.816  -8.454  1.000 17.196 ? 736 ALA A CB  1 
ATOM   1007 N N   . GLU A 1 129 ? -14.842 -3.987  -10.119 1.000 19.272 ? 737 GLU A N   1 
ATOM   1008 C CA  . GLU A 1 129 ? -16.318 -3.857  -10.161 1.000 20.781 ? 737 GLU A CA  1 
ATOM   1009 C C   . GLU A 1 129 ? -16.839 -4.554  -11.419 1.000 20.520 ? 737 GLU A C   1 
ATOM   1010 O O   . GLU A 1 129 ? -17.932 -5.166  -11.341 1.000 21.366 ? 737 GLU A O   1 
ATOM   1011 C CB  . GLU A 1 129 ? -16.718 -2.383  -10.049 1.000 22.538 ? 737 GLU A CB  1 
ATOM   1012 C CG  . GLU A 1 129 ? -16.485 -1.859  -8.640  0.800 24.491 ? 737 GLU A CG  1 
ATOM   1013 C CD  . GLU A 1 129 ? -16.686 -0.367  -8.447  0.700 26.175 ? 737 GLU A CD  1 
ATOM   1014 O OE1 . GLU A 1 129 ? -16.954 0.334   -9.441  1.000 31.045 ? 737 GLU A OE1 1 
ATOM   1015 O OE2 . GLU A 1 129 ? -16.577 0.083   -7.298  1.000 29.055 ? 737 GLU A OE2 1 
ATOM   1016 N N   . LYS A 1 130 ? -16.070 -4.563  -12.503 1.000 20.683 ? 738 LYS A N   1 
ATOM   1017 C CA  . LYS A 1 130 ? -16.499 -5.192  -13.784 1.000 23.083 ? 738 LYS A CA  1 
ATOM   1018 C C   . LYS A 1 130 ? -16.436 -6.728  -13.688 1.000 22.926 ? 738 LYS A C   1 
ATOM   1019 O O   . LYS A 1 130 ? -16.988 -7.396  -14.595 1.000 24.082 ? 738 LYS A O   1 
ATOM   1020 C CB  . LYS A 1 130 ? -15.657 -4.642  -14.938 1.000 25.697 ? 738 LYS A CB  1 
ATOM   1021 C CG  . LYS A 1 130 ? -15.966 -3.192  -15.295 1.000 29.067 ? 738 LYS A CG  1 
ATOM   1022 C CD  . LYS A 1 130 ? -15.299 -2.698  -16.559 1.000 32.785 ? 738 LYS A CD  1 
ATOM   1023 C CE  . LYS A 1 130 ? -13.811 -2.964  -16.613 1.000 34.927 ? 738 LYS A CE  1 
ATOM   1024 N NZ  . LYS A 1 130 ? -13.490 -4.250  -17.279 0.700 36.460 ? 738 LYS A NZ  1 
ATOM   1025 N N   . MET A 1 131 ? -15.856 -7.298  -12.626 1.000 20.763 ? 739 MET A N   1 
ATOM   1026 C CA  . MET A 1 131 ? -15.780 -8.782  -12.459 1.000 20.505 ? 739 MET A CA  1 
ATOM   1027 C C   . MET A 1 131 ? -17.084 -9.344  -11.876 1.000 21.838 ? 739 MET A C   1 
ATOM   1028 O O   . MET A 1 131 ? -17.204 -10.589 -11.856 1.000 23.526 ? 739 MET A O   1 
ATOM   1029 C CB  . MET A 1 131 ? -14.611 -9.176  -11.552 1.000 19.758 ? 739 MET A CB  1 
ATOM   1030 C CG  . MET A 1 131 ? -13.265 -8.805  -12.126 1.000 19.142 ? 739 MET A CG  1 
ATOM   1031 S SD  . MET A 1 131 ? -11.889 -9.213  -11.006 1.000 21.004 ? 739 MET A SD  1 
ATOM   1032 C CE  . MET A 1 131 ? -10.522 -8.631  -11.998 1.000 20.410 ? 739 MET A CE  1 
ATOM   1033 N N   . GLY A 1 132 ? -18.011 -8.501  -11.410 1.000 22.143 ? 740 GLY A N   1 
ATOM   1034 C CA  . GLY A 1 132 ? -19.291 -8.949  -10.822 1.000 23.685 ? 740 GLY A CA  1 
ATOM   1035 C C   . GLY A 1 132 ? -19.082 -9.722  -9.532  1.000 24.992 ? 740 GLY A C   1 
ATOM   1036 O O   . GLY A 1 132 ? -18.077 -9.495  -8.848  1.000 24.400 ? 740 GLY A O   1 
ATOM   1037 O OXT . GLY A 1 132 ? -19.925 -10.556 -9.148  1.000 24.959 ? 740 GLY A OXT 1 
HETATM 1038 K K   . K   B 2 .   ? -3.041  13.077  3.702   1.000 23.212 ? 201 K   A K   1 
HETATM 1039 K K   . K   C 2 .   ? 1.479   18.551  4.008   1.000 23.090 ? 202 K   A K   1 
HETATM 1040 K K   . K   D 2 .   ? 7.916   5.547   7.561   1.000 17.731 ? 203 K   A K   1 
HETATM 1041 K K   . K   E 2 .   ? 9.426   1.975   -6.040  0.800 17.628 ? 204 K   A K   1 
HETATM 1042 C C1  . GOL F 3 .   ? -9.149  5.282   -3.399  1.000 40.641 ? 205 GOL A C1  1 
HETATM 1043 O O1  . GOL F 3 .   ? -9.149  6.276   -2.380  1.000 44.759 ? 205 GOL A O1  1 
HETATM 1044 C C2  . GOL F 3 .   ? -10.549 4.787   -3.688  1.000 38.450 ? 205 GOL A C2  1 
HETATM 1045 O O2  . GOL F 3 .   ? -11.149 4.262   -2.500  1.000 35.200 ? 205 GOL A O2  1 
HETATM 1046 C C3  . GOL F 3 .   ? -10.568 3.743   -4.780  1.000 36.702 ? 205 GOL A C3  1 
HETATM 1047 O O3  . GOL F 3 .   ? -11.891 3.499   -5.245  1.000 33.487 ? 205 GOL A O3  1 
HETATM 1048 C C1  . GOL G 3 .   ? -14.710 5.281   -9.548  1.000 33.914 ? 206 GOL A C1  1 
HETATM 1049 O O1  . GOL G 3 .   ? -13.511 5.673   -8.885  1.000 32.877 ? 206 GOL A O1  1 
HETATM 1050 C C2  . GOL G 3 .   ? -14.606 3.878   -10.106 1.000 35.449 ? 206 GOL A C2  1 
HETATM 1051 O O2  . GOL G 3 .   ? -13.381 3.742   -10.822 1.000 31.758 ? 206 GOL A O2  1 
HETATM 1052 C C3  . GOL G 3 .   ? -14.688 2.803   -9.042  1.000 36.692 ? 206 GOL A C3  1 
HETATM 1053 O O3  . GOL G 3 .   ? -15.957 2.797   -8.392  1.000 41.713 ? 206 GOL A O3  1 
HETATM 1054 C C1  . GOL H 3 .   ? -16.505 -5.073  -5.206  1.000 45.374 ? 207 GOL A C1  1 
HETATM 1055 O O1  . GOL H 3 .   ? -16.877 -5.978  -6.244  1.000 44.129 ? 207 GOL A O1  1 
HETATM 1056 C C2  . GOL H 3 .   ? -15.230 -4.325  -5.536  1.000 42.750 ? 207 GOL A C2  1 
HETATM 1057 O O2  . GOL H 3 .   ? -14.150 -5.254  -5.565  1.000 41.936 ? 207 GOL A O2  1 
HETATM 1058 C C3  . GOL H 3 .   ? -14.910 -3.212  -4.557  1.000 42.404 ? 207 GOL A C3  1 
HETATM 1059 O O3  . GOL H 3 .   ? -15.508 -1.971  -4.930  1.000 40.697 ? 207 GOL A O3  1 
HETATM 1060 C C1  . GOL I 3 .   ? 8.907   -0.355  -8.776  1.000 60.925 ? 208 GOL A C1  1 
HETATM 1061 O O1  . GOL I 3 .   ? 8.624   -0.445  -10.170 1.000 65.011 ? 208 GOL A O1  1 
HETATM 1062 C C2  . GOL I 3 .   ? 9.915   -1.397  -8.334  1.000 62.422 ? 208 GOL A C2  1 
HETATM 1063 O O2  . GOL I 3 .   ? 9.334   -2.698  -8.410  1.000 63.430 ? 208 GOL A O2  1 
HETATM 1064 C C3  . GOL I 3 .   ? 10.447  -1.167  -6.934  1.000 62.222 ? 208 GOL A C3  1 
HETATM 1065 O O3  . GOL I 3 .   ? 10.082  -2.212  -6.040  1.000 65.624 ? 208 GOL A O3  1 
HETATM 1066 C C1  . GOL J 3 .   ? 13.420  -7.984  1.347   1.000 60.918 ? 209 GOL A C1  1 
HETATM 1067 O O1  . GOL J 3 .   ? 13.102  -7.187  0.209   1.000 60.422 ? 209 GOL A O1  1 
HETATM 1068 C C2  . GOL J 3 .   ? 12.715  -7.480  2.589   1.000 61.053 ? 209 GOL A C2  1 
HETATM 1069 O O2  . GOL J 3 .   ? 13.347  -6.287  3.048   1.000 63.244 ? 209 GOL A O2  1 
HETATM 1070 C C3  . GOL J 3 .   ? 12.674  -8.496  3.710   1.000 60.850 ? 209 GOL A C3  1 
HETATM 1071 O O3  . GOL J 3 .   ? 11.581  -8.254  4.594   1.000 59.971 ? 209 GOL A O3  1 
HETATM 1072 C C1  . GOL K 3 .   ? -15.634 -10.513 -1.687  1.000 35.804 ? 210 GOL A C1  1 
HETATM 1073 O O1  . GOL K 3 .   ? -14.439 -11.013 -1.086  1.000 32.017 ? 210 GOL A O1  1 
HETATM 1074 C C2  . GOL K 3 .   ? -15.349 -9.476  -2.756  1.000 36.129 ? 210 GOL A C2  1 
HETATM 1075 O O2  . GOL K 3 .   ? -15.240 -8.185  -2.163  1.000 37.010 ? 210 GOL A O2  1 
HETATM 1076 C C3  . GOL K 3 .   ? -16.409 -9.419  -3.837  1.000 37.586 ? 210 GOL A C3  1 
HETATM 1077 O O3  . GOL K 3 .   ? -16.208 -10.424 -4.825  1.000 36.291 ? 210 GOL A O3  1 
HETATM 1078 O O   . HOH L 4 .   ? 6.313   -5.511  -3.321  1.000 31.549 ? 301 HOH A O   1 
HETATM 1079 O O   . HOH L 4 .   ? -18.070 0.538   -11.572 1.000 34.739 ? 302 HOH A O   1 
HETATM 1080 O O   . HOH L 4 .   ? 18.856  1.135   6.809   1.000 38.769 ? 303 HOH A O   1 
HETATM 1081 O O   . HOH L 4 .   ? -13.688 -6.491  -3.468  1.000 25.306 ? 304 HOH A O   1 
HETATM 1082 O O   . HOH L 4 .   ? 6.526   -1.578  -9.392  1.000 29.427 ? 305 HOH A O   1 
HETATM 1083 O O   . HOH L 4 .   ? 3.217   -5.574  10.244  1.000 41.940 ? 306 HOH A O   1 
HETATM 1084 O O   . HOH L 4 .   ? 1.909   15.592  -10.006 1.000 52.401 ? 307 HOH A O   1 
HETATM 1085 O O   . HOH L 4 .   ? -4.447  -3.589  7.861   1.000 38.604 ? 308 HOH A O   1 
HETATM 1086 O O   . HOH L 4 .   ? -17.107 -7.066  -8.562  1.000 25.314 ? 309 HOH A O   1 
HETATM 1087 O O   . HOH L 4 .   ? -9.866  -5.327  7.254   1.000 31.765 ? 310 HOH A O   1 
HETATM 1088 O O   . HOH L 4 .   ? -10.382 4.760   -17.187 1.000 35.591 ? 311 HOH A O   1 
HETATM 1089 O O   . HOH L 4 .   ? -17.348 -7.506  -0.783  1.000 40.655 ? 312 HOH A O   1 
HETATM 1090 O O   . HOH L 4 .   ? -22.422 -10.266 -9.860  1.000 40.726 ? 313 HOH A O   1 
HETATM 1091 O O   . HOH L 4 .   ? 7.565   -8.693  5.579   1.000 40.544 ? 314 HOH A O   1 
HETATM 1092 O O   . HOH L 4 .   ? 6.736   -7.411  -10.144 1.000 50.853 ? 315 HOH A O   1 
HETATM 1093 O O   . HOH L 4 .   ? 9.993   9.860   17.303  1.000 43.143 ? 316 HOH A O   1 
HETATM 1094 O O   . HOH L 4 .   ? -8.971  -10.408 2.615   1.000 20.879 ? 317 HOH A O   1 
HETATM 1095 O O   . HOH L 4 .   ? 6.328   -3.227  7.806   1.000 22.473 ? 318 HOH A O   1 
HETATM 1096 O O   . HOH L 4 .   ? -11.127 -18.373 -12.819 1.000 37.469 ? 319 HOH A O   1 
HETATM 1097 O O   . HOH L 4 .   ? -3.378  15.614  -0.489  1.000 23.360 ? 320 HOH A O   1 
HETATM 1098 O O   . HOH L 4 .   ? -13.685 -11.117 1.468   1.000 25.068 ? 321 HOH A O   1 
HETATM 1099 O O   . HOH L 4 .   ? 11.741  11.666  10.487  1.000 20.942 ? 322 HOH A O   1 
HETATM 1100 O O   . HOH L 4 .   ? 9.699   0.929   19.255  1.000 31.280 ? 323 HOH A O   1 
HETATM 1101 O O   . HOH L 4 .   ? 3.577   -15.186 0.900   1.000 29.070 ? 324 HOH A O   1 
HETATM 1102 O O   . HOH L 4 .   ? 1.766   -7.962  -12.641 1.000 38.615 ? 325 HOH A O   1 
HETATM 1103 O O   . HOH L 4 .   ? -2.474  -7.075  6.747   1.000 33.187 ? 326 HOH A O   1 
HETATM 1104 O O   . HOH L 4 .   ? 5.162   1.127   8.538   1.000 18.910 ? 327 HOH A O   1 
HETATM 1105 O O   . HOH L 4 .   ? 9.060   1.287   5.051   1.000 22.362 ? 328 HOH A O   1 
HETATM 1106 O O   . HOH L 4 .   ? 6.414   1.490   4.853   1.000 21.073 ? 329 HOH A O   1 
HETATM 1107 O O   . HOH L 4 .   ? 1.006   -17.072 -4.720  1.000 42.415 ? 330 HOH A O   1 
HETATM 1108 O O   . HOH L 4 .   ? 1.765   16.316  -4.711  1.000 46.573 ? 331 HOH A O   1 
HETATM 1109 O O   . HOH L 4 .   ? -4.550  4.011   7.937   1.000 28.311 ? 332 HOH A O   1 
HETATM 1110 O O   . HOH L 4 .   ? 8.772   1.153   -3.416  1.000 21.784 ? 333 HOH A O   1 
HETATM 1111 O O   . HOH L 4 .   ? 12.526  17.642  11.269  1.000 37.911 ? 334 HOH A O   1 
HETATM 1112 O O   . HOH L 4 .   ? -19.701 -5.735  -9.356  1.000 47.360 ? 335 HOH A O   1 
HETATM 1113 O O   . HOH L 4 .   ? 6.261   -3.889  -7.404  1.000 39.780 ? 336 HOH A O   1 
HETATM 1114 O O   . HOH L 4 .   ? -12.071 -6.490  -14.995 1.000 31.388 ? 337 HOH A O   1 
HETATM 1115 O O   . HOH L 4 .   ? 13.961  -3.735  6.577   1.000 35.308 ? 338 HOH A O   1 
HETATM 1116 O O   . HOH L 4 .   ? 9.364   -4.089  -2.175  1.000 25.699 ? 339 HOH A O   1 
HETATM 1117 O O   . HOH L 4 .   ? 5.804   -14.586 -0.570  1.000 44.555 ? 340 HOH A O   1 
HETATM 1118 O O   . HOH L 4 .   ? -17.504 -16.587 -12.424 1.000 36.407 ? 341 HOH A O   1 
HETATM 1119 O O   . HOH L 4 .   ? 3.482   16.514  -0.461  1.000 33.066 ? 342 HOH A O   1 
HETATM 1120 O O   . HOH L 4 .   ? -13.715 -13.067 -13.906 1.000 45.948 ? 343 HOH A O   1 
HETATM 1121 O O   . HOH L 4 .   ? 6.022   6.998   -10.996 1.000 29.102 ? 344 HOH A O   1 
HETATM 1122 O O   . HOH L 4 .   ? 2.128   -10.470 7.021   1.000 41.087 ? 345 HOH A O   1 
HETATM 1123 O O   . HOH L 4 .   ? 5.117   3.437   6.425   1.000 17.736 ? 346 HOH A O   1 
HETATM 1124 O O   . HOH L 4 .   ? 8.477   8.112   -2.951  1.000 21.714 ? 347 HOH A O   1 
HETATM 1125 O O   . HOH L 4 .   ? 10.339  3.675   5.373   1.000 30.138 ? 348 HOH A O   1 
HETATM 1126 O O   . HOH L 4 .   ? -17.442 4.763   -7.158  1.000 25.743 ? 349 HOH A O   1 
HETATM 1127 O O   . HOH L 4 .   ? -4.623  1.527   -11.793 1.000 21.745 ? 350 HOH A O   1 
HETATM 1128 O O   . HOH L 4 .   ? -4.316  -2.077  -11.758 1.000 19.816 ? 351 HOH A O   1 
HETATM 1129 O O   . HOH L 4 .   ? -6.043  -5.012  5.446   1.000 28.308 ? 352 HOH A O   1 
HETATM 1130 O O   . HOH L 4 .   ? -16.958 -14.628 -5.997  1.000 15.315 ? 353 HOH A O   1 
HETATM 1131 O O   . HOH L 4 .   ? 9.143   3.986   -10.272 1.000 34.465 ? 354 HOH A O   1 
HETATM 1132 O O   . HOH L 4 .   ? 0.007   -11.817 -12.604 1.000 38.561 ? 355 HOH A O   1 
HETATM 1133 O O   . HOH L 4 .   ? -1.210  4.719   11.125  1.000 25.312 ? 356 HOH A O   1 
HETATM 1134 O O   . HOH L 4 .   ? 7.201   10.100  15.990  1.000 33.020 ? 357 HOH A O   1 
HETATM 1135 O O   . HOH L 4 .   ? -0.310  14.208  -6.829  1.000 33.572 ? 358 HOH A O   1 
HETATM 1136 O O   . HOH L 4 .   ? -6.181  10.735  -5.096  1.000 33.971 ? 359 HOH A O   1 
HETATM 1137 O O   . HOH L 4 .   ? 4.100   9.288   -5.060  1.000 22.060 ? 360 HOH A O   1 
HETATM 1138 O O   . HOH L 4 .   ? -10.216 1.055   -14.986 1.000 30.905 ? 361 HOH A O   1 
HETATM 1139 O O   . HOH L 4 .   ? -7.284  -9.412  -13.958 1.000 25.349 ? 362 HOH A O   1 
HETATM 1140 O O   . HOH L 4 .   ? 10.091  11.363  14.178  1.000 33.531 ? 363 HOH A O   1 
HETATM 1141 O O   . HOH L 4 .   ? -0.155  1.532   12.738  1.000 21.703 ? 364 HOH A O   1 
HETATM 1142 O O   . HOH L 4 .   ? -13.096 -12.223 -11.768 1.000 28.625 ? 365 HOH A O   1 
HETATM 1143 O O   . HOH L 4 .   ? 5.852   10.062  -3.075  1.000 26.111 ? 366 HOH A O   1 
HETATM 1144 O O   . HOH L 4 .   ? -5.571  1.696   6.821   1.000 24.035 ? 367 HOH A O   1 
HETATM 1145 O O   . HOH L 4 .   ? -0.618  -8.916  -12.818 1.000 27.213 ? 368 HOH A O   1 
HETATM 1146 O O   . HOH L 4 .   ? -1.462  9.269   10.307  1.000 18.073 ? 369 HOH A O   1 
HETATM 1147 O O   . HOH L 4 .   ? -16.291 -12.532 -13.686 1.000 32.116 ? 370 HOH A O   1 
HETATM 1148 O O   . HOH L 4 .   ? -4.319  -12.314 -1.607  1.000 19.177 ? 371 HOH A O   1 
HETATM 1149 O O   . HOH L 4 .   ? -19.195 -7.004  -4.983  1.000 45.342 ? 372 HOH A O   1 
HETATM 1150 O O   . HOH L 4 .   ? 0.529   0.073   -15.591 1.000 36.208 ? 373 HOH A O   1 
HETATM 1151 O O   . HOH L 4 .   ? -6.392  5.169   -0.864  1.000 41.073 ? 374 HOH A O   1 
HETATM 1152 O O   . HOH L 4 .   ? -1.614  8.395   -10.157 1.000 29.693 ? 375 HOH A O   1 
HETATM 1153 O O   . HOH L 4 .   ? 11.972  0.833   2.584   1.000 24.678 ? 376 HOH A O   1 
HETATM 1154 O O   . HOH L 4 .   ? -8.036  7.654   -11.235 1.000 25.600 ? 377 HOH A O   1 
HETATM 1155 O O   . HOH L 4 .   ? 12.226  10.354  15.342  1.000 39.862 ? 378 HOH A O   1 
HETATM 1156 O O   . HOH L 4 .   ? -10.179 0.122   2.444   1.000 25.286 ? 379 HOH A O   1 
HETATM 1157 O O   . HOH L 4 .   ? -0.584  16.849  5.878   1.000 18.096 ? 380 HOH A O   1 
HETATM 1158 O O   . HOH L 4 .   ? 11.028  21.674  5.616   1.000 19.242 ? 381 HOH A O   1 
HETATM 1159 O O   . HOH L 4 .   ? 13.110  0.177   5.063   1.000 26.582 ? 382 HOH A O   1 
HETATM 1160 O O   . HOH L 4 .   ? 5.570   18.165  12.607  1.000 14.440 ? 383 HOH A O   1 
HETATM 1161 O O   . HOH L 4 .   ? 1.997   3.621   -11.609 1.000 26.645 ? 384 HOH A O   1 
HETATM 1162 O O   . HOH L 4 .   ? 1.774   22.624  10.410  1.000 22.261 ? 385 HOH A O   1 
HETATM 1163 O O   . HOH L 4 .   ? 8.924   -2.025  10.842  1.000 27.507 ? 386 HOH A O   1 
HETATM 1164 O O   . HOH L 4 .   ? 16.352  -3.849  12.379  1.000 41.466 ? 387 HOH A O   1 
HETATM 1165 O O   . HOH L 4 .   ? -4.068  -0.332  -15.348 1.000 38.114 ? 388 HOH A O   1 
HETATM 1166 O O   . HOH L 4 .   ? -10.377 10.506  -5.812  1.000 47.202 ? 389 HOH A O   1 
HETATM 1167 O O   . HOH L 4 .   ? -2.648  7.290   14.968  1.000 32.599 ? 390 HOH A O   1 
HETATM 1168 O O   . HOH L 4 .   ? -7.013  -17.622 1.824   1.000 31.235 ? 391 HOH A O   1 
HETATM 1169 O O   . HOH L 4 .   ? 2.951   -7.223  -7.463  1.000 33.045 ? 392 HOH A O   1 
HETATM 1170 O O   . HOH L 4 .   ? 10.635  13.502  12.128  1.000 20.626 ? 393 HOH A O   1 
HETATM 1171 O O   . HOH L 4 .   ? -5.716  -9.266  5.197   1.000 48.966 ? 394 HOH A O   1 
HETATM 1172 O O   . HOH L 4 .   ? -23.316 -11.170 -6.678  1.000 41.556 ? 395 HOH A O   1 
HETATM 1173 O O   . HOH L 4 .   ? 13.444  -4.455  12.107  1.000 34.270 ? 396 HOH A O   1 
HETATM 1174 O O   . HOH L 4 .   ? -20.667 -1.608  -14.839 1.000 39.357 ? 397 HOH A O   1 
HETATM 1175 O O   . HOH L 4 .   ? 7.572   11.340  -9.645  1.000 42.170 ? 398 HOH A O   1 
HETATM 1176 O O   . HOH L 4 .   ? 12.592  4.263   -8.375  1.000 30.956 ? 399 HOH A O   1 
HETATM 1177 O O   . HOH L 4 .   ? -4.206  10.752  5.476   0.500 41.480 ? 400 HOH A O   1 
HETATM 1178 O O   . HOH L 4 .   ? 6.168   21.944  7.860   1.000 29.287 ? 401 HOH A O   1 
HETATM 1179 O O   . HOH L 4 .   ? 3.800   -14.217 4.924   1.000 46.471 ? 402 HOH A O   1 
HETATM 1180 O O   . HOH L 4 .   ? 7.463   -0.925  8.489   1.000 23.942 ? 403 HOH A O   1 
HETATM 1181 O O   . HOH L 4 .   ? -9.951  8.761   -3.892  1.000 41.258 ? 404 HOH A O   1 
HETATM 1182 O O   . HOH L 4 .   ? 0.113   -8.115  7.503   1.000 29.898 ? 405 HOH A O   1 
HETATM 1183 O O   . HOH L 4 .   ? 8.724   7.731   21.505  1.000 42.455 ? 406 HOH A O   1 
HETATM 1184 O O   . HOH L 4 .   ? 5.058   -5.998  -6.243  1.000 35.022 ? 407 HOH A O   1 
HETATM 1185 O O   . HOH L 4 .   ? 1.939   11.698  15.652  1.000 31.049 ? 408 HOH A O   1 
HETATM 1186 O O   . HOH L 4 .   ? -7.813  2.669   5.590   1.000 30.794 ? 409 HOH A O   1 
HETATM 1187 O O   . HOH L 4 .   ? -3.914  3.798   10.574  1.000 33.024 ? 410 HOH A O   1 
HETATM 1188 O O   . HOH L 4 .   ? 1.523   18.526  1.412   1.000 35.773 ? 411 HOH A O   1 
HETATM 1189 O O   . HOH L 4 .   ? -6.445  10.173  -2.268  1.000 35.313 ? 412 HOH A O   1 
HETATM 1190 O O   . HOH L 4 .   ? 13.973  0.267   0.619   1.000 33.830 ? 413 HOH A O   1 
HETATM 1191 O O   . HOH L 4 .   ? -0.782  3.246   14.958  1.000 31.895 ? 414 HOH A O   1 
HETATM 1192 O O   . HOH L 4 .   ? 7.516   19.740  11.557  1.000 20.628 ? 415 HOH A O   1 
HETATM 1193 O O   . HOH L 4 .   ? 3.210   22.009  7.481   1.000 36.429 ? 416 HOH A O   1 
HETATM 1194 O O   . HOH L 4 .   ? 5.359   9.425   -9.826  1.000 43.672 ? 417 HOH A O   1 
HETATM 1195 O O   . HOH L 4 .   ? 8.294   22.396  5.714   1.000 30.988 ? 418 HOH A O   1 
HETATM 1196 O O   . HOH L 4 .   ? 7.767   11.568  -4.590  1.000 38.981 ? 419 HOH A O   1 
HETATM 1197 O O   . HOH L 4 .   ? 10.502  2.738   -8.334  1.000 39.673 ? 420 HOH A O   1 
HETATM 1198 O O   . HOH L 4 .   ? -11.470 10.882  -10.460 1.000 34.881 ? 421 HOH A O   1 
HETATM 1199 O O   . HOH L 4 .   ? -23.203 -17.965 -9.226  1.000 35.595 ? 422 HOH A O   1 
HETATM 1200 O O   . HOH L 4 .   ? 4.199   7.788   21.782  1.000 47.249 ? 423 HOH A O   1 
HETATM 1201 O O   . HOH L 4 .   ? -8.149  9.882   -6.647  1.000 41.695 ? 424 HOH A O   1 
HETATM 1202 O O   . HOH L 4 .   ? -3.565  6.652   -12.029 1.000 34.403 ? 425 HOH A O   1 
HETATM 1203 O O   . HOH L 4 .   ? -6.431  0.131   -13.702 1.000 47.974 ? 426 HOH A O   1 
HETATM 1204 O O   . HOH L 4 .   ? -6.534  -4.716  -15.110 1.000 39.491 ? 427 HOH A O   1 
HETATM 1205 O O   . HOH L 4 .   ? -20.714 -7.489  -13.742 1.000 48.610 ? 428 HOH A O   1 
HETATM 1206 O O   . HOH L 4 .   ? 9.557   19.874  13.267  1.000 35.981 ? 429 HOH A O   1 
HETATM 1207 O O   . HOH L 4 .   ? -20.452 -1.345  -18.673 1.000 16.678 ? 430 HOH A O   1 
HETATM 1208 O O   . HOH L 4 .   ? -5.457  -7.136  -14.266 1.000 29.972 ? 431 HOH A O   1 
HETATM 1209 O O   . HOH L 4 .   ? -5.895  -2.346  -13.746 1.000 37.243 ? 432 HOH A O   1 
HETATM 1210 O O   . HOH L 4 .   ? -2.214  7.156   12.212  1.000 21.998 ? 433 HOH A O   1 
HETATM 1211 O O   . HOH L 4 .   ? 6.335   21.870  10.508  1.000 22.832 ? 434 HOH A O   1 
HETATM 1212 O O   . HOH L 4 .   ? -0.416  3.807   -13.055 1.000 32.572 ? 435 HOH A O   1 
HETATM 1213 O O   . HOH L 4 .   ? 2.907   9.458   17.518  1.000 42.396 ? 436 HOH A O   1 
HETATM 1214 O O   . HOH L 4 .   ? -5.749  8.103   -13.074 1.000 39.929 ? 437 HOH A O   1 
HETATM 1215 O O   . HOH L 4 .   ? -3.336  3.753   -12.971 1.000 30.271 ? 438 HOH A O   1 
HETATM 1216 O O   . HOH L 4 .   ? 0.604   3.208   -15.330 1.000 48.103 ? 439 HOH A O   1 
HETATM 1217 O O   . HOH L 4 .   ? 6.503   -5.351  9.523   1.000 31.859 ? 440 HOH A O   1 
HETATM 1218 O O   . HOH L 4 .   ? -8.633  9.841   -9.710  1.000 35.348 ? 441 HOH A O   1 
HETATM 1219 O O   . HOH L 4 .   ? -1.105  -8.292  -15.349 1.000 36.800 ? 442 HOH A O   1 
HETATM 1220 O O   . HOH L 4 .   ? 12.144  15.659  12.693  1.000 34.674 ? 443 HOH A O   1 
HETATM 1221 O O   . HOH L 4 .   ? -2.211  10.994  -10.388 1.000 48.078 ? 444 HOH A O   1 
HETATM 1222 O O   . HOH L 4 .   ? 10.925  -5.924  11.061  1.000 49.555 ? 445 HOH A O   1 
HETATM 1223 O O   . HOH L 4 .   ? -6.914  -11.755 -15.808 1.000 31.347 ? 446 HOH A O   1 
HETATM 1224 O O   . HOH L 4 .   ? 4.855   -5.149  14.925  1.000 41.979 ? 447 HOH A O   1 
HETATM 1225 O O   . HOH L 4 .   ? 3.970   22.051  11.916  1.000 19.218 ? 448 HOH A O   1 
HETATM 1226 O O   . HOH L 4 .   ? 8.135   -4.680  11.328  1.000 32.539 ? 449 HOH A O   1 
HETATM 1227 O O   . HOH L 4 .   ? 7.841   24.013  11.234  1.000 38.209 ? 450 HOH A O   1 
HETATM 1228 O O   . HOH L 4 .   ? 8.829   17.653  15.418  1.000 33.292 ? 451 HOH A O   1 
# 
loop_
_pdbx_poly_seq_scheme.asym_id 
_pdbx_poly_seq_scheme.entity_id 
_pdbx_poly_seq_scheme.seq_id 
_pdbx_poly_seq_scheme.mon_id 
_pdbx_poly_seq_scheme.ndb_seq_num 
_pdbx_poly_seq_scheme.pdb_seq_num 
_pdbx_poly_seq_scheme.auth_seq_num 
_pdbx_poly_seq_scheme.pdb_mon_id 
_pdbx_poly_seq_scheme.auth_mon_id 
_pdbx_poly_seq_scheme.pdb_strand_id 
_pdbx_poly_seq_scheme.pdb_ins_code 
_pdbx_poly_seq_scheme.hetero 
A 1 1   MET 1   609 ?   ?   ?   A . n 
A 1 2   GLY 2   610 ?   ?   ?   A . n 
A 1 3   GLY 3   611 ?   ?   ?   A . n 
A 1 4   SER 4   612 ?   ?   ?   A . n 
A 1 5   HIS 5   613 ?   ?   ?   A . n 
A 1 6   HIS 6   614 ?   ?   ?   A . n 
A 1 7   HIS 7   615 ?   ?   ?   A . n 
A 1 8   HIS 8   616 ?   ?   ?   A . n 
A 1 9   HIS 9   617 ?   ?   ?   A . n 
A 1 10  HIS 10  618 ?   ?   ?   A . n 
A 1 11  GLU 11  619 ?   ?   ?   A . n 
A 1 12  ASN 12  620 ?   ?   ?   A . n 
A 1 13  LEU 13  621 ?   ?   ?   A . n 
A 1 14  TYR 14  622 ?   ?   ?   A . n 
A 1 15  PHE 15  623 ?   ?   ?   A . n 
A 1 16  GLN 16  624 ?   ?   ?   A . n 
A 1 17  GLY 17  625 1   GLY GLY A . n 
A 1 18  MET 18  626 2   MET MET A . n 
A 1 19  GLU 19  627 3   GLU GLU A . n 
A 1 20  MET 20  628 4   MET MET A . n 
A 1 21  GLN 21  629 5   GLN GLN A . n 
A 1 22  LEU 22  630 6   LEU LEU A . n 
A 1 23  THR 23  631 7   THR THR A . n 
A 1 24  PRO 24  632 8   PRO PRO A . n 
A 1 25  PHE 25  633 9   PHE PHE A . n 
A 1 26  LEU 26  634 10  LEU LEU A . n 
A 1 27  ILE 27  635 11  ILE ILE A . n 
A 1 28  LEU 28  636 12  LEU LEU A . n 
A 1 29  LEU 29  637 13  LEU LEU A . n 
A 1 30  ARG 30  638 14  ARG ARG A . n 
A 1 31  LYS 31  639 15  LYS LYS A . n 
A 1 32  THR 32  640 16  THR THR A . n 
A 1 33  LEU 33  641 17  LEU LEU A . n 
A 1 34  GLU 34  642 18  GLU GLU A . n 
A 1 35  GLN 35  643 19  GLN GLN A . n 
A 1 36  LEU 36  644 20  LEU LEU A . n 
A 1 37  GLN 37  645 21  GLN GLN A . n 
A 1 38  GLU 38  646 22  GLU GLU A . n 
A 1 39  LYS 39  647 23  LYS LYS A . n 
A 1 40  ASP 40  648 24  ASP ASP A . n 
A 1 41  THR 41  649 25  THR THR A . n 
A 1 42  GLY 42  650 26  GLY GLY A . n 
A 1 43  ASN 43  651 27  ASN ASN A . n 
A 1 44  ILE 44  652 28  ILE ILE A . n 
A 1 45  PHE 45  653 29  PHE PHE A . n 
A 1 46  SER 46  654 30  SER SER A . n 
A 1 47  GLU 47  655 31  GLU GLU A . n 
A 1 48  PRO 48  656 32  PRO PRO A . n 
A 1 49  VAL 49  657 33  VAL VAL A . n 
A 1 50  PRO 50  658 34  PRO PRO A . n 
A 1 51  LEU 51  659 35  LEU LEU A . n 
A 1 52  SER 52  660 36  SER SER A . n 
A 1 53  GLU 53  661 37  GLU GLU A . n 
A 1 54  VAL 54  662 38  VAL VAL A . n 
A 1 55  PRO 55  663 39  PRO PRO A . n 
A 1 56  ASP 56  664 40  ASP ASP A . n 
A 1 57  TYR 57  665 41  TYR TYR A . n 
A 1 58  LEU 58  666 42  LEU LEU A . n 
A 1 59  ASP 59  667 43  ASP ASP A . n 
A 1 60  HIS 60  668 44  HIS HIS A . n 
A 1 61  ILE 61  669 45  ILE ILE A . n 
A 1 62  LYS 62  670 46  LYS LYS A . n 
A 1 63  LYS 63  671 47  LYS LYS A . n 
A 1 64  PRO 64  672 48  PRO PRO A . n 
A 1 65  MET 65  673 49  MET MET A . n 
A 1 66  ASP 66  674 50  ASP ASP A . n 
A 1 67  PHE 67  675 51  PHE PHE A . n 
A 1 68  PHE 68  676 52  PHE PHE A . n 
A 1 69  THR 69  677 53  THR THR A . n 
A 1 70  MET 70  678 54  MET MET A . n 
A 1 71  LYS 71  679 55  LYS LYS A . n 
A 1 72  GLN 72  680 56  GLN GLN A . n 
A 1 73  ASN 73  681 57  ASN ASN A . n 
A 1 74  LEU 74  682 58  LEU LEU A . n 
A 1 75  GLU 75  683 59  GLU GLU A . n 
A 1 76  ALA 76  684 60  ALA ALA A . n 
A 1 77  TYR 77  685 61  TYR TYR A . n 
A 1 78  ARG 78  686 62  ARG ARG A . n 
A 1 79  TYR 79  687 63  TYR TYR A . n 
A 1 80  LEU 80  688 64  LEU LEU A . n 
A 1 81  ASN 81  689 65  ASN ASN A . n 
A 1 82  PHE 82  690 66  PHE PHE A . n 
A 1 83  ASP 83  691 67  ASP ASP A . n 
A 1 84  ASP 84  692 68  ASP ASP A . n 
A 1 85  PHE 85  693 69  PHE PHE A . n 
A 1 86  GLU 86  694 70  GLU GLU A . n 
A 1 87  GLU 87  695 71  GLU GLU A . n 
A 1 88  ASP 88  696 72  ASP ASP A . n 
A 1 89  PHE 89  697 73  PHE PHE A . n 
A 1 90  ASN 90  698 74  ASN ASN A . n 
A 1 91  LEU 91  699 75  LEU LEU A . n 
A 1 92  ILE 92  700 76  ILE ILE A . n 
A 1 93  VAL 93  701 77  VAL VAL A . n 
A 1 94  SER 94  702 78  SER SER A . n 
A 1 95  ASN 95  703 79  ASN ASN A . n 
A 1 96  CYS 96  704 80  CYS CYS A . n 
A 1 97  LEU 97  705 81  LEU LEU A . n 
A 1 98  LYS 98  706 82  LYS LYS A . n 
A 1 99  TYR 99  707 83  TYR TYR A . n 
A 1 100 ASN 100 708 84  ASN ASN A . n 
A 1 101 ALA 101 709 85  ALA ALA A . n 
A 1 102 LYS 102 710 86  LYS LYS A . n 
A 1 103 ASP 103 711 87  ASP ASP A . n 
A 1 104 THR 104 712 88  THR THR A . n 
A 1 105 ILE 105 713 89  ILE ILE A . n 
A 1 106 PHE 106 714 90  PHE PHE A . n 
A 1 107 TYR 107 715 91  TYR TYR A . n 
A 1 108 ARG 108 716 92  ARG ARG A . n 
A 1 109 ALA 109 717 93  ALA ALA A . n 
A 1 110 ALA 110 718 94  ALA ALA A . n 
A 1 111 VAL 111 719 95  VAL VAL A . n 
A 1 112 ARG 112 720 96  ARG ARG A . n 
A 1 113 LEU 113 721 97  LEU LEU A . n 
A 1 114 ARG 114 722 98  ARG ARG A . n 
A 1 115 GLU 115 723 99  GLU GLU A . n 
A 1 116 GLN 116 724 100 GLN GLN A . n 
A 1 117 GLY 117 725 101 GLY GLY A . n 
A 1 118 GLY 118 726 102 GLY GLY A . n 
A 1 119 ALA 119 727 103 ALA ALA A . n 
A 1 120 VAL 120 728 104 VAL VAL A . n 
A 1 121 LEU 121 729 105 LEU LEU A . n 
A 1 122 ARG 122 730 106 ARG ARG A . n 
A 1 123 GLN 123 731 107 GLN GLN A . n 
A 1 124 ALA 124 732 108 ALA ALA A . n 
A 1 125 ARG 125 733 109 ARG ARG A . n 
A 1 126 ARG 126 734 110 ARG ARG A . n 
A 1 127 GLN 127 735 111 GLN GLN A . n 
A 1 128 ALA 128 736 112 ALA ALA A . n 
A 1 129 GLU 129 737 113 GLU GLU A . n 
A 1 130 LYS 130 738 114 LYS LYS A . n 
A 1 131 MET 131 739 115 MET MET A . n 
A 1 132 GLY 132 740 116 GLY GLY A . n 
# 
loop_
_pdbx_nonpoly_scheme.asym_id 
_pdbx_nonpoly_scheme.entity_id 
_pdbx_nonpoly_scheme.mon_id 
_pdbx_nonpoly_scheme.ndb_seq_num 
_pdbx_nonpoly_scheme.pdb_seq_num 
_pdbx_nonpoly_scheme.auth_seq_num 
_pdbx_nonpoly_scheme.pdb_mon_id 
_pdbx_nonpoly_scheme.auth_mon_id 
_pdbx_nonpoly_scheme.pdb_strand_id 
_pdbx_nonpoly_scheme.pdb_ins_code 
B 2 K   1   201 1   K   K   A . 
C 2 K   1   202 2   K   K   A . 
D 2 K   1   203 3   K   K   A . 
E 2 K   1   204 4   K   K   A . 
F 3 GOL 1   205 1   GOL GOL A . 
G 3 GOL 1   206 2   GOL GOL A . 
H 3 GOL 1   207 3   GOL GOL A . 
I 3 GOL 1   208 4   GOL GOL A . 
J 3 GOL 1   209 5   GOL GOL A . 
K 3 GOL 1   210 6   GOL GOL A . 
L 4 HOH 1   301 66  HOH HOH A . 
L 4 HOH 2   302 139 HOH HOH A . 
L 4 HOH 3   303 73  HOH HOH A . 
L 4 HOH 4   304 34  HOH HOH A . 
L 4 HOH 5   305 36  HOH HOH A . 
L 4 HOH 6   306 70  HOH HOH A . 
L 4 HOH 7   307 111 HOH HOH A . 
L 4 HOH 8   308 97  HOH HOH A . 
L 4 HOH 9   309 27  HOH HOH A . 
L 4 HOH 10  310 96  HOH HOH A . 
L 4 HOH 11  311 117 HOH HOH A . 
L 4 HOH 12  312 110 HOH HOH A . 
L 4 HOH 13  313 142 HOH HOH A . 
L 4 HOH 14  314 140 HOH HOH A . 
L 4 HOH 15  315 135 HOH HOH A . 
L 4 HOH 16  316 71  HOH HOH A . 
L 4 HOH 17  317 5   HOH HOH A . 
L 4 HOH 18  318 35  HOH HOH A . 
L 4 HOH 19  319 86  HOH HOH A . 
L 4 HOH 20  320 25  HOH HOH A . 
L 4 HOH 21  321 94  HOH HOH A . 
L 4 HOH 22  322 28  HOH HOH A . 
L 4 HOH 23  323 29  HOH HOH A . 
L 4 HOH 24  324 32  HOH HOH A . 
L 4 HOH 25  325 59  HOH HOH A . 
L 4 HOH 26  326 48  HOH HOH A . 
L 4 HOH 27  327 7   HOH HOH A . 
L 4 HOH 28  328 50  HOH HOH A . 
L 4 HOH 29  329 39  HOH HOH A . 
L 4 HOH 30  330 144 HOH HOH A . 
L 4 HOH 31  331 137 HOH HOH A . 
L 4 HOH 32  332 26  HOH HOH A . 
L 4 HOH 33  333 17  HOH HOH A . 
L 4 HOH 34  334 133 HOH HOH A . 
L 4 HOH 35  335 149 HOH HOH A . 
L 4 HOH 36  336 138 HOH HOH A . 
L 4 HOH 37  337 75  HOH HOH A . 
L 4 HOH 38  338 103 HOH HOH A . 
L 4 HOH 39  339 31  HOH HOH A . 
L 4 HOH 40  340 123 HOH HOH A . 
L 4 HOH 41  341 47  HOH HOH A . 
L 4 HOH 42  342 38  HOH HOH A . 
L 4 HOH 43  343 145 HOH HOH A . 
L 4 HOH 44  344 53  HOH HOH A . 
L 4 HOH 45  345 121 HOH HOH A . 
L 4 HOH 46  346 8   HOH HOH A . 
L 4 HOH 47  347 9   HOH HOH A . 
L 4 HOH 48  348 69  HOH HOH A . 
L 4 HOH 49  349 55  HOH HOH A . 
L 4 HOH 50  350 16  HOH HOH A . 
L 4 HOH 51  351 2   HOH HOH A . 
L 4 HOH 52  352 46  HOH HOH A . 
L 4 HOH 53  353 4   HOH HOH A . 
L 4 HOH 54  354 119 HOH HOH A . 
L 4 HOH 55  355 65  HOH HOH A . 
L 4 HOH 56  356 37  HOH HOH A . 
L 4 HOH 57  357 63  HOH HOH A . 
L 4 HOH 58  358 74  HOH HOH A . 
L 4 HOH 59  359 79  HOH HOH A . 
L 4 HOH 60  360 18  HOH HOH A . 
L 4 HOH 61  361 92  HOH HOH A . 
L 4 HOH 62  362 19  HOH HOH A . 
L 4 HOH 63  363 76  HOH HOH A . 
L 4 HOH 64  364 14  HOH HOH A . 
L 4 HOH 65  365 54  HOH HOH A . 
L 4 HOH 66  366 44  HOH HOH A . 
L 4 HOH 67  367 23  HOH HOH A . 
L 4 HOH 68  368 49  HOH HOH A . 
L 4 HOH 69  369 6   HOH HOH A . 
L 4 HOH 70  370 85  HOH HOH A . 
L 4 HOH 71  371 13  HOH HOH A . 
L 4 HOH 72  372 141 HOH HOH A . 
L 4 HOH 73  373 62  HOH HOH A . 
L 4 HOH 74  374 148 HOH HOH A . 
L 4 HOH 75  375 45  HOH HOH A . 
L 4 HOH 76  376 20  HOH HOH A . 
L 4 HOH 77  377 56  HOH HOH A . 
L 4 HOH 78  378 127 HOH HOH A . 
L 4 HOH 79  379 30  HOH HOH A . 
L 4 HOH 80  380 3   HOH HOH A . 
L 4 HOH 81  381 22  HOH HOH A . 
L 4 HOH 82  382 40  HOH HOH A . 
L 4 HOH 83  383 1   HOH HOH A . 
L 4 HOH 84  384 33  HOH HOH A . 
L 4 HOH 85  385 10  HOH HOH A . 
L 4 HOH 86  386 41  HOH HOH A . 
L 4 HOH 87  387 68  HOH HOH A . 
L 4 HOH 88  388 72  HOH HOH A . 
L 4 HOH 89  389 116 HOH HOH A . 
L 4 HOH 90  390 58  HOH HOH A . 
L 4 HOH 91  391 115 HOH HOH A . 
L 4 HOH 92  392 78  HOH HOH A . 
L 4 HOH 93  393 12  HOH HOH A . 
L 4 HOH 94  394 136 HOH HOH A . 
L 4 HOH 95  395 109 HOH HOH A . 
L 4 HOH 96  396 120 HOH HOH A . 
L 4 HOH 97  397 83  HOH HOH A . 
L 4 HOH 98  398 146 HOH HOH A . 
L 4 HOH 99  399 64  HOH HOH A . 
L 4 HOH 100 400 114 HOH HOH A . 
L 4 HOH 101 401 61  HOH HOH A . 
L 4 HOH 102 402 98  HOH HOH A . 
L 4 HOH 103 403 42  HOH HOH A . 
L 4 HOH 104 404 134 HOH HOH A . 
L 4 HOH 105 405 24  HOH HOH A . 
L 4 HOH 106 406 57  HOH HOH A . 
L 4 HOH 107 407 91  HOH HOH A . 
L 4 HOH 108 408 132 HOH HOH A . 
L 4 HOH 109 409 60  HOH HOH A . 
L 4 HOH 110 410 81  HOH HOH A . 
L 4 HOH 111 411 112 HOH HOH A . 
L 4 HOH 112 412 129 HOH HOH A . 
L 4 HOH 113 413 102 HOH HOH A . 
L 4 HOH 114 414 131 HOH HOH A . 
L 4 HOH 115 415 11  HOH HOH A . 
L 4 HOH 116 416 113 HOH HOH A . 
L 4 HOH 117 417 124 HOH HOH A . 
L 4 HOH 118 418 43  HOH HOH A . 
L 4 HOH 119 419 93  HOH HOH A . 
L 4 HOH 120 420 118 HOH HOH A . 
L 4 HOH 121 421 95  HOH HOH A . 
L 4 HOH 122 422 105 HOH HOH A . 
L 4 HOH 123 423 128 HOH HOH A . 
L 4 HOH 124 424 106 HOH HOH A . 
L 4 HOH 125 425 101 HOH HOH A . 
L 4 HOH 126 426 143 HOH HOH A . 
L 4 HOH 127 427 90  HOH HOH A . 
L 4 HOH 128 428 147 HOH HOH A . 
L 4 HOH 129 429 100 HOH HOH A . 
L 4 HOH 130 430 84  HOH HOH A . 
L 4 HOH 131 431 88  HOH HOH A . 
L 4 HOH 132 432 89  HOH HOH A . 
L 4 HOH 133 433 51  HOH HOH A . 
L 4 HOH 134 434 15  HOH HOH A . 
L 4 HOH 135 435 80  HOH HOH A . 
L 4 HOH 136 436 125 HOH HOH A . 
L 4 HOH 137 437 150 HOH HOH A . 
L 4 HOH 138 438 82  HOH HOH A . 
L 4 HOH 139 439 77  HOH HOH A . 
L 4 HOH 140 440 67  HOH HOH A . 
L 4 HOH 141 441 107 HOH HOH A . 
L 4 HOH 142 442 52  HOH HOH A . 
L 4 HOH 143 443 122 HOH HOH A . 
L 4 HOH 144 444 130 HOH HOH A . 
L 4 HOH 145 445 151 HOH HOH A . 
L 4 HOH 146 446 87  HOH HOH A . 
L 4 HOH 147 447 108 HOH HOH A . 
L 4 HOH 148 448 21  HOH HOH A . 
L 4 HOH 149 449 104 HOH HOH A . 
L 4 HOH 150 450 126 HOH HOH A . 
L 4 HOH 151 451 99  HOH HOH A . 
# 
_pdbx_struct_assembly.id                   1 
_pdbx_struct_assembly.details              author_and_software_defined_assembly 
_pdbx_struct_assembly.method_details       PISA 
_pdbx_struct_assembly.oligomeric_details   monomeric 
_pdbx_struct_assembly.oligomeric_count     1 
# 
_pdbx_struct_assembly_gen.assembly_id       1 
_pdbx_struct_assembly_gen.oper_expression   1 
_pdbx_struct_assembly_gen.asym_id_list      A,B,C,D,E,F,G,H,I,J,K,L 
# 
loop_
_pdbx_struct_assembly_prop.biol_id 
_pdbx_struct_assembly_prop.type 
_pdbx_struct_assembly_prop.value 
_pdbx_struct_assembly_prop.details 
1 'ABSA (A^2)' 200  ? 
1 MORE         -1   ? 
1 'SSA (A^2)'  7470 ? 
# 
_pdbx_struct_oper_list.id                   1 
_pdbx_struct_oper_list.type                 'identity operation' 
_pdbx_struct_oper_list.name                 1_555 
_pdbx_struct_oper_list.symmetry_operation   x,y,z 
_pdbx_struct_oper_list.matrix[1][1]         1.0000000000 
_pdbx_struct_oper_list.matrix[1][2]         0.0000000000 
_pdbx_struct_oper_list.matrix[1][3]         0.0000000000 
_pdbx_struct_oper_list.vector[1]            0.0000000000 
_pdbx_struct_oper_list.matrix[2][1]         0.0000000000 
_pdbx_struct_oper_list.matrix[2][2]         1.0000000000 
_pdbx_struct_oper_list.matrix[2][3]         0.0000000000 
_pdbx_struct_oper_list.vector[2]            0.0000000000 
_pdbx_struct_oper_list.matrix[3][1]         0.0000000000 
_pdbx_struct_oper_list.matrix[3][2]         0.0000000000 
_pdbx_struct_oper_list.matrix[3][3]         1.0000000000 
_pdbx_struct_oper_list.vector[3]            0.0000000000 
# 
_pdbx_struct_special_symmetry.id              1 
_pdbx_struct_special_symmetry.PDB_model_num   1 
_pdbx_struct_special_symmetry.auth_asym_id    A 
_pdbx_struct_special_symmetry.auth_comp_id    HOH 
_pdbx_struct_special_symmetry.auth_seq_id     400 
_pdbx_struct_special_symmetry.PDB_ins_code    ? 
_pdbx_struct_special_symmetry.label_asym_id   L 
_pdbx_struct_special_symmetry.label_comp_id   HOH 
_pdbx_struct_special_symmetry.label_seq_id    . 
# 
loop_
_pdbx_struct_conn_angle.id 
_pdbx_struct_conn_angle.ptnr1_label_atom_id 
_pdbx_struct_conn_angle.ptnr1_label_alt_id 
_pdbx_struct_conn_angle.ptnr1_label_asym_id 
_pdbx_struct_conn_angle.ptnr1_label_comp_id 
_pdbx_struct_conn_angle.ptnr1_label_seq_id 
_pdbx_struct_conn_angle.ptnr1_auth_atom_id 
_pdbx_struct_conn_angle.ptnr1_auth_asym_id 
_pdbx_struct_conn_angle.ptnr1_auth_comp_id 
_pdbx_struct_conn_angle.ptnr1_auth_seq_id 
_pdbx_struct_conn_angle.ptnr1_PDB_ins_code 
_pdbx_struct_conn_angle.ptnr1_symmetry 
_pdbx_struct_conn_angle.ptnr2_label_atom_id 
_pdbx_struct_conn_angle.ptnr2_label_alt_id 
_pdbx_struct_conn_angle.ptnr2_label_asym_id 
_pdbx_struct_conn_angle.ptnr2_label_comp_id 
_pdbx_struct_conn_angle.ptnr2_label_seq_id 
_pdbx_struct_conn_angle.ptnr2_auth_atom_id 
_pdbx_struct_conn_angle.ptnr2_auth_asym_id 
_pdbx_struct_conn_angle.ptnr2_auth_comp_id 
_pdbx_struct_conn_angle.ptnr2_auth_seq_id 
_pdbx_struct_conn_angle.ptnr2_PDB_ins_code 
_pdbx_struct_conn_angle.ptnr2_symmetry 
_pdbx_struct_conn_angle.ptnr3_label_atom_id 
_pdbx_struct_conn_angle.ptnr3_label_alt_id 
_pdbx_struct_conn_angle.ptnr3_label_asym_id 
_pdbx_struct_conn_angle.ptnr3_label_comp_id 
_pdbx_struct_conn_angle.ptnr3_label_seq_id 
_pdbx_struct_conn_angle.ptnr3_auth_atom_id 
_pdbx_struct_conn_angle.ptnr3_auth_asym_id 
_pdbx_struct_conn_angle.ptnr3_auth_comp_id 
_pdbx_struct_conn_angle.ptnr3_auth_seq_id 
_pdbx_struct_conn_angle.ptnr3_PDB_ins_code 
_pdbx_struct_conn_angle.ptnr3_symmetry 
_pdbx_struct_conn_angle.value 
_pdbx_struct_conn_angle.value_esd 
1 O A A GLN 37 ? A GLN 645 ? 1_555 K ? E K . ? A K 204 ? 1_555 O   B A GLN 37 ? A GLN 645 ? 1_555 8.2   ? 
2 O A A GLN 37 ? A GLN 645 ? 1_555 K ? E K . ? A K 204 ? 1_555 O   ? A ASP 40 ? A ASP 648 ? 1_555 77.6  ? 
3 O B A GLN 37 ? A GLN 645 ? 1_555 K ? E K . ? A K 204 ? 1_555 O   ? A ASP 40 ? A ASP 648 ? 1_555 82.6  ? 
4 O A A GLN 37 ? A GLN 645 ? 1_555 K ? E K . ? A K 204 ? 1_555 OD1 ? A ASN 43 ? A ASN 651 ? 1_555 166.1 ? 
5 O B A GLN 37 ? A GLN 645 ? 1_555 K ? E K . ? A K 204 ? 1_555 OD1 ? A ASN 43 ? A ASN 651 ? 1_555 169.4 ? 
6 O ? A ASP 40 ? A ASP 648 ? 1_555 K ? E K . ? A K 204 ? 1_555 OD1 ? A ASN 43 ? A ASN 651 ? 1_555 88.5  ? 
# 
loop_
_pdbx_audit_revision_history.ordinal 
_pdbx_audit_revision_history.data_content_type 
_pdbx_audit_revision_history.major_revision 
_pdbx_audit_revision_history.minor_revision 
_pdbx_audit_revision_history.revision_date 
1 'Structure model' 1 0 2020-07-08 
2 'Structure model' 1 1 2022-02-09 
3 'Structure model' 1 2 2023-11-29 
# 
_pdbx_audit_revision_details.ordinal             1 
_pdbx_audit_revision_details.revision_ordinal    1 
_pdbx_audit_revision_details.data_content_type   'Structure model' 
_pdbx_audit_revision_details.provider            repository 
_pdbx_audit_revision_details.type                'Initial release' 
_pdbx_audit_revision_details.description         ? 
_pdbx_audit_revision_details.details             ? 
# 
loop_
_pdbx_audit_revision_group.ordinal 
_pdbx_audit_revision_group.revision_ordinal 
_pdbx_audit_revision_group.data_content_type 
_pdbx_audit_revision_group.group 
1 2 'Structure model' 'Database references'    
2 2 'Structure model' 'Derived calculations'   
3 2 'Structure model' 'Structure summary'      
4 3 'Structure model' 'Data collection'        
5 3 'Structure model' 'Derived calculations'   
6 3 'Structure model' 'Refinement description' 
# 
loop_
_pdbx_audit_revision_category.ordinal 
_pdbx_audit_revision_category.revision_ordinal 
_pdbx_audit_revision_category.data_content_type 
_pdbx_audit_revision_category.category 
1 2 'Structure model' citation                      
2 2 'Structure model' database_2                    
3 2 'Structure model' struct                        
4 2 'Structure model' struct_conn                   
5 3 'Structure model' atom_type                     
6 3 'Structure model' chem_comp_atom                
7 3 'Structure model' chem_comp_bond                
8 3 'Structure model' pdbx_initial_refinement_model 
# 
loop_
_pdbx_audit_revision_item.ordinal 
_pdbx_audit_revision_item.revision_ordinal 
_pdbx_audit_revision_item.data_content_type 
_pdbx_audit_revision_item.item 
1  2 'Structure model' '_citation.title'                      
2  2 'Structure model' '_database_2.pdbx_DOI'                 
3  2 'Structure model' '_database_2.pdbx_database_accession'  
4  2 'Structure model' '_struct.title'                        
5  2 'Structure model' '_struct_conn.pdbx_dist_value'         
6  2 'Structure model' '_struct_conn.pdbx_ptnr1_label_alt_id' 
7  2 'Structure model' '_struct_conn.pdbx_ptnr2_label_alt_id' 
8  2 'Structure model' '_struct_conn.ptnr1_auth_comp_id'      
9  2 'Structure model' '_struct_conn.ptnr1_auth_seq_id'       
10 2 'Structure model' '_struct_conn.ptnr1_label_asym_id'     
11 2 'Structure model' '_struct_conn.ptnr1_label_atom_id'     
12 2 'Structure model' '_struct_conn.ptnr1_label_comp_id'     
13 2 'Structure model' '_struct_conn.ptnr1_label_seq_id'      
14 2 'Structure model' '_struct_conn.ptnr1_symmetry'          
15 2 'Structure model' '_struct_conn.ptnr2_auth_comp_id'      
16 2 'Structure model' '_struct_conn.ptnr2_auth_seq_id'       
17 2 'Structure model' '_struct_conn.ptnr2_label_asym_id'     
18 2 'Structure model' '_struct_conn.ptnr2_label_atom_id'     
19 2 'Structure model' '_struct_conn.ptnr2_label_comp_id'     
20 2 'Structure model' '_struct_conn.ptnr2_label_seq_id'      
21 2 'Structure model' '_struct_conn.ptnr2_symmetry'          
22 3 'Structure model' '_atom_type.pdbx_N_electrons'          
23 3 'Structure model' '_atom_type.pdbx_scat_Z'               
# 
loop_
_software.citation_id 
_software.classification 
_software.compiler_name 
_software.compiler_version 
_software.contact_author 
_software.contact_author_email 
_software.date 
_software.description 
_software.dependencies 
_software.hardware 
_software.language 
_software.location 
_software.mods 
_software.name 
_software.os 
_software.os_version 
_software.type 
_software.version 
_software.pdbx_ordinal 
? refinement       ? ? ? ? ? ? ? ? ? ? ? REFMAC  ? ? ? 5.8.0258 1 
? 'data reduction' ? ? ? ? ? ? ? ? ? ? ? XDS     ? ? ? .        2 
? 'data scaling'   ? ? ? ? ? ? ? ? ? ? ? Aimless ? ? ? .        3 
? phasing          ? ? ? ? ? ? ? ? ? ? ? PHASER  ? ? ? .        4 
# 
_pdbx_entry_details.entry_id                 7C4I 
_pdbx_entry_details.has_ligand_of_interest   N 
_pdbx_entry_details.compound_details         ? 
_pdbx_entry_details.source_details           ? 
_pdbx_entry_details.nonpolymer_details       ? 
_pdbx_entry_details.sequence_details         ? 
# 
loop_
_pdbx_unobs_or_zero_occ_residues.id 
_pdbx_unobs_or_zero_occ_residues.PDB_model_num 
_pdbx_unobs_or_zero_occ_residues.polymer_flag 
_pdbx_unobs_or_zero_occ_residues.occupancy_flag 
_pdbx_unobs_or_zero_occ_residues.auth_asym_id 
_pdbx_unobs_or_zero_occ_residues.auth_comp_id 
_pdbx_unobs_or_zero_occ_residues.auth_seq_id 
_pdbx_unobs_or_zero_occ_residues.PDB_ins_code 
_pdbx_unobs_or_zero_occ_residues.label_asym_id 
_pdbx_unobs_or_zero_occ_residues.label_comp_id 
_pdbx_unobs_or_zero_occ_residues.label_seq_id 
1  1 Y 1 A MET 609 ? A MET 1  
2  1 Y 1 A GLY 610 ? A GLY 2  
3  1 Y 1 A GLY 611 ? A GLY 3  
4  1 Y 1 A SER 612 ? A SER 4  
5  1 Y 1 A HIS 613 ? A HIS 5  
6  1 Y 1 A HIS 614 ? A HIS 6  
7  1 Y 1 A HIS 615 ? A HIS 7  
8  1 Y 1 A HIS 616 ? A HIS 8  
9  1 Y 1 A HIS 617 ? A HIS 9  
10 1 Y 1 A HIS 618 ? A HIS 10 
11 1 Y 1 A GLU 619 ? A GLU 11 
12 1 Y 1 A ASN 620 ? A ASN 12 
13 1 Y 1 A LEU 621 ? A LEU 13 
14 1 Y 1 A TYR 622 ? A TYR 14 
15 1 Y 1 A PHE 623 ? A PHE 15 
16 1 Y 1 A GLN 624 ? A GLN 16 
# 
loop_
_chem_comp_atom.comp_id 
_chem_comp_atom.atom_id 
_chem_comp_atom.type_symbol 
_chem_comp_atom.pdbx_aromatic_flag 
_chem_comp_atom.pdbx_stereo_config 
_chem_comp_atom.pdbx_ordinal 
ALA N    N N N 1   
ALA CA   C N S 2   
ALA C    C N N 3   
ALA O    O N N 4   
ALA CB   C N N 5   
ALA OXT  O N N 6   
ALA H    H N N 7   
ALA H2   H N N 8   
ALA HA   H N N 9   
ALA HB1  H N N 10  
ALA HB2  H N N 11  
ALA HB3  H N N 12  
ALA HXT  H N N 13  
ARG N    N N N 14  
ARG CA   C N S 15  
ARG C    C N N 16  
ARG O    O N N 17  
ARG CB   C N N 18  
ARG CG   C N N 19  
ARG CD   C N N 20  
ARG NE   N N N 21  
ARG CZ   C N N 22  
ARG NH1  N N N 23  
ARG NH2  N N N 24  
ARG OXT  O N N 25  
ARG H    H N N 26  
ARG H2   H N N 27  
ARG HA   H N N 28  
ARG HB2  H N N 29  
ARG HB3  H N N 30  
ARG HG2  H N N 31  
ARG HG3  H N N 32  
ARG HD2  H N N 33  
ARG HD3  H N N 34  
ARG HE   H N N 35  
ARG HH11 H N N 36  
ARG HH12 H N N 37  
ARG HH21 H N N 38  
ARG HH22 H N N 39  
ARG HXT  H N N 40  
ASN N    N N N 41  
ASN CA   C N S 42  
ASN C    C N N 43  
ASN O    O N N 44  
ASN CB   C N N 45  
ASN CG   C N N 46  
ASN OD1  O N N 47  
ASN ND2  N N N 48  
ASN OXT  O N N 49  
ASN H    H N N 50  
ASN H2   H N N 51  
ASN HA   H N N 52  
ASN HB2  H N N 53  
ASN HB3  H N N 54  
ASN HD21 H N N 55  
ASN HD22 H N N 56  
ASN HXT  H N N 57  
ASP N    N N N 58  
ASP CA   C N S 59  
ASP C    C N N 60  
ASP O    O N N 61  
ASP CB   C N N 62  
ASP CG   C N N 63  
ASP OD1  O N N 64  
ASP OD2  O N N 65  
ASP OXT  O N N 66  
ASP H    H N N 67  
ASP H2   H N N 68  
ASP HA   H N N 69  
ASP HB2  H N N 70  
ASP HB3  H N N 71  
ASP HD2  H N N 72  
ASP HXT  H N N 73  
CYS N    N N N 74  
CYS CA   C N R 75  
CYS C    C N N 76  
CYS O    O N N 77  
CYS CB   C N N 78  
CYS SG   S N N 79  
CYS OXT  O N N 80  
CYS H    H N N 81  
CYS H2   H N N 82  
CYS HA   H N N 83  
CYS HB2  H N N 84  
CYS HB3  H N N 85  
CYS HG   H N N 86  
CYS HXT  H N N 87  
GLN N    N N N 88  
GLN CA   C N S 89  
GLN C    C N N 90  
GLN O    O N N 91  
GLN CB   C N N 92  
GLN CG   C N N 93  
GLN CD   C N N 94  
GLN OE1  O N N 95  
GLN NE2  N N N 96  
GLN OXT  O N N 97  
GLN H    H N N 98  
GLN H2   H N N 99  
GLN HA   H N N 100 
GLN HB2  H N N 101 
GLN HB3  H N N 102 
GLN HG2  H N N 103 
GLN HG3  H N N 104 
GLN HE21 H N N 105 
GLN HE22 H N N 106 
GLN HXT  H N N 107 
GLU N    N N N 108 
GLU CA   C N S 109 
GLU C    C N N 110 
GLU O    O N N 111 
GLU CB   C N N 112 
GLU CG   C N N 113 
GLU CD   C N N 114 
GLU OE1  O N N 115 
GLU OE2  O N N 116 
GLU OXT  O N N 117 
GLU H    H N N 118 
GLU H2   H N N 119 
GLU HA   H N N 120 
GLU HB2  H N N 121 
GLU HB3  H N N 122 
GLU HG2  H N N 123 
GLU HG3  H N N 124 
GLU HE2  H N N 125 
GLU HXT  H N N 126 
GLY N    N N N 127 
GLY CA   C N N 128 
GLY C    C N N 129 
GLY O    O N N 130 
GLY OXT  O N N 131 
GLY H    H N N 132 
GLY H2   H N N 133 
GLY HA2  H N N 134 
GLY HA3  H N N 135 
GLY HXT  H N N 136 
GOL C1   C N N 137 
GOL O1   O N N 138 
GOL C2   C N N 139 
GOL O2   O N N 140 
GOL C3   C N N 141 
GOL O3   O N N 142 
GOL H11  H N N 143 
GOL H12  H N N 144 
GOL HO1  H N N 145 
GOL H2   H N N 146 
GOL HO2  H N N 147 
GOL H31  H N N 148 
GOL H32  H N N 149 
GOL HO3  H N N 150 
HIS N    N N N 151 
HIS CA   C N S 152 
HIS C    C N N 153 
HIS O    O N N 154 
HIS CB   C N N 155 
HIS CG   C Y N 156 
HIS ND1  N Y N 157 
HIS CD2  C Y N 158 
HIS CE1  C Y N 159 
HIS NE2  N Y N 160 
HIS OXT  O N N 161 
HIS H    H N N 162 
HIS H2   H N N 163 
HIS HA   H N N 164 
HIS HB2  H N N 165 
HIS HB3  H N N 166 
HIS HD1  H N N 167 
HIS HD2  H N N 168 
HIS HE1  H N N 169 
HIS HE2  H N N 170 
HIS HXT  H N N 171 
HOH O    O N N 172 
HOH H1   H N N 173 
HOH H2   H N N 174 
ILE N    N N N 175 
ILE CA   C N S 176 
ILE C    C N N 177 
ILE O    O N N 178 
ILE CB   C N S 179 
ILE CG1  C N N 180 
ILE CG2  C N N 181 
ILE CD1  C N N 182 
ILE OXT  O N N 183 
ILE H    H N N 184 
ILE H2   H N N 185 
ILE HA   H N N 186 
ILE HB   H N N 187 
ILE HG12 H N N 188 
ILE HG13 H N N 189 
ILE HG21 H N N 190 
ILE HG22 H N N 191 
ILE HG23 H N N 192 
ILE HD11 H N N 193 
ILE HD12 H N N 194 
ILE HD13 H N N 195 
ILE HXT  H N N 196 
K   K    K N N 197 
LEU N    N N N 198 
LEU CA   C N S 199 
LEU C    C N N 200 
LEU O    O N N 201 
LEU CB   C N N 202 
LEU CG   C N N 203 
LEU CD1  C N N 204 
LEU CD2  C N N 205 
LEU OXT  O N N 206 
LEU H    H N N 207 
LEU H2   H N N 208 
LEU HA   H N N 209 
LEU HB2  H N N 210 
LEU HB3  H N N 211 
LEU HG   H N N 212 
LEU HD11 H N N 213 
LEU HD12 H N N 214 
LEU HD13 H N N 215 
LEU HD21 H N N 216 
LEU HD22 H N N 217 
LEU HD23 H N N 218 
LEU HXT  H N N 219 
LYS N    N N N 220 
LYS CA   C N S 221 
LYS C    C N N 222 
LYS O    O N N 223 
LYS CB   C N N 224 
LYS CG   C N N 225 
LYS CD   C N N 226 
LYS CE   C N N 227 
LYS NZ   N N N 228 
LYS OXT  O N N 229 
LYS H    H N N 230 
LYS H2   H N N 231 
LYS HA   H N N 232 
LYS HB2  H N N 233 
LYS HB3  H N N 234 
LYS HG2  H N N 235 
LYS HG3  H N N 236 
LYS HD2  H N N 237 
LYS HD3  H N N 238 
LYS HE2  H N N 239 
LYS HE3  H N N 240 
LYS HZ1  H N N 241 
LYS HZ2  H N N 242 
LYS HZ3  H N N 243 
LYS HXT  H N N 244 
MET N    N N N 245 
MET CA   C N S 246 
MET C    C N N 247 
MET O    O N N 248 
MET CB   C N N 249 
MET CG   C N N 250 
MET SD   S N N 251 
MET CE   C N N 252 
MET OXT  O N N 253 
MET H    H N N 254 
MET H2   H N N 255 
MET HA   H N N 256 
MET HB2  H N N 257 
MET HB3  H N N 258 
MET HG2  H N N 259 
MET HG3  H N N 260 
MET HE1  H N N 261 
MET HE2  H N N 262 
MET HE3  H N N 263 
MET HXT  H N N 264 
PHE N    N N N 265 
PHE CA   C N S 266 
PHE C    C N N 267 
PHE O    O N N 268 
PHE CB   C N N 269 
PHE CG   C Y N 270 
PHE CD1  C Y N 271 
PHE CD2  C Y N 272 
PHE CE1  C Y N 273 
PHE CE2  C Y N 274 
PHE CZ   C Y N 275 
PHE OXT  O N N 276 
PHE H    H N N 277 
PHE H2   H N N 278 
PHE HA   H N N 279 
PHE HB2  H N N 280 
PHE HB3  H N N 281 
PHE HD1  H N N 282 
PHE HD2  H N N 283 
PHE HE1  H N N 284 
PHE HE2  H N N 285 
PHE HZ   H N N 286 
PHE HXT  H N N 287 
PRO N    N N N 288 
PRO CA   C N S 289 
PRO C    C N N 290 
PRO O    O N N 291 
PRO CB   C N N 292 
PRO CG   C N N 293 
PRO CD   C N N 294 
PRO OXT  O N N 295 
PRO H    H N N 296 
PRO HA   H N N 297 
PRO HB2  H N N 298 
PRO HB3  H N N 299 
PRO HG2  H N N 300 
PRO HG3  H N N 301 
PRO HD2  H N N 302 
PRO HD3  H N N 303 
PRO HXT  H N N 304 
SER N    N N N 305 
SER CA   C N S 306 
SER C    C N N 307 
SER O    O N N 308 
SER CB   C N N 309 
SER OG   O N N 310 
SER OXT  O N N 311 
SER H    H N N 312 
SER H2   H N N 313 
SER HA   H N N 314 
SER HB2  H N N 315 
SER HB3  H N N 316 
SER HG   H N N 317 
SER HXT  H N N 318 
THR N    N N N 319 
THR CA   C N S 320 
THR C    C N N 321 
THR O    O N N 322 
THR CB   C N R 323 
THR OG1  O N N 324 
THR CG2  C N N 325 
THR OXT  O N N 326 
THR H    H N N 327 
THR H2   H N N 328 
THR HA   H N N 329 
THR HB   H N N 330 
THR HG1  H N N 331 
THR HG21 H N N 332 
THR HG22 H N N 333 
THR HG23 H N N 334 
THR HXT  H N N 335 
TYR N    N N N 336 
TYR CA   C N S 337 
TYR C    C N N 338 
TYR O    O N N 339 
TYR CB   C N N 340 
TYR CG   C Y N 341 
TYR CD1  C Y N 342 
TYR CD2  C Y N 343 
TYR CE1  C Y N 344 
TYR CE2  C Y N 345 
TYR CZ   C Y N 346 
TYR OH   O N N 347 
TYR OXT  O N N 348 
TYR H    H N N 349 
TYR H2   H N N 350 
TYR HA   H N N 351 
TYR HB2  H N N 352 
TYR HB3  H N N 353 
TYR HD1  H N N 354 
TYR HD2  H N N 355 
TYR HE1  H N N 356 
TYR HE2  H N N 357 
TYR HH   H N N 358 
TYR HXT  H N N 359 
VAL N    N N N 360 
VAL CA   C N S 361 
VAL C    C N N 362 
VAL O    O N N 363 
VAL CB   C N N 364 
VAL CG1  C N N 365 
VAL CG2  C N N 366 
VAL OXT  O N N 367 
VAL H    H N N 368 
VAL H2   H N N 369 
VAL HA   H N N 370 
VAL HB   H N N 371 
VAL HG11 H N N 372 
VAL HG12 H N N 373 
VAL HG13 H N N 374 
VAL HG21 H N N 375 
VAL HG22 H N N 376 
VAL HG23 H N N 377 
VAL HXT  H N N 378 
# 
loop_
_chem_comp_bond.comp_id 
_chem_comp_bond.atom_id_1 
_chem_comp_bond.atom_id_2 
_chem_comp_bond.value_order 
_chem_comp_bond.pdbx_aromatic_flag 
_chem_comp_bond.pdbx_stereo_config 
_chem_comp_bond.pdbx_ordinal 
ALA N   CA   sing N N 1   
ALA N   H    sing N N 2   
ALA N   H2   sing N N 3   
ALA CA  C    sing N N 4   
ALA CA  CB   sing N N 5   
ALA CA  HA   sing N N 6   
ALA C   O    doub N N 7   
ALA C   OXT  sing N N 8   
ALA CB  HB1  sing N N 9   
ALA CB  HB2  sing N N 10  
ALA CB  HB3  sing N N 11  
ALA OXT HXT  sing N N 12  
ARG N   CA   sing N N 13  
ARG N   H    sing N N 14  
ARG N   H2   sing N N 15  
ARG CA  C    sing N N 16  
ARG CA  CB   sing N N 17  
ARG CA  HA   sing N N 18  
ARG C   O    doub N N 19  
ARG C   OXT  sing N N 20  
ARG CB  CG   sing N N 21  
ARG CB  HB2  sing N N 22  
ARG CB  HB3  sing N N 23  
ARG CG  CD   sing N N 24  
ARG CG  HG2  sing N N 25  
ARG CG  HG3  sing N N 26  
ARG CD  NE   sing N N 27  
ARG CD  HD2  sing N N 28  
ARG CD  HD3  sing N N 29  
ARG NE  CZ   sing N N 30  
ARG NE  HE   sing N N 31  
ARG CZ  NH1  sing N N 32  
ARG CZ  NH2  doub N N 33  
ARG NH1 HH11 sing N N 34  
ARG NH1 HH12 sing N N 35  
ARG NH2 HH21 sing N N 36  
ARG NH2 HH22 sing N N 37  
ARG OXT HXT  sing N N 38  
ASN N   CA   sing N N 39  
ASN N   H    sing N N 40  
ASN N   H2   sing N N 41  
ASN CA  C    sing N N 42  
ASN CA  CB   sing N N 43  
ASN CA  HA   sing N N 44  
ASN C   O    doub N N 45  
ASN C   OXT  sing N N 46  
ASN CB  CG   sing N N 47  
ASN CB  HB2  sing N N 48  
ASN CB  HB3  sing N N 49  
ASN CG  OD1  doub N N 50  
ASN CG  ND2  sing N N 51  
ASN ND2 HD21 sing N N 52  
ASN ND2 HD22 sing N N 53  
ASN OXT HXT  sing N N 54  
ASP N   CA   sing N N 55  
ASP N   H    sing N N 56  
ASP N   H2   sing N N 57  
ASP CA  C    sing N N 58  
ASP CA  CB   sing N N 59  
ASP CA  HA   sing N N 60  
ASP C   O    doub N N 61  
ASP C   OXT  sing N N 62  
ASP CB  CG   sing N N 63  
ASP CB  HB2  sing N N 64  
ASP CB  HB3  sing N N 65  
ASP CG  OD1  doub N N 66  
ASP CG  OD2  sing N N 67  
ASP OD2 HD2  sing N N 68  
ASP OXT HXT  sing N N 69  
CYS N   CA   sing N N 70  
CYS N   H    sing N N 71  
CYS N   H2   sing N N 72  
CYS CA  C    sing N N 73  
CYS CA  CB   sing N N 74  
CYS CA  HA   sing N N 75  
CYS C   O    doub N N 76  
CYS C   OXT  sing N N 77  
CYS CB  SG   sing N N 78  
CYS CB  HB2  sing N N 79  
CYS CB  HB3  sing N N 80  
CYS SG  HG   sing N N 81  
CYS OXT HXT  sing N N 82  
GLN N   CA   sing N N 83  
GLN N   H    sing N N 84  
GLN N   H2   sing N N 85  
GLN CA  C    sing N N 86  
GLN CA  CB   sing N N 87  
GLN CA  HA   sing N N 88  
GLN C   O    doub N N 89  
GLN C   OXT  sing N N 90  
GLN CB  CG   sing N N 91  
GLN CB  HB2  sing N N 92  
GLN CB  HB3  sing N N 93  
GLN CG  CD   sing N N 94  
GLN CG  HG2  sing N N 95  
GLN CG  HG3  sing N N 96  
GLN CD  OE1  doub N N 97  
GLN CD  NE2  sing N N 98  
GLN NE2 HE21 sing N N 99  
GLN NE2 HE22 sing N N 100 
GLN OXT HXT  sing N N 101 
GLU N   CA   sing N N 102 
GLU N   H    sing N N 103 
GLU N   H2   sing N N 104 
GLU CA  C    sing N N 105 
GLU CA  CB   sing N N 106 
GLU CA  HA   sing N N 107 
GLU C   O    doub N N 108 
GLU C   OXT  sing N N 109 
GLU CB  CG   sing N N 110 
GLU CB  HB2  sing N N 111 
GLU CB  HB3  sing N N 112 
GLU CG  CD   sing N N 113 
GLU CG  HG2  sing N N 114 
GLU CG  HG3  sing N N 115 
GLU CD  OE1  doub N N 116 
GLU CD  OE2  sing N N 117 
GLU OE2 HE2  sing N N 118 
GLU OXT HXT  sing N N 119 
GLY N   CA   sing N N 120 
GLY N   H    sing N N 121 
GLY N   H2   sing N N 122 
GLY CA  C    sing N N 123 
GLY CA  HA2  sing N N 124 
GLY CA  HA3  sing N N 125 
GLY C   O    doub N N 126 
GLY C   OXT  sing N N 127 
GLY OXT HXT  sing N N 128 
GOL C1  O1   sing N N 129 
GOL C1  C2   sing N N 130 
GOL C1  H11  sing N N 131 
GOL C1  H12  sing N N 132 
GOL O1  HO1  sing N N 133 
GOL C2  O2   sing N N 134 
GOL C2  C3   sing N N 135 
GOL C2  H2   sing N N 136 
GOL O2  HO2  sing N N 137 
GOL C3  O3   sing N N 138 
GOL C3  H31  sing N N 139 
GOL C3  H32  sing N N 140 
GOL O3  HO3  sing N N 141 
HIS N   CA   sing N N 142 
HIS N   H    sing N N 143 
HIS N   H2   sing N N 144 
HIS CA  C    sing N N 145 
HIS CA  CB   sing N N 146 
HIS CA  HA   sing N N 147 
HIS C   O    doub N N 148 
HIS C   OXT  sing N N 149 
HIS CB  CG   sing N N 150 
HIS CB  HB2  sing N N 151 
HIS CB  HB3  sing N N 152 
HIS CG  ND1  sing Y N 153 
HIS CG  CD2  doub Y N 154 
HIS ND1 CE1  doub Y N 155 
HIS ND1 HD1  sing N N 156 
HIS CD2 NE2  sing Y N 157 
HIS CD2 HD2  sing N N 158 
HIS CE1 NE2  sing Y N 159 
HIS CE1 HE1  sing N N 160 
HIS NE2 HE2  sing N N 161 
HIS OXT HXT  sing N N 162 
HOH O   H1   sing N N 163 
HOH O   H2   sing N N 164 
ILE N   CA   sing N N 165 
ILE N   H    sing N N 166 
ILE N   H2   sing N N 167 
ILE CA  C    sing N N 168 
ILE CA  CB   sing N N 169 
ILE CA  HA   sing N N 170 
ILE C   O    doub N N 171 
ILE C   OXT  sing N N 172 
ILE CB  CG1  sing N N 173 
ILE CB  CG2  sing N N 174 
ILE CB  HB   sing N N 175 
ILE CG1 CD1  sing N N 176 
ILE CG1 HG12 sing N N 177 
ILE CG1 HG13 sing N N 178 
ILE CG2 HG21 sing N N 179 
ILE CG2 HG22 sing N N 180 
ILE CG2 HG23 sing N N 181 
ILE CD1 HD11 sing N N 182 
ILE CD1 HD12 sing N N 183 
ILE CD1 HD13 sing N N 184 
ILE OXT HXT  sing N N 185 
LEU N   CA   sing N N 186 
LEU N   H    sing N N 187 
LEU N   H2   sing N N 188 
LEU CA  C    sing N N 189 
LEU CA  CB   sing N N 190 
LEU CA  HA   sing N N 191 
LEU C   O    doub N N 192 
LEU C   OXT  sing N N 193 
LEU CB  CG   sing N N 194 
LEU CB  HB2  sing N N 195 
LEU CB  HB3  sing N N 196 
LEU CG  CD1  sing N N 197 
LEU CG  CD2  sing N N 198 
LEU CG  HG   sing N N 199 
LEU CD1 HD11 sing N N 200 
LEU CD1 HD12 sing N N 201 
LEU CD1 HD13 sing N N 202 
LEU CD2 HD21 sing N N 203 
LEU CD2 HD22 sing N N 204 
LEU CD2 HD23 sing N N 205 
LEU OXT HXT  sing N N 206 
LYS N   CA   sing N N 207 
LYS N   H    sing N N 208 
LYS N   H2   sing N N 209 
LYS CA  C    sing N N 210 
LYS CA  CB   sing N N 211 
LYS CA  HA   sing N N 212 
LYS C   O    doub N N 213 
LYS C   OXT  sing N N 214 
LYS CB  CG   sing N N 215 
LYS CB  HB2  sing N N 216 
LYS CB  HB3  sing N N 217 
LYS CG  CD   sing N N 218 
LYS CG  HG2  sing N N 219 
LYS CG  HG3  sing N N 220 
LYS CD  CE   sing N N 221 
LYS CD  HD2  sing N N 222 
LYS CD  HD3  sing N N 223 
LYS CE  NZ   sing N N 224 
LYS CE  HE2  sing N N 225 
LYS CE  HE3  sing N N 226 
LYS NZ  HZ1  sing N N 227 
LYS NZ  HZ2  sing N N 228 
LYS NZ  HZ3  sing N N 229 
LYS OXT HXT  sing N N 230 
MET N   CA   sing N N 231 
MET N   H    sing N N 232 
MET N   H2   sing N N 233 
MET CA  C    sing N N 234 
MET CA  CB   sing N N 235 
MET CA  HA   sing N N 236 
MET C   O    doub N N 237 
MET C   OXT  sing N N 238 
MET CB  CG   sing N N 239 
MET CB  HB2  sing N N 240 
MET CB  HB3  sing N N 241 
MET CG  SD   sing N N 242 
MET CG  HG2  sing N N 243 
MET CG  HG3  sing N N 244 
MET SD  CE   sing N N 245 
MET CE  HE1  sing N N 246 
MET CE  HE2  sing N N 247 
MET CE  HE3  sing N N 248 
MET OXT HXT  sing N N 249 
PHE N   CA   sing N N 250 
PHE N   H    sing N N 251 
PHE N   H2   sing N N 252 
PHE CA  C    sing N N 253 
PHE CA  CB   sing N N 254 
PHE CA  HA   sing N N 255 
PHE C   O    doub N N 256 
PHE C   OXT  sing N N 257 
PHE CB  CG   sing N N 258 
PHE CB  HB2  sing N N 259 
PHE CB  HB3  sing N N 260 
PHE CG  CD1  doub Y N 261 
PHE CG  CD2  sing Y N 262 
PHE CD1 CE1  sing Y N 263 
PHE CD1 HD1  sing N N 264 
PHE CD2 CE2  doub Y N 265 
PHE CD2 HD2  sing N N 266 
PHE CE1 CZ   doub Y N 267 
PHE CE1 HE1  sing N N 268 
PHE CE2 CZ   sing Y N 269 
PHE CE2 HE2  sing N N 270 
PHE CZ  HZ   sing N N 271 
PHE OXT HXT  sing N N 272 
PRO N   CA   sing N N 273 
PRO N   CD   sing N N 274 
PRO N   H    sing N N 275 
PRO CA  C    sing N N 276 
PRO CA  CB   sing N N 277 
PRO CA  HA   sing N N 278 
PRO C   O    doub N N 279 
PRO C   OXT  sing N N 280 
PRO CB  CG   sing N N 281 
PRO CB  HB2  sing N N 282 
PRO CB  HB3  sing N N 283 
PRO CG  CD   sing N N 284 
PRO CG  HG2  sing N N 285 
PRO CG  HG3  sing N N 286 
PRO CD  HD2  sing N N 287 
PRO CD  HD3  sing N N 288 
PRO OXT HXT  sing N N 289 
SER N   CA   sing N N 290 
SER N   H    sing N N 291 
SER N   H2   sing N N 292 
SER CA  C    sing N N 293 
SER CA  CB   sing N N 294 
SER CA  HA   sing N N 295 
SER C   O    doub N N 296 
SER C   OXT  sing N N 297 
SER CB  OG   sing N N 298 
SER CB  HB2  sing N N 299 
SER CB  HB3  sing N N 300 
SER OG  HG   sing N N 301 
SER OXT HXT  sing N N 302 
THR N   CA   sing N N 303 
THR N   H    sing N N 304 
THR N   H2   sing N N 305 
THR CA  C    sing N N 306 
THR CA  CB   sing N N 307 
THR CA  HA   sing N N 308 
THR C   O    doub N N 309 
THR C   OXT  sing N N 310 
THR CB  OG1  sing N N 311 
THR CB  CG2  sing N N 312 
THR CB  HB   sing N N 313 
THR OG1 HG1  sing N N 314 
THR CG2 HG21 sing N N 315 
THR CG2 HG22 sing N N 316 
THR CG2 HG23 sing N N 317 
THR OXT HXT  sing N N 318 
TYR N   CA   sing N N 319 
TYR N   H    sing N N 320 
TYR N   H2   sing N N 321 
TYR CA  C    sing N N 322 
TYR CA  CB   sing N N 323 
TYR CA  HA   sing N N 324 
TYR C   O    doub N N 325 
TYR C   OXT  sing N N 326 
TYR CB  CG   sing N N 327 
TYR CB  HB2  sing N N 328 
TYR CB  HB3  sing N N 329 
TYR CG  CD1  doub Y N 330 
TYR CG  CD2  sing Y N 331 
TYR CD1 CE1  sing Y N 332 
TYR CD1 HD1  sing N N 333 
TYR CD2 CE2  doub Y N 334 
TYR CD2 HD2  sing N N 335 
TYR CE1 CZ   doub Y N 336 
TYR CE1 HE1  sing N N 337 
TYR CE2 CZ   sing Y N 338 
TYR CE2 HE2  sing N N 339 
TYR CZ  OH   sing N N 340 
TYR OH  HH   sing N N 341 
TYR OXT HXT  sing N N 342 
VAL N   CA   sing N N 343 
VAL N   H    sing N N 344 
VAL N   H2   sing N N 345 
VAL CA  C    sing N N 346 
VAL CA  CB   sing N N 347 
VAL CA  HA   sing N N 348 
VAL C   O    doub N N 349 
VAL C   OXT  sing N N 350 
VAL CB  CG1  sing N N 351 
VAL CB  CG2  sing N N 352 
VAL CB  HB   sing N N 353 
VAL CG1 HG11 sing N N 354 
VAL CG1 HG12 sing N N 355 
VAL CG1 HG13 sing N N 356 
VAL CG2 HG21 sing N N 357 
VAL CG2 HG22 sing N N 358 
VAL CG2 HG23 sing N N 359 
VAL OXT HXT  sing N N 360 
# 
loop_
_pdbx_entity_nonpoly.entity_id 
_pdbx_entity_nonpoly.name 
_pdbx_entity_nonpoly.comp_id 
2 'POTASSIUM ION' K   
3 GLYCEROL        GOL 
4 water           HOH 
# 
_pdbx_initial_refinement_model.id               1 
_pdbx_initial_refinement_model.entity_id_list   ? 
_pdbx_initial_refinement_model.type             'experimental model' 
_pdbx_initial_refinement_model.source_name      PDB 
_pdbx_initial_refinement_model.accession_code   5EWC 
_pdbx_initial_refinement_model.details          ? 
# 
_pdbx_struct_assembly_auth_evidence.id                     1 
_pdbx_struct_assembly_auth_evidence.assembly_id            1 
_pdbx_struct_assembly_auth_evidence.experimental_support   'gel filtration' 
_pdbx_struct_assembly_auth_evidence.details                ? 
# 
